data_8OW9
#
_entry.id   8OW9
#
_cell.length_a   113.425
_cell.length_b   113.425
_cell.length_c   294.762
_cell.angle_alpha   90.000
_cell.angle_beta   90.000
_cell.angle_gamma   90.000
#
_symmetry.space_group_name_H-M   'I 4'
#
loop_
_entity.id
_entity.type
_entity.pdbx_description
1 polymer 'Putative novel MurNAc kinase'
2 non-polymer 'N-acetyl-beta-muramic acid'
#
_entity_poly.entity_id   1
_entity_poly.type   'polypeptide(L)'
_entity_poly.pdbx_seq_one_letter_code
;MAILIADSGSTKTHWNVLDQGRVIGEIFTKGMNPFFQTPEEMGREIERTLLPQLNSNRFCEVHFFGAGCIPEKVPVVRNV
LKGCLDVSSLIEVDTDMLAAAKASCGRSPGIVCIMGTGSNSCFYDGEKIAANVSPLGFILGDEGSGAVLGKLLIGDLLKN
QMGEELKEKFLRQYELTPANIIERVYRQPFPNRFLAGISPFLAENIEHPAIHSLVLNAFKSFLTRNVMQFDYTRYKAHFI
GSVAYYYKDILEEAAAATGIRTGTIVRNPMEGLRTYYSTVAKTVLEHHHHHH
;
_entity_poly.pdbx_strand_id   B,A,D,E,C,F
#
loop_
_chem_comp.id
_chem_comp.type
_chem_comp.name
_chem_comp.formula
AMU D-saccharide, beta linking 'N-acetyl-beta-muramic acid' 'C11 H19 N O8'
#
# COMPACT_ATOMS: atom_id res chain seq x y z
N ALA A 2 29.90 -31.06 18.04
CA ALA A 2 28.75 -30.72 18.89
C ALA A 2 27.97 -29.55 18.32
N ILE A 3 28.68 -28.50 17.95
CA ILE A 3 28.09 -27.32 17.34
C ILE A 3 28.65 -27.17 15.92
N LEU A 4 27.80 -26.73 15.00
CA LEU A 4 28.20 -26.41 13.64
C LEU A 4 27.82 -24.97 13.32
N ILE A 5 28.78 -24.20 12.81
CA ILE A 5 28.60 -22.79 12.51
C ILE A 5 28.80 -22.58 11.03
N ALA A 6 27.99 -21.69 10.44
CA ALA A 6 28.10 -21.39 9.03
C ALA A 6 27.85 -19.91 8.80
N ASP A 7 28.25 -19.47 7.60
CA ASP A 7 28.03 -18.09 7.16
C ASP A 7 27.99 -18.16 5.64
N SER A 8 26.79 -18.08 5.08
CA SER A 8 26.58 -18.32 3.67
C SER A 8 26.53 -16.99 2.95
N GLY A 9 27.59 -16.69 2.22
CA GLY A 9 27.52 -15.59 1.30
C GLY A 9 26.92 -16.05 0.00
N SER A 10 26.60 -15.05 -0.80
CA SER A 10 25.96 -15.26 -2.08
C SER A 10 26.83 -15.97 -3.10
N THR A 11 28.13 -15.96 -2.88
CA THR A 11 29.10 -16.63 -3.70
C THR A 11 29.76 -17.83 -3.05
N LYS A 12 29.88 -17.85 -1.73
CA LYS A 12 30.62 -18.88 -1.03
C LYS A 12 30.01 -19.08 0.34
N THR A 13 30.47 -20.12 1.02
CA THR A 13 30.02 -20.44 2.37
C THR A 13 31.16 -21.07 3.12
N HIS A 14 31.43 -20.57 4.32
CA HIS A 14 32.41 -21.17 5.22
C HIS A 14 31.69 -21.80 6.40
N TRP A 15 32.09 -23.00 6.76
CA TRP A 15 31.51 -23.75 7.85
C TRP A 15 32.57 -24.00 8.90
N ASN A 16 32.18 -23.91 10.16
CA ASN A 16 33.07 -24.14 11.28
C ASN A 16 32.44 -25.16 12.21
N VAL A 17 33.28 -26.03 12.78
CA VAL A 17 32.81 -27.03 13.73
C VAL A 17 33.55 -26.77 15.04
N LEU A 18 32.81 -26.43 16.07
CA LEU A 18 33.29 -26.10 17.39
C LEU A 18 32.88 -27.20 18.37
N ASP A 19 33.85 -27.74 19.10
CA ASP A 19 33.57 -28.73 20.13
C ASP A 19 34.33 -28.38 21.40
N GLN A 20 33.61 -28.23 22.50
CA GLN A 20 34.20 -27.84 23.78
C GLN A 20 34.97 -26.53 23.64
N GLY A 21 34.45 -25.64 22.79
CA GLY A 21 34.98 -24.30 22.63
C GLY A 21 36.16 -24.16 21.69
N ARG A 22 36.64 -25.23 21.07
CA ARG A 22 37.74 -25.14 20.12
C ARG A 22 37.24 -25.46 18.72
N VAL A 23 38.05 -25.10 17.73
CA VAL A 23 37.75 -25.40 16.34
C VAL A 23 38.37 -26.74 15.97
N ILE A 24 37.52 -27.74 15.73
CA ILE A 24 37.97 -29.07 15.31
C ILE A 24 37.81 -29.29 13.82
N GLY A 25 37.35 -28.29 13.07
CA GLY A 25 37.17 -28.42 11.64
C GLY A 25 36.67 -27.17 10.95
N GLU A 26 37.17 -26.91 9.74
CA GLU A 26 36.81 -25.74 8.95
C GLU A 26 36.51 -26.17 7.53
N ILE A 27 35.36 -25.74 7.01
CA ILE A 27 34.83 -26.19 5.72
C ILE A 27 34.53 -24.97 4.86
N PHE A 28 34.65 -25.16 3.54
CA PHE A 28 34.26 -24.17 2.55
C PHE A 28 33.23 -24.78 1.60
N THR A 29 32.26 -23.99 1.18
CA THR A 29 31.30 -24.41 0.18
C THR A 29 30.94 -23.23 -0.71
N LYS A 30 30.21 -23.51 -1.79
CA LYS A 30 29.72 -22.47 -2.67
C LYS A 30 28.64 -21.67 -1.95
N GLY A 31 28.24 -20.56 -2.57
CA GLY A 31 27.26 -19.69 -1.95
C GLY A 31 25.84 -20.23 -2.08
N MET A 32 25.06 -20.00 -1.02
CA MET A 32 23.67 -20.43 -0.98
C MET A 32 22.80 -19.21 -0.72
N ASN A 33 21.86 -18.96 -1.63
CA ASN A 33 20.86 -17.93 -1.45
C ASN A 33 19.54 -18.51 -1.97
N PRO A 34 18.53 -18.65 -1.11
CA PRO A 34 17.25 -19.21 -1.58
C PRO A 34 16.59 -18.43 -2.70
N PHE A 35 17.08 -17.24 -3.05
CA PHE A 35 16.58 -16.50 -4.20
C PHE A 35 17.37 -16.79 -5.46
N PHE A 36 18.45 -17.57 -5.36
CA PHE A 36 19.17 -18.07 -6.52
C PHE A 36 19.27 -19.60 -6.53
N GLN A 37 18.62 -20.28 -5.60
CA GLN A 37 18.75 -21.72 -5.46
C GLN A 37 17.44 -22.30 -4.93
N THR A 38 16.87 -23.24 -5.68
CA THR A 38 15.75 -24.02 -5.17
C THR A 38 16.25 -24.94 -4.07
N PRO A 39 15.35 -25.48 -3.24
CA PRO A 39 15.80 -26.39 -2.18
C PRO A 39 16.47 -27.65 -2.69
N GLU A 40 16.13 -28.13 -3.88
CA GLU A 40 16.84 -29.25 -4.47
C GLU A 40 18.30 -28.89 -4.72
N GLU A 41 18.52 -27.82 -5.50
CA GLU A 41 19.90 -27.38 -5.75
C GLU A 41 20.58 -27.08 -4.43
N MET A 42 19.90 -26.32 -3.56
CA MET A 42 20.44 -26.03 -2.24
C MET A 42 20.83 -27.32 -1.54
N GLY A 43 19.87 -28.24 -1.46
CA GLY A 43 20.05 -29.47 -0.71
C GLY A 43 20.99 -30.47 -1.36
N ARG A 44 20.87 -30.67 -2.68
CA ARG A 44 21.79 -31.59 -3.34
C ARG A 44 23.21 -31.08 -3.32
N GLU A 45 23.39 -29.76 -3.43
CA GLU A 45 24.69 -29.18 -3.17
C GLU A 45 25.12 -29.50 -1.73
N ILE A 46 24.21 -29.27 -0.78
CA ILE A 46 24.44 -29.55 0.64
C ILE A 46 24.86 -31.00 0.84
N GLU A 47 24.35 -31.91 0.01
CA GLU A 47 24.72 -33.31 0.10
C GLU A 47 26.21 -33.45 -0.17
N ARG A 48 26.65 -32.89 -1.28
CA ARG A 48 28.00 -32.85 -1.81
C ARG A 48 28.96 -32.03 -0.93
N THR A 49 28.46 -31.25 0.03
CA THR A 49 29.35 -30.31 0.72
C THR A 49 29.99 -30.65 2.05
N LEU A 50 29.16 -30.59 3.09
CA LEU A 50 29.65 -30.61 4.48
C LEU A 50 29.85 -32.03 4.91
N LEU A 51 28.86 -32.85 4.60
CA LEU A 51 28.84 -34.27 4.94
C LEU A 51 30.14 -34.95 4.54
N PRO A 52 30.72 -34.77 3.34
CA PRO A 52 31.93 -35.54 3.06
C PRO A 52 33.07 -35.21 3.99
N GLN A 53 33.25 -33.94 4.41
CA GLN A 53 34.42 -33.64 5.23
C GLN A 53 34.13 -33.64 6.74
N LEU A 54 33.07 -34.31 7.18
CA LEU A 54 32.72 -34.41 8.60
C LEU A 54 32.64 -35.87 9.01
N ASN A 55 33.60 -36.31 9.82
CA ASN A 55 33.59 -37.68 10.31
C ASN A 55 32.25 -38.03 10.99
N SER A 56 31.72 -37.14 11.83
CA SER A 56 30.41 -37.35 12.46
C SER A 56 29.42 -36.29 11.98
N ASN A 57 28.29 -36.75 11.43
CA ASN A 57 27.24 -35.90 10.88
C ASN A 57 26.18 -35.50 11.91
N ARG A 58 26.39 -35.84 13.17
CA ARG A 58 25.42 -35.56 14.23
C ARG A 58 25.95 -34.46 15.13
N PHE A 59 25.04 -33.62 15.62
CA PHE A 59 25.39 -32.49 16.48
C PHE A 59 24.33 -32.30 17.55
N CYS A 60 24.56 -31.32 18.41
CA CYS A 60 23.58 -30.88 19.39
C CYS A 60 23.01 -29.51 19.10
N GLU A 61 23.75 -28.66 18.38
CA GLU A 61 23.31 -27.33 18.01
C GLU A 61 23.84 -27.01 16.61
N VAL A 62 23.02 -26.32 15.82
CA VAL A 62 23.40 -25.92 14.46
C VAL A 62 22.89 -24.51 14.23
N HIS A 63 23.77 -23.62 13.76
CA HIS A 63 23.45 -22.21 13.55
C HIS A 63 23.90 -21.82 12.15
N PHE A 64 22.94 -21.54 11.28
CA PHE A 64 23.21 -21.26 9.87
C PHE A 64 22.75 -19.84 9.57
N PHE A 65 23.67 -19.01 9.07
CA PHE A 65 23.37 -17.63 8.71
C PHE A 65 23.73 -17.44 7.25
N GLY A 66 22.83 -16.86 6.47
CA GLY A 66 23.03 -16.78 5.04
C GLY A 66 22.21 -15.71 4.38
N ALA A 67 22.66 -15.30 3.21
CA ALA A 67 21.95 -14.29 2.43
C ALA A 67 20.70 -14.89 1.80
N GLY A 68 19.70 -14.04 1.58
CA GLY A 68 18.40 -14.49 1.14
C GLY A 68 17.55 -15.12 2.23
N CYS A 69 18.02 -15.14 3.47
CA CYS A 69 17.31 -15.79 4.57
C CYS A 69 16.32 -14.82 5.22
N ILE A 70 15.42 -14.30 4.39
CA ILE A 70 14.34 -13.45 4.87
C ILE A 70 13.38 -14.34 5.65
N PRO A 71 12.57 -13.80 6.58
CA PRO A 71 11.69 -14.67 7.38
C PRO A 71 10.81 -15.60 6.57
N GLU A 72 10.34 -15.14 5.40
CA GLU A 72 9.51 -15.97 4.53
C GLU A 72 10.25 -17.17 3.96
N LYS A 73 11.59 -17.11 3.88
CA LYS A 73 12.37 -18.21 3.35
C LYS A 73 13.19 -18.93 4.41
N VAL A 74 13.18 -18.44 5.65
CA VAL A 74 13.96 -19.10 6.71
C VAL A 74 13.48 -20.53 6.95
N PRO A 75 12.18 -20.83 7.10
CA PRO A 75 11.79 -22.23 7.31
C PRO A 75 12.15 -23.13 6.15
N VAL A 76 12.04 -22.62 4.93
CA VAL A 76 12.42 -23.39 3.74
C VAL A 76 13.86 -23.87 3.88
N VAL A 77 14.77 -22.96 4.21
CA VAL A 77 16.18 -23.30 4.31
C VAL A 77 16.44 -24.19 5.53
N ARG A 78 15.70 -23.99 6.61
CA ARG A 78 15.87 -24.83 7.80
C ARG A 78 15.46 -26.27 7.53
N ASN A 79 14.44 -26.49 6.70
CA ASN A 79 14.06 -27.84 6.32
C ASN A 79 15.07 -28.47 5.38
N VAL A 80 15.71 -27.66 4.54
CA VAL A 80 16.81 -28.17 3.71
C VAL A 80 17.92 -28.72 4.58
N LEU A 81 18.29 -27.98 5.62
CA LEU A 81 19.35 -28.42 6.51
C LEU A 81 18.92 -29.59 7.39
N LYS A 82 17.62 -29.72 7.68
CA LYS A 82 17.14 -30.83 8.49
C LYS A 82 17.27 -32.17 7.76
N GLY A 83 17.02 -32.18 6.46
CA GLY A 83 17.15 -33.40 5.68
C GLY A 83 18.57 -33.80 5.33
N CYS A 84 19.53 -33.29 6.09
CA CYS A 84 20.96 -33.55 5.94
C CYS A 84 21.78 -33.52 7.23
N LEU A 85 21.16 -33.18 8.34
CA LEU A 85 21.89 -33.06 9.58
C LEU A 85 21.10 -33.72 10.70
N ASP A 86 21.80 -33.96 11.81
CA ASP A 86 21.20 -34.50 13.03
C ASP A 86 21.60 -33.64 14.21
N VAL A 87 20.65 -32.87 14.74
CA VAL A 87 20.88 -31.94 15.84
C VAL A 87 19.87 -32.21 16.96
N SER A 88 20.35 -32.18 18.21
CA SER A 88 19.47 -32.56 19.32
C SER A 88 18.43 -31.49 19.60
N SER A 89 18.78 -30.21 19.42
CA SER A 89 17.85 -29.10 19.61
C SER A 89 17.43 -28.54 18.25
N LEU A 90 16.72 -27.42 18.28
CA LEU A 90 16.19 -26.82 17.06
C LEU A 90 17.29 -26.04 16.34
N ILE A 91 17.21 -26.05 15.01
CA ILE A 91 18.17 -25.33 14.18
C ILE A 91 17.79 -23.86 14.12
N GLU A 92 18.77 -23.00 14.37
CA GLU A 92 18.60 -21.57 14.14
C GLU A 92 19.00 -21.24 12.71
N VAL A 93 18.16 -20.45 12.03
CA VAL A 93 18.39 -19.98 10.67
C VAL A 93 18.07 -18.49 10.66
N ASP A 94 19.08 -17.68 10.33
CA ASP A 94 18.89 -16.23 10.24
C ASP A 94 19.76 -15.71 9.12
N THR A 95 19.91 -14.39 9.06
CA THR A 95 20.62 -13.76 7.95
C THR A 95 22.09 -13.54 8.31
N ASP A 96 22.88 -13.22 7.28
CA ASP A 96 24.30 -12.98 7.48
C ASP A 96 24.55 -11.73 8.32
N MET A 97 23.60 -10.79 8.34
CA MET A 97 23.77 -9.60 9.16
C MET A 97 23.92 -9.95 10.64
N LEU A 98 23.11 -10.89 11.13
CA LEU A 98 23.22 -11.27 12.54
C LEU A 98 24.54 -11.98 12.82
N ALA A 99 25.04 -12.75 11.85
CA ALA A 99 26.36 -13.35 12.02
C ALA A 99 27.43 -12.27 12.10
N ALA A 100 27.39 -11.31 11.18
CA ALA A 100 28.30 -10.17 11.23
C ALA A 100 28.20 -9.42 12.55
N ALA A 101 26.98 -9.24 13.05
CA ALA A 101 26.79 -8.48 14.28
C ALA A 101 27.31 -9.25 15.49
N LYS A 102 27.00 -10.55 15.57
CA LYS A 102 27.49 -11.36 16.67
C LYS A 102 29.01 -11.43 16.63
N ALA A 103 29.58 -11.46 15.43
CA ALA A 103 31.02 -11.47 15.25
C ALA A 103 31.66 -10.15 15.66
N SER A 104 31.13 -9.02 15.18
CA SER A 104 31.81 -7.75 15.44
C SER A 104 31.66 -7.32 16.90
N CYS A 105 30.42 -7.28 17.39
CA CYS A 105 30.09 -6.73 18.70
C CYS A 105 29.92 -7.78 19.79
N GLY A 106 29.64 -9.03 19.41
CA GLY A 106 29.44 -10.06 20.42
C GLY A 106 28.16 -9.88 21.20
N ARG A 107 28.25 -9.66 22.51
CA ARG A 107 27.07 -9.49 23.34
C ARG A 107 26.73 -8.03 23.59
N SER A 108 27.46 -7.11 23.00
CA SER A 108 27.28 -5.68 23.16
C SER A 108 26.54 -5.11 21.94
N PRO A 109 25.96 -3.93 22.05
CA PRO A 109 25.27 -3.33 20.90
C PRO A 109 26.20 -2.51 20.02
N GLY A 110 25.66 -2.12 18.87
CA GLY A 110 26.38 -1.29 17.94
C GLY A 110 25.82 -1.42 16.54
N ILE A 111 26.39 -0.62 15.63
CA ILE A 111 26.02 -0.64 14.22
C ILE A 111 26.94 -1.59 13.47
N VAL A 112 26.36 -2.34 12.53
CA VAL A 112 27.07 -3.37 11.77
C VAL A 112 26.63 -3.26 10.32
N CYS A 113 27.58 -3.28 9.40
CA CYS A 113 27.27 -3.25 7.97
C CYS A 113 28.11 -4.29 7.25
N ILE A 114 27.57 -4.80 6.14
CA ILE A 114 28.18 -5.86 5.35
C ILE A 114 28.43 -5.34 3.94
N MET A 115 29.65 -5.54 3.44
CA MET A 115 30.03 -5.17 2.08
C MET A 115 30.86 -6.30 1.50
N GLY A 116 30.21 -7.18 0.74
CA GLY A 116 30.90 -8.25 0.05
C GLY A 116 30.25 -8.50 -1.30
N THR A 117 29.77 -9.73 -1.52
CA THR A 117 28.95 -9.99 -2.71
C THR A 117 27.77 -9.04 -2.76
N GLY A 118 27.06 -8.93 -1.63
CA GLY A 118 26.01 -7.96 -1.47
C GLY A 118 26.31 -6.98 -0.35
N SER A 119 25.45 -5.99 -0.20
CA SER A 119 25.59 -4.98 0.85
C SER A 119 24.42 -5.02 1.78
N ASN A 120 24.60 -4.47 2.98
CA ASN A 120 23.56 -4.42 4.01
C ASN A 120 24.07 -3.60 5.20
N SER A 121 23.12 -3.12 6.02
CA SER A 121 23.40 -2.23 7.13
C SER A 121 22.37 -2.45 8.23
N CYS A 122 22.76 -2.21 9.49
CA CYS A 122 21.90 -2.58 10.61
C CYS A 122 22.37 -1.87 11.88
N PHE A 123 21.47 -1.88 12.87
CA PHE A 123 21.81 -1.61 14.26
C PHE A 123 21.49 -2.84 15.08
N TYR A 124 22.36 -3.17 16.04
CA TYR A 124 22.32 -4.47 16.70
C TYR A 124 22.33 -4.26 18.21
N ASP A 125 21.57 -5.11 18.91
CA ASP A 125 21.27 -4.89 20.33
C ASP A 125 22.27 -5.53 21.27
N GLY A 126 22.87 -6.65 20.89
CA GLY A 126 23.67 -7.43 21.80
C GLY A 126 23.27 -8.89 21.72
N GLU A 127 22.01 -9.12 21.35
CA GLU A 127 21.50 -10.46 21.11
C GLU A 127 20.73 -10.61 19.81
N LYS A 128 20.29 -9.50 19.20
CA LYS A 128 19.52 -9.58 17.96
C LYS A 128 19.58 -8.24 17.24
N ILE A 129 19.33 -8.28 15.93
CA ILE A 129 19.33 -7.09 15.10
C ILE A 129 18.05 -6.30 15.36
N ALA A 130 18.20 -5.05 15.80
CA ALA A 130 17.01 -4.26 16.14
C ALA A 130 16.41 -3.60 14.91
N ALA A 131 17.24 -2.97 14.09
CA ALA A 131 16.81 -2.30 12.88
C ALA A 131 17.68 -2.74 11.71
N ASN A 132 17.12 -2.63 10.50
CA ASN A 132 17.82 -3.12 9.33
C ASN A 132 17.24 -2.42 8.11
N VAL A 133 18.12 -2.06 7.18
CA VAL A 133 17.74 -1.59 5.84
C VAL A 133 17.78 -2.80 4.92
N SER A 134 16.61 -3.34 4.59
CA SER A 134 16.57 -4.48 3.68
C SER A 134 17.16 -4.10 2.33
N PRO A 135 18.25 -4.75 1.90
CA PRO A 135 19.03 -4.22 0.77
C PRO A 135 18.41 -4.47 -0.60
N LEU A 136 17.32 -5.23 -0.69
CA LEU A 136 16.57 -5.41 -1.93
C LEU A 136 17.33 -6.20 -2.99
N GLY A 137 18.61 -6.48 -2.77
CA GLY A 137 19.38 -7.29 -3.70
C GLY A 137 20.24 -6.44 -4.61
N PHE A 138 20.88 -7.12 -5.57
CA PHE A 138 21.84 -6.45 -6.45
C PHE A 138 21.19 -5.86 -7.68
N ILE A 139 19.87 -5.78 -7.70
CA ILE A 139 19.15 -5.13 -8.79
C ILE A 139 18.42 -3.89 -8.32
N LEU A 140 18.02 -3.83 -7.05
CA LEU A 140 17.27 -2.72 -6.48
C LEU A 140 18.06 -2.02 -5.39
N GLY A 141 19.24 -2.52 -5.05
CA GLY A 141 20.08 -1.94 -4.03
C GLY A 141 21.45 -2.59 -4.00
N ASP A 142 21.86 -3.10 -2.84
CA ASP A 142 23.16 -3.74 -2.64
C ASP A 142 24.31 -2.80 -3.00
N GLU A 143 24.04 -1.50 -2.92
CA GLU A 143 25.02 -0.48 -3.31
C GLU A 143 26.36 -0.67 -2.62
N GLY A 144 27.42 -0.54 -3.41
CA GLY A 144 28.79 -0.60 -2.91
C GLY A 144 29.41 -1.98 -2.82
N SER A 145 28.72 -3.01 -3.28
CA SER A 145 29.20 -4.38 -3.18
C SER A 145 29.67 -4.88 -4.53
N GLY A 146 30.57 -5.86 -4.50
CA GLY A 146 31.23 -6.34 -5.71
C GLY A 146 30.28 -6.63 -6.86
N ALA A 147 29.15 -7.27 -6.58
CA ALA A 147 28.18 -7.53 -7.64
C ALA A 147 27.66 -6.22 -8.24
N VAL A 148 27.37 -5.23 -7.40
CA VAL A 148 26.90 -3.94 -7.91
C VAL A 148 28.02 -3.19 -8.59
N LEU A 149 29.22 -3.22 -7.99
CA LEU A 149 30.40 -2.62 -8.63
C LEU A 149 30.60 -3.19 -10.02
N GLY A 150 30.49 -4.51 -10.15
CA GLY A 150 30.65 -5.12 -11.46
C GLY A 150 29.54 -4.74 -12.41
N LYS A 151 28.31 -4.69 -11.90
CA LYS A 151 27.18 -4.21 -12.69
C LYS A 151 27.45 -2.82 -13.26
N LEU A 152 27.77 -1.87 -12.39
CA LEU A 152 28.11 -0.52 -12.83
C LEU A 152 29.23 -0.53 -13.86
N LEU A 153 30.31 -1.25 -13.56
CA LEU A 153 31.51 -1.21 -14.41
C LEU A 153 31.20 -1.69 -15.82
N ILE A 154 30.54 -2.85 -15.95
CA ILE A 154 30.18 -3.35 -17.26
C ILE A 154 29.32 -2.33 -18.00
N GLY A 155 28.31 -1.80 -17.32
CA GLY A 155 27.44 -0.80 -17.94
C GLY A 155 28.22 0.40 -18.46
N ASP A 156 29.03 1.01 -17.59
CA ASP A 156 29.77 2.21 -17.98
C ASP A 156 30.72 1.91 -19.13
N LEU A 157 31.56 0.88 -18.99
CA LEU A 157 32.50 0.50 -20.04
C LEU A 157 31.82 0.37 -21.39
N LEU A 158 30.80 -0.49 -21.47
CA LEU A 158 30.19 -0.77 -22.77
C LEU A 158 29.29 0.35 -23.27
N LYS A 159 28.96 1.34 -22.44
CA LYS A 159 28.36 2.58 -22.92
C LYS A 159 29.41 3.60 -23.34
N ASN A 160 30.67 3.17 -23.48
CA ASN A 160 31.77 4.03 -23.94
C ASN A 160 31.98 5.22 -23.01
N GLN A 161 31.71 5.03 -21.72
CA GLN A 161 31.87 6.10 -20.74
C GLN A 161 33.27 6.17 -20.15
N MET A 162 34.12 5.18 -20.43
CA MET A 162 35.49 5.19 -19.94
C MET A 162 36.52 4.94 -21.05
N GLY A 163 36.11 5.04 -22.31
CA GLY A 163 37.01 4.86 -23.43
C GLY A 163 37.00 3.43 -23.95
N GLU A 164 37.85 3.20 -24.94
CA GLU A 164 38.04 1.88 -25.53
C GLU A 164 39.16 1.07 -24.88
N GLU A 165 40.19 1.75 -24.35
CA GLU A 165 41.35 1.05 -23.82
C GLU A 165 40.99 0.13 -22.65
N LEU A 166 40.33 0.69 -21.62
CA LEU A 166 39.92 -0.11 -20.48
C LEU A 166 38.85 -1.12 -20.86
N LYS A 167 37.91 -0.73 -21.72
CA LYS A 167 36.90 -1.66 -22.20
C LYS A 167 37.55 -2.87 -22.87
N GLU A 168 38.57 -2.63 -23.70
CA GLU A 168 39.23 -3.74 -24.37
C GLU A 168 40.06 -4.56 -23.40
N LYS A 169 40.77 -3.90 -22.49
CA LYS A 169 41.52 -4.65 -21.48
C LYS A 169 40.61 -5.51 -20.64
N PHE A 170 39.42 -4.98 -20.28
CA PHE A 170 38.47 -5.76 -19.50
C PHE A 170 37.94 -6.94 -20.29
N LEU A 171 37.49 -6.70 -21.52
CA LEU A 171 36.89 -7.78 -22.30
C LEU A 171 37.92 -8.80 -22.73
N ARG A 172 39.18 -8.39 -22.85
CA ARG A 172 40.25 -9.32 -23.20
C ARG A 172 40.79 -10.05 -21.99
N GLN A 173 40.76 -9.43 -20.82
CA GLN A 173 41.34 -10.05 -19.65
C GLN A 173 40.49 -11.22 -19.19
N TYR A 174 39.18 -11.14 -19.40
CA TYR A 174 38.28 -12.22 -19.06
C TYR A 174 37.78 -12.96 -20.29
N GLU A 175 38.28 -12.62 -21.48
CA GLU A 175 37.90 -13.27 -22.73
C GLU A 175 36.38 -13.38 -22.85
N LEU A 176 35.77 -12.21 -22.91
CA LEU A 176 34.31 -12.09 -22.94
C LEU A 176 33.94 -11.26 -24.16
N THR A 177 32.85 -11.66 -24.80
CA THR A 177 32.18 -10.87 -25.81
C THR A 177 30.90 -10.30 -25.23
N PRO A 178 30.33 -9.24 -25.84
CA PRO A 178 29.03 -8.72 -25.38
C PRO A 178 28.02 -9.79 -25.05
N ALA A 179 27.97 -10.84 -25.87
CA ALA A 179 27.01 -11.91 -25.64
C ALA A 179 27.29 -12.67 -24.35
N ASN A 180 28.57 -12.92 -24.03
CA ASN A 180 28.86 -13.60 -22.76
C ASN A 180 28.25 -12.86 -21.57
N ILE A 181 28.39 -11.53 -21.51
CA ILE A 181 27.84 -10.79 -20.38
C ILE A 181 26.35 -11.02 -20.24
N ILE A 182 25.59 -10.72 -21.30
CA ILE A 182 24.14 -10.77 -21.16
C ILE A 182 23.68 -12.19 -20.96
N GLU A 183 24.32 -13.16 -21.62
CA GLU A 183 23.97 -14.55 -21.36
C GLU A 183 24.28 -14.93 -19.91
N ARG A 184 25.45 -14.51 -19.43
CA ARG A 184 25.86 -14.87 -18.06
C ARG A 184 25.00 -14.16 -17.03
N VAL A 185 24.56 -12.93 -17.33
CA VAL A 185 23.80 -12.13 -16.38
C VAL A 185 22.30 -12.43 -16.45
N TYR A 186 21.76 -12.73 -17.64
CA TYR A 186 20.33 -12.85 -17.81
C TYR A 186 19.85 -14.29 -17.92
N ARG A 187 20.72 -15.22 -18.33
CA ARG A 187 20.30 -16.61 -18.52
C ARG A 187 21.17 -17.62 -17.79
N GLN A 188 22.20 -17.19 -17.08
CA GLN A 188 23.08 -18.18 -16.48
C GLN A 188 23.02 -18.07 -14.96
N PRO A 189 23.10 -19.20 -14.26
CA PRO A 189 22.93 -19.19 -12.80
C PRO A 189 23.92 -18.28 -12.10
N PHE A 190 23.46 -17.71 -10.98
CA PHE A 190 24.24 -16.81 -10.14
C PHE A 190 24.93 -15.71 -10.94
N PRO A 191 24.17 -14.80 -11.56
CA PRO A 191 24.83 -13.66 -12.23
C PRO A 191 25.52 -12.72 -11.26
N ASN A 192 25.08 -12.67 -10.00
CA ASN A 192 25.78 -11.87 -9.01
C ASN A 192 27.22 -12.36 -8.82
N ARG A 193 27.43 -13.67 -8.86
CA ARG A 193 28.78 -14.22 -8.86
C ARG A 193 29.56 -13.71 -10.06
N PHE A 194 28.94 -13.73 -11.24
CA PHE A 194 29.60 -13.26 -12.45
C PHE A 194 30.04 -11.81 -12.32
N LEU A 195 29.13 -10.95 -11.84
CA LEU A 195 29.45 -9.53 -11.70
C LEU A 195 30.51 -9.30 -10.63
N ALA A 196 30.32 -9.90 -9.46
CA ALA A 196 31.30 -9.73 -8.39
C ALA A 196 32.67 -10.30 -8.77
N GLY A 197 32.70 -11.27 -9.68
CA GLY A 197 33.97 -11.85 -10.10
C GLY A 197 34.71 -11.04 -11.14
N ILE A 198 33.98 -10.33 -12.02
CA ILE A 198 34.61 -9.41 -12.96
C ILE A 198 34.89 -8.04 -12.36
N SER A 199 34.37 -7.77 -11.16
CA SER A 199 34.53 -6.48 -10.49
C SER A 199 35.95 -6.16 -10.01
N PRO A 200 36.81 -7.13 -9.68
CA PRO A 200 38.18 -6.76 -9.24
C PRO A 200 38.99 -6.02 -10.29
N PHE A 201 38.52 -5.97 -11.55
CA PHE A 201 39.12 -5.09 -12.54
C PHE A 201 39.18 -3.64 -12.06
N LEU A 202 38.18 -3.22 -11.27
CA LEU A 202 38.21 -1.89 -10.67
C LEU A 202 39.44 -1.69 -9.80
N ALA A 203 39.66 -2.61 -8.86
CA ALA A 203 40.87 -2.55 -8.02
C ALA A 203 42.14 -2.56 -8.86
N GLU A 204 42.14 -3.31 -9.96
CA GLU A 204 43.32 -3.39 -10.81
C GLU A 204 43.68 -2.03 -11.39
N ASN A 205 42.68 -1.27 -11.85
CA ASN A 205 42.93 0.04 -12.41
C ASN A 205 42.34 1.16 -11.57
N ILE A 206 42.61 1.12 -10.26
CA ILE A 206 42.03 2.09 -9.35
C ILE A 206 42.70 3.46 -9.44
N GLU A 207 43.94 3.52 -9.94
CA GLU A 207 44.61 4.81 -10.08
C GLU A 207 43.95 5.73 -11.10
N HIS A 208 43.18 5.17 -12.03
CA HIS A 208 42.44 6.01 -12.97
C HIS A 208 41.34 6.76 -12.24
N PRO A 209 41.20 8.08 -12.46
CA PRO A 209 40.17 8.83 -11.75
C PRO A 209 38.76 8.32 -11.99
N ALA A 210 38.45 7.90 -13.22
CA ALA A 210 37.08 7.49 -13.54
C ALA A 210 36.70 6.22 -12.78
N ILE A 211 37.63 5.29 -12.63
CA ILE A 211 37.35 4.04 -11.93
C ILE A 211 37.31 4.27 -10.43
N HIS A 212 38.28 5.01 -9.91
CA HIS A 212 38.27 5.40 -8.50
C HIS A 212 36.98 6.14 -8.15
N SER A 213 36.49 6.98 -9.06
CA SER A 213 35.28 7.74 -8.79
C SER A 213 34.05 6.83 -8.82
N LEU A 214 34.02 5.85 -9.72
CA LEU A 214 32.93 4.88 -9.72
C LEU A 214 32.85 4.17 -8.38
N VAL A 215 33.97 3.65 -7.89
CA VAL A 215 34.00 2.96 -6.61
C VAL A 215 33.58 3.91 -5.49
N LEU A 216 34.13 5.13 -5.51
CA LEU A 216 33.83 6.10 -4.45
C LEU A 216 32.35 6.48 -4.46
N ASN A 217 31.77 6.71 -5.63
CA ASN A 217 30.37 7.10 -5.70
C ASN A 217 29.44 5.95 -5.35
N ALA A 218 29.84 4.72 -5.66
CA ALA A 218 29.07 3.56 -5.22
C ALA A 218 29.07 3.46 -3.69
N PHE A 219 30.25 3.61 -3.08
CA PHE A 219 30.33 3.66 -1.63
C PHE A 219 29.48 4.80 -1.06
N LYS A 220 29.53 5.96 -1.72
CA LYS A 220 28.71 7.11 -1.33
C LYS A 220 27.23 6.74 -1.29
N SER A 221 26.71 6.22 -2.41
CA SER A 221 25.28 5.89 -2.49
C SER A 221 24.89 4.87 -1.43
N PHE A 222 25.76 3.90 -1.13
CA PHE A 222 25.46 2.92 -0.10
C PHE A 222 25.27 3.60 1.24
N LEU A 223 26.30 4.34 1.69
CA LEU A 223 26.22 5.03 2.97
C LEU A 223 25.00 5.94 3.02
N THR A 224 24.73 6.66 1.92
CA THR A 224 23.64 7.61 1.91
C THR A 224 22.28 6.91 2.05
N ARG A 225 22.03 5.91 1.20
CA ARG A 225 20.73 5.24 1.17
C ARG A 225 20.56 4.15 2.24
N ASN A 226 21.62 3.78 2.96
CA ASN A 226 21.53 2.68 3.92
C ASN A 226 21.97 3.10 5.31
N VAL A 227 23.25 3.44 5.49
CA VAL A 227 23.78 3.66 6.83
C VAL A 227 23.24 4.95 7.43
N MET A 228 22.92 5.94 6.61
CA MET A 228 22.49 7.23 7.15
C MET A 228 21.16 7.13 7.89
N GLN A 229 20.42 6.04 7.70
CA GLN A 229 19.12 5.84 8.32
C GLN A 229 19.22 5.48 9.80
N PHE A 230 20.42 5.43 10.35
CA PHE A 230 20.65 5.12 11.76
C PHE A 230 21.37 6.31 12.41
N ASP A 231 21.58 6.19 13.73
CA ASP A 231 22.29 7.23 14.47
C ASP A 231 23.77 7.01 14.26
N TYR A 232 24.31 7.60 13.19
CA TYR A 232 25.71 7.40 12.82
C TYR A 232 26.61 8.45 13.44
N THR A 233 26.14 9.20 14.44
CA THR A 233 26.94 10.26 15.03
C THR A 233 27.55 9.89 16.37
N ARG A 234 27.08 8.81 17.00
CA ARG A 234 27.71 8.31 18.22
C ARG A 234 27.91 6.80 18.20
N TYR A 235 27.83 6.19 17.02
CA TYR A 235 28.01 4.74 16.87
C TYR A 235 29.09 4.46 15.85
N LYS A 236 30.05 3.62 16.24
CA LYS A 236 31.21 3.30 15.40
C LYS A 236 30.85 2.11 14.51
N ALA A 237 30.47 2.39 13.28
CA ALA A 237 29.97 1.37 12.35
C ALA A 237 30.97 0.23 12.17
N HIS A 238 30.65 -0.94 12.70
CA HIS A 238 31.46 -2.13 12.48
C HIS A 238 31.19 -2.65 11.08
N PHE A 239 32.18 -2.54 10.20
CA PHE A 239 32.05 -2.99 8.82
C PHE A 239 32.68 -4.37 8.66
N ILE A 240 31.97 -5.24 7.93
CA ILE A 240 32.39 -6.62 7.71
C ILE A 240 32.19 -6.92 6.24
N GLY A 241 33.19 -7.54 5.63
CA GLY A 241 33.04 -7.93 4.25
C GLY A 241 34.30 -7.79 3.43
N SER A 242 34.26 -8.37 2.21
CA SER A 242 35.44 -8.42 1.37
C SER A 242 35.68 -7.09 0.66
N VAL A 243 34.66 -6.54 0.00
CA VAL A 243 34.76 -5.21 -0.64
C VAL A 243 35.27 -4.17 0.36
N ALA A 244 34.72 -4.17 1.56
CA ALA A 244 35.11 -3.18 2.57
C ALA A 244 36.54 -3.35 3.05
N TYR A 245 37.12 -4.54 2.91
CA TYR A 245 38.48 -4.75 3.41
C TYR A 245 39.52 -4.30 2.39
N TYR A 246 39.35 -4.68 1.12
CA TYR A 246 40.36 -4.39 0.11
C TYR A 246 40.17 -3.01 -0.51
N TYR A 247 39.00 -2.39 -0.32
CA TYR A 247 38.76 -1.00 -0.67
C TYR A 247 38.70 -0.11 0.56
N LYS A 248 39.50 -0.44 1.59
CA LYS A 248 39.50 0.33 2.84
C LYS A 248 39.66 1.82 2.61
N ASP A 249 40.56 2.21 1.71
CA ASP A 249 40.86 3.63 1.57
C ASP A 249 39.72 4.39 0.90
N ILE A 250 39.12 3.80 -0.14
CA ILE A 250 37.99 4.45 -0.80
C ILE A 250 36.77 4.49 0.11
N LEU A 251 36.60 3.48 0.98
CA LEU A 251 35.50 3.52 1.93
C LEU A 251 35.68 4.62 2.96
N GLU A 252 36.91 4.76 3.47
CA GLU A 252 37.21 5.85 4.39
C GLU A 252 37.06 7.19 3.68
N GLU A 253 37.41 7.25 2.40
CA GLU A 253 37.17 8.45 1.61
C GLU A 253 35.68 8.81 1.63
N ALA A 254 34.84 7.90 1.15
CA ALA A 254 33.40 8.16 1.06
C ALA A 254 32.76 8.37 2.43
N ALA A 255 33.34 7.82 3.50
CA ALA A 255 32.79 8.00 4.84
C ALA A 255 33.06 9.40 5.38
N ALA A 256 34.30 9.88 5.24
CA ALA A 256 34.60 11.25 5.63
C ALA A 256 33.83 12.26 4.79
N ALA A 257 33.53 11.92 3.53
CA ALA A 257 32.74 12.83 2.70
C ALA A 257 31.34 13.02 3.28
N THR A 258 30.68 11.92 3.64
CA THR A 258 29.28 11.94 4.05
C THR A 258 29.10 11.87 5.56
N GLY A 259 30.17 11.99 6.33
CA GLY A 259 30.07 12.04 7.78
C GLY A 259 29.80 10.72 8.47
N ILE A 260 29.77 9.61 7.74
CA ILE A 260 29.54 8.30 8.36
C ILE A 260 30.75 7.91 9.20
N ARG A 261 30.50 7.43 10.41
CA ARG A 261 31.61 7.00 11.26
C ARG A 261 31.92 5.52 11.04
N THR A 262 33.14 5.13 11.44
CA THR A 262 33.62 3.77 11.27
C THR A 262 34.36 3.35 12.53
N GLY A 263 34.35 2.04 12.80
CA GLY A 263 35.09 1.49 13.90
C GLY A 263 36.12 0.48 13.43
N THR A 264 35.88 -0.80 13.71
CA THR A 264 36.73 -1.87 13.23
C THR A 264 36.17 -2.42 11.93
N ILE A 265 37.06 -2.73 10.99
CA ILE A 265 36.71 -3.22 9.66
C ILE A 265 37.47 -4.51 9.41
N VAL A 266 36.77 -5.64 9.46
CA VAL A 266 37.38 -6.93 9.17
C VAL A 266 36.68 -7.51 7.94
N ARG A 267 37.38 -8.44 7.29
CA ARG A 267 36.93 -9.04 6.04
C ARG A 267 36.02 -10.26 6.25
N ASN A 268 36.30 -11.09 7.25
CA ASN A 268 35.47 -12.26 7.47
C ASN A 268 35.01 -12.31 8.92
N PRO A 269 33.74 -12.64 9.16
CA PRO A 269 33.22 -12.69 10.53
C PRO A 269 33.53 -13.97 11.28
N MET A 270 34.22 -14.94 10.66
CA MET A 270 34.31 -16.27 11.24
C MET A 270 35.05 -16.26 12.57
N GLU A 271 36.17 -15.55 12.64
CA GLU A 271 36.94 -15.54 13.89
C GLU A 271 36.21 -14.79 14.98
N GLY A 272 35.41 -13.79 14.62
CA GLY A 272 34.58 -13.12 15.61
C GLY A 272 33.37 -13.94 16.01
N LEU A 273 32.89 -14.77 15.10
CA LEU A 273 31.76 -15.65 15.41
C LEU A 273 32.18 -16.73 16.40
N ARG A 274 33.34 -17.36 16.15
CA ARG A 274 33.85 -18.38 17.07
C ARG A 274 34.09 -17.82 18.47
N THR A 275 34.44 -16.52 18.57
CA THR A 275 34.61 -15.90 19.88
C THR A 275 33.26 -15.80 20.60
N TYR A 276 32.20 -15.51 19.85
CA TYR A 276 30.87 -15.37 20.44
C TYR A 276 30.38 -16.70 20.99
N TYR A 277 30.60 -17.80 20.28
CA TYR A 277 30.12 -19.12 20.69
C TYR A 277 31.20 -19.81 21.50
N SER A 278 30.96 -19.98 22.80
CA SER A 278 31.89 -20.70 23.66
C SER A 278 31.21 -21.09 24.97
N ALA B 2 1.37 -12.03 -50.06
CA ALA B 2 0.92 -12.59 -48.79
C ALA B 2 2.07 -12.71 -47.79
N ILE B 3 2.23 -11.67 -46.97
CA ILE B 3 3.38 -11.48 -46.08
C ILE B 3 2.89 -11.08 -44.69
N LEU B 4 3.59 -11.55 -43.66
CA LEU B 4 3.35 -11.19 -42.27
C LEU B 4 4.56 -10.58 -41.57
N ILE B 5 4.34 -9.42 -40.93
CA ILE B 5 5.34 -8.62 -40.23
C ILE B 5 4.92 -8.54 -38.78
N ALA B 6 5.89 -8.59 -37.86
CA ALA B 6 5.60 -8.51 -36.43
C ALA B 6 6.64 -7.70 -35.68
N ASP B 7 6.28 -7.33 -34.44
CA ASP B 7 7.17 -6.61 -33.53
C ASP B 7 6.79 -6.92 -32.08
N SER B 8 7.58 -7.82 -31.49
CA SER B 8 7.35 -8.40 -30.17
C SER B 8 8.26 -7.70 -29.19
N GLY B 9 7.71 -6.92 -28.33
CA GLY B 9 8.49 -6.43 -27.22
C GLY B 9 8.48 -7.47 -26.15
N SER B 10 9.35 -7.30 -25.16
CA SER B 10 9.50 -8.27 -24.09
C SER B 10 8.21 -8.40 -23.28
N THR B 11 7.28 -7.47 -23.45
CA THR B 11 5.99 -7.47 -22.77
C THR B 11 4.81 -7.85 -23.67
N LYS B 12 4.89 -7.61 -24.99
CA LYS B 12 3.76 -7.82 -25.89
C LYS B 12 4.20 -8.15 -27.31
N THR B 13 3.25 -8.59 -28.15
CA THR B 13 3.51 -8.92 -29.56
C THR B 13 2.30 -8.70 -30.47
N HIS B 14 2.47 -7.96 -31.55
CA HIS B 14 1.43 -7.81 -32.56
C HIS B 14 1.81 -8.45 -33.89
N TRP B 15 0.89 -9.19 -34.52
CA TRP B 15 1.17 -9.80 -35.82
C TRP B 15 0.18 -9.26 -36.85
N ASN B 16 0.68 -9.01 -38.06
CA ASN B 16 -0.10 -8.52 -39.18
C ASN B 16 0.13 -9.39 -40.41
N VAL B 17 -0.92 -9.62 -41.20
CA VAL B 17 -0.87 -10.38 -42.44
C VAL B 17 -1.33 -9.42 -43.52
N LEU B 18 -0.46 -9.10 -44.47
CA LEU B 18 -0.85 -8.11 -45.46
C LEU B 18 -1.05 -8.71 -46.84
N ASP B 19 -2.26 -8.52 -47.39
CA ASP B 19 -2.61 -8.86 -48.76
C ASP B 19 -3.47 -7.71 -49.27
N GLN B 20 -3.43 -7.46 -50.59
CA GLN B 20 -4.14 -6.41 -51.33
C GLN B 20 -3.91 -5.01 -50.79
N GLY B 21 -2.74 -4.75 -50.22
CA GLY B 21 -2.41 -3.40 -49.82
C GLY B 21 -3.13 -3.00 -48.53
N ARG B 22 -3.95 -3.90 -48.00
CA ARG B 22 -4.72 -3.76 -46.77
C ARG B 22 -4.25 -4.73 -45.70
N VAL B 23 -4.66 -4.42 -44.48
CA VAL B 23 -4.46 -5.28 -43.32
C VAL B 23 -5.71 -6.15 -43.26
N ILE B 24 -5.55 -7.46 -43.49
CA ILE B 24 -6.71 -8.35 -43.45
C ILE B 24 -6.86 -9.14 -42.16
N GLY B 25 -6.01 -8.94 -41.19
CA GLY B 25 -6.21 -9.66 -39.96
C GLY B 25 -5.15 -9.27 -38.96
N GLU B 26 -5.56 -9.12 -37.70
CA GLU B 26 -4.61 -8.74 -36.67
C GLU B 26 -4.79 -9.54 -35.40
N ILE B 27 -3.72 -10.14 -34.88
CA ILE B 27 -3.81 -10.99 -33.71
C ILE B 27 -2.74 -10.43 -32.76
N PHE B 28 -2.97 -10.54 -31.45
CA PHE B 28 -2.00 -10.17 -30.44
C PHE B 28 -1.65 -11.32 -29.51
N THR B 29 -0.38 -11.34 -29.07
CA THR B 29 0.09 -12.30 -28.09
C THR B 29 1.08 -11.62 -27.15
N LYS B 30 1.46 -12.34 -26.11
CA LYS B 30 2.44 -11.84 -25.15
C LYS B 30 3.85 -11.70 -25.74
N GLY B 31 4.70 -11.05 -24.94
CA GLY B 31 6.05 -10.75 -25.33
C GLY B 31 6.96 -11.96 -25.20
N MET B 32 7.89 -12.04 -26.14
CA MET B 32 8.86 -13.13 -26.19
C MET B 32 10.24 -12.49 -26.16
N ASN B 33 11.05 -12.88 -25.18
CA ASN B 33 12.44 -12.44 -25.15
C ASN B 33 13.28 -13.65 -24.77
N PRO B 34 14.19 -14.06 -25.66
CA PRO B 34 15.04 -15.22 -25.40
C PRO B 34 15.91 -15.15 -24.15
N PHE B 35 16.01 -14.00 -23.47
CA PHE B 35 16.73 -14.00 -22.21
C PHE B 35 15.85 -14.22 -20.98
N PHE B 36 14.52 -14.28 -21.11
CA PHE B 36 13.69 -14.69 -19.98
C PHE B 36 12.81 -15.89 -20.35
N GLN B 37 12.97 -16.41 -21.56
CA GLN B 37 12.16 -17.47 -22.15
C GLN B 37 13.07 -18.21 -23.10
N THR B 38 13.20 -19.53 -22.96
CA THR B 38 13.89 -20.18 -24.06
C THR B 38 13.01 -20.07 -25.31
N PRO B 39 13.60 -20.25 -26.49
CA PRO B 39 12.78 -20.15 -27.72
C PRO B 39 11.66 -21.18 -27.86
N GLU B 40 11.81 -22.37 -27.30
CA GLU B 40 10.72 -23.35 -27.28
C GLU B 40 9.53 -22.82 -26.48
N GLU B 41 9.77 -22.44 -25.21
CA GLU B 41 8.69 -21.90 -24.39
C GLU B 41 8.05 -20.71 -25.08
N MET B 42 8.86 -19.80 -25.62
CA MET B 42 8.34 -18.69 -26.40
C MET B 42 7.40 -19.34 -27.39
N GLY B 43 7.91 -20.38 -28.02
CA GLY B 43 7.23 -21.12 -29.07
C GLY B 43 6.03 -21.91 -28.57
N ARG B 44 6.10 -22.49 -27.37
CA ARG B 44 4.94 -23.27 -26.92
C ARG B 44 3.66 -22.42 -26.77
N GLU B 45 3.78 -21.14 -26.34
CA GLU B 45 2.70 -20.16 -26.45
C GLU B 45 2.30 -19.91 -27.96
N ILE B 46 3.30 -19.75 -28.85
CA ILE B 46 2.98 -19.44 -30.26
C ILE B 46 1.99 -20.45 -30.77
N GLU B 47 2.08 -21.69 -30.30
CA GLU B 47 1.06 -22.66 -30.68
C GLU B 47 -0.27 -22.17 -30.11
N ARG B 48 -0.30 -21.83 -28.81
CA ARG B 48 -1.52 -21.39 -28.13
C ARG B 48 -2.12 -20.08 -28.64
N THR B 49 -1.39 -19.20 -29.33
CA THR B 49 -2.10 -17.94 -29.58
C THR B 49 -2.66 -17.84 -31.00
N LEU B 50 -1.75 -17.61 -31.94
CA LEU B 50 -2.09 -17.18 -33.28
C LEU B 50 -2.44 -18.32 -34.22
N LEU B 51 -1.61 -19.37 -34.26
CA LEU B 51 -1.87 -20.51 -35.14
C LEU B 51 -3.28 -21.08 -35.06
N PRO B 52 -3.91 -21.29 -33.89
CA PRO B 52 -5.24 -21.92 -33.93
C PRO B 52 -6.20 -21.08 -34.78
N GLN B 53 -6.05 -19.76 -34.76
CA GLN B 53 -6.93 -18.85 -35.47
C GLN B 53 -6.37 -18.52 -36.85
N LEU B 54 -5.04 -18.60 -36.98
CA LEU B 54 -4.29 -18.34 -38.20
C LEU B 54 -4.85 -19.29 -39.24
N ASN B 55 -5.69 -18.79 -40.16
CA ASN B 55 -6.23 -19.65 -41.22
C ASN B 55 -5.18 -20.35 -42.08
N SER B 56 -4.18 -19.63 -42.59
CA SER B 56 -3.13 -20.29 -43.34
C SER B 56 -1.77 -20.08 -42.68
N ASN B 57 -1.08 -21.15 -42.32
CA ASN B 57 0.22 -20.80 -41.79
C ASN B 57 1.24 -20.88 -42.93
N ARG B 58 0.77 -21.14 -44.17
CA ARG B 58 1.63 -21.30 -45.35
C ARG B 58 1.43 -20.13 -46.32
N PHE B 59 2.36 -19.19 -46.32
CA PHE B 59 2.29 -18.02 -47.20
C PHE B 59 3.69 -17.66 -47.65
N CYS B 60 3.79 -16.48 -48.23
CA CYS B 60 5.06 -15.96 -48.72
CA CYS B 60 5.06 -15.96 -48.72
C CYS B 60 5.86 -15.36 -47.58
N GLU B 61 6.74 -14.42 -47.91
CA GLU B 61 7.69 -13.76 -47.03
C GLU B 61 7.22 -13.52 -45.59
N VAL B 62 8.13 -13.67 -44.62
CA VAL B 62 7.83 -13.45 -43.21
C VAL B 62 9.03 -12.73 -42.60
N HIS B 63 8.76 -11.62 -41.90
CA HIS B 63 9.77 -10.74 -41.33
C HIS B 63 9.44 -10.40 -39.87
N PHE B 64 10.27 -10.89 -38.94
CA PHE B 64 10.06 -10.81 -37.49
C PHE B 64 11.13 -9.97 -36.79
N PHE B 65 10.68 -8.94 -36.05
CA PHE B 65 11.55 -8.04 -35.30
C PHE B 65 11.17 -8.09 -33.82
N GLY B 66 12.16 -8.26 -32.93
CA GLY B 66 11.87 -8.44 -31.52
C GLY B 66 13.06 -8.12 -30.65
N ALA B 67 12.77 -7.80 -29.38
CA ALA B 67 13.82 -7.47 -28.41
C ALA B 67 14.58 -8.68 -27.86
N GLY B 68 15.84 -8.45 -27.49
CA GLY B 68 16.79 -9.46 -27.03
C GLY B 68 17.30 -10.34 -28.12
N CYS B 69 16.84 -10.06 -29.33
CA CYS B 69 17.15 -10.83 -30.53
C CYS B 69 18.41 -10.30 -31.23
N ILE B 70 19.48 -10.31 -30.43
CA ILE B 70 20.83 -9.97 -30.86
C ILE B 70 21.43 -11.00 -31.82
N PRO B 71 22.46 -10.62 -32.62
CA PRO B 71 22.99 -11.58 -33.62
C PRO B 71 23.34 -12.93 -33.03
N GLU B 72 23.81 -12.98 -31.80
CA GLU B 72 24.08 -14.27 -31.18
C GLU B 72 22.81 -15.08 -30.98
N LYS B 73 21.65 -14.42 -30.92
CA LYS B 73 20.36 -15.08 -30.71
C LYS B 73 19.44 -15.05 -31.93
N VAL B 74 19.82 -14.37 -33.03
CA VAL B 74 18.93 -14.34 -34.20
C VAL B 74 18.67 -15.71 -34.84
N PRO B 75 19.67 -16.56 -35.11
CA PRO B 75 19.34 -17.85 -35.76
C PRO B 75 18.47 -18.82 -34.98
N VAL B 76 18.64 -18.92 -33.66
CA VAL B 76 17.79 -19.79 -32.86
C VAL B 76 16.33 -19.44 -33.05
N VAL B 77 16.01 -18.15 -32.92
CA VAL B 77 14.63 -17.72 -33.02
C VAL B 77 14.17 -17.87 -34.45
N ARG B 78 15.08 -17.67 -35.39
CA ARG B 78 14.77 -17.78 -36.81
C ARG B 78 14.36 -19.20 -37.23
N ASN B 79 14.99 -20.23 -36.67
CA ASN B 79 14.57 -21.62 -36.90
C ASN B 79 13.30 -22.00 -36.16
N VAL B 80 13.09 -21.43 -34.98
CA VAL B 80 11.83 -21.66 -34.28
C VAL B 80 10.66 -21.20 -35.14
N LEU B 81 10.76 -20.01 -35.74
CA LEU B 81 9.61 -19.70 -36.55
C LEU B 81 9.61 -20.57 -37.82
N LYS B 82 10.76 -21.03 -38.28
CA LYS B 82 10.80 -21.87 -39.49
C LYS B 82 10.21 -23.26 -39.28
N GLY B 83 10.40 -23.88 -38.12
CA GLY B 83 9.84 -25.22 -37.95
C GLY B 83 8.37 -25.48 -37.71
N CYS B 84 7.54 -24.51 -38.07
CA CYS B 84 6.08 -24.61 -37.94
C CYS B 84 5.57 -23.75 -39.08
N LEU B 85 6.14 -22.56 -39.19
CA LEU B 85 5.68 -21.62 -40.19
C LEU B 85 6.12 -22.14 -41.55
N ASP B 86 5.48 -21.66 -42.60
CA ASP B 86 5.85 -21.94 -43.98
C ASP B 86 5.91 -20.63 -44.76
N VAL B 87 7.11 -20.19 -45.14
CA VAL B 87 7.29 -18.92 -45.82
C VAL B 87 8.03 -19.16 -47.13
N SER B 88 7.55 -18.52 -48.21
CA SER B 88 8.09 -18.78 -49.54
C SER B 88 9.48 -18.20 -49.79
N SER B 89 9.78 -17.03 -49.22
CA SER B 89 11.09 -16.41 -49.39
C SER B 89 11.92 -16.51 -48.11
N LEU B 90 13.05 -15.82 -48.11
CA LEU B 90 14.01 -15.89 -47.03
C LEU B 90 13.56 -15.04 -45.83
N ILE B 91 13.95 -15.50 -44.65
CA ILE B 91 13.61 -14.89 -43.35
C ILE B 91 14.44 -13.67 -42.94
N GLU B 92 13.75 -12.57 -42.61
CA GLU B 92 14.37 -11.42 -41.94
C GLU B 92 14.18 -11.56 -40.42
N VAL B 93 15.24 -11.36 -39.64
CA VAL B 93 15.11 -11.39 -38.18
C VAL B 93 15.89 -10.21 -37.62
N ASP B 94 15.22 -9.30 -36.92
CA ASP B 94 15.95 -8.17 -36.33
C ASP B 94 15.34 -7.77 -34.99
N THR B 95 15.78 -6.62 -34.49
CA THR B 95 15.43 -6.05 -33.21
C THR B 95 14.27 -5.08 -33.38
N ASP B 96 13.68 -4.68 -32.26
CA ASP B 96 12.57 -3.73 -32.32
C ASP B 96 13.02 -2.36 -32.85
N MET B 97 14.31 -2.04 -32.72
CA MET B 97 14.84 -0.79 -33.24
C MET B 97 14.65 -0.64 -34.74
N LEU B 98 14.91 -1.71 -35.51
CA LEU B 98 14.74 -1.57 -36.96
C LEU B 98 13.28 -1.40 -37.36
N ALA B 99 12.36 -2.02 -36.64
CA ALA B 99 10.94 -1.77 -36.90
C ALA B 99 10.60 -0.33 -36.61
N ALA B 100 11.04 0.17 -35.44
CA ALA B 100 10.85 1.57 -35.09
C ALA B 100 11.47 2.49 -36.14
N ALA B 101 12.65 2.13 -36.64
CA ALA B 101 13.33 3.00 -37.61
C ALA B 101 12.60 2.99 -38.95
N LYS B 102 12.20 1.80 -39.43
CA LYS B 102 11.47 1.73 -40.69
C LYS B 102 10.12 2.44 -40.57
N ALA B 103 9.49 2.35 -39.41
CA ALA B 103 8.24 3.06 -39.19
C ALA B 103 8.48 4.56 -39.14
N SER B 104 9.47 4.99 -38.33
CA SER B 104 9.70 6.42 -38.15
C SER B 104 10.32 7.02 -39.40
N CYS B 105 11.39 6.42 -39.91
CA CYS B 105 12.16 7.03 -40.97
C CYS B 105 11.82 6.52 -42.37
N GLY B 106 11.26 5.31 -42.47
CA GLY B 106 10.92 4.76 -43.77
C GLY B 106 12.21 4.48 -44.50
N ARG B 107 12.39 5.12 -45.65
CA ARG B 107 13.60 4.96 -46.44
C ARG B 107 14.58 6.10 -46.22
N SER B 108 14.25 7.05 -45.33
CA SER B 108 15.06 8.22 -45.05
C SER B 108 15.80 8.04 -43.74
N PRO B 109 16.84 8.82 -43.49
CA PRO B 109 17.58 8.73 -42.23
C PRO B 109 17.04 9.63 -41.11
N GLY B 110 17.60 9.41 -39.92
CA GLY B 110 17.31 10.17 -38.73
C GLY B 110 17.67 9.37 -37.50
N ILE B 111 17.54 10.02 -36.35
CA ILE B 111 17.79 9.37 -35.06
C ILE B 111 16.47 8.82 -34.58
N VAL B 112 16.51 7.63 -33.98
CA VAL B 112 15.31 6.91 -33.58
C VAL B 112 15.59 6.37 -32.19
N CYS B 113 14.66 6.57 -31.26
CA CYS B 113 14.84 6.03 -29.92
C CYS B 113 13.57 5.34 -29.45
N ILE B 114 13.74 4.33 -28.60
CA ILE B 114 12.65 3.52 -28.09
C ILE B 114 12.59 3.68 -26.58
N MET B 115 11.39 3.95 -26.05
CA MET B 115 11.22 4.07 -24.61
C MET B 115 9.93 3.38 -24.19
N GLY B 116 10.06 2.13 -23.74
CA GLY B 116 8.93 1.41 -23.21
C GLY B 116 9.40 0.52 -22.08
N THR B 117 9.18 -0.78 -22.23
CA THR B 117 9.77 -1.76 -21.32
C THR B 117 11.28 -1.63 -21.26
N GLY B 118 11.94 -1.54 -22.43
CA GLY B 118 13.36 -1.29 -22.50
C GLY B 118 13.73 -0.01 -23.23
N SER B 119 15.03 0.27 -23.23
CA SER B 119 15.65 1.42 -23.87
C SER B 119 16.62 0.93 -24.94
N ASN B 120 16.96 1.83 -25.87
CA ASN B 120 17.87 1.56 -26.98
C ASN B 120 18.10 2.84 -27.75
N SER B 121 19.20 2.88 -28.51
CA SER B 121 19.53 4.12 -29.21
C SER B 121 20.26 3.80 -30.50
N CYS B 122 20.03 4.63 -31.52
CA CYS B 122 20.57 4.34 -32.84
C CYS B 122 20.47 5.59 -33.72
N PHE B 123 21.23 5.57 -34.81
CA PHE B 123 21.02 6.43 -35.95
C PHE B 123 20.79 5.51 -37.15
N TYR B 124 19.86 5.85 -38.04
CA TYR B 124 19.37 4.92 -39.05
C TYR B 124 19.45 5.55 -40.43
N ASP B 125 19.83 4.75 -41.42
CA ASP B 125 20.18 5.26 -42.74
C ASP B 125 18.98 5.32 -43.69
N GLY B 126 18.28 4.20 -43.84
CA GLY B 126 17.22 4.07 -44.83
C GLY B 126 16.94 2.63 -45.20
N GLU B 127 17.69 1.69 -44.61
CA GLU B 127 17.45 0.27 -44.86
C GLU B 127 17.85 -0.58 -43.67
N LYS B 128 18.69 -0.04 -42.79
CA LYS B 128 19.17 -0.75 -41.61
C LYS B 128 19.93 0.23 -40.74
N ILE B 129 20.05 -0.16 -39.47
CA ILE B 129 20.72 0.62 -38.44
C ILE B 129 22.24 0.60 -38.60
N ALA B 130 22.83 1.80 -38.77
CA ALA B 130 24.26 1.92 -38.98
C ALA B 130 25.00 1.89 -37.65
N ALA B 131 24.56 2.68 -36.67
CA ALA B 131 25.18 2.71 -35.36
C ALA B 131 24.11 2.53 -34.29
N ASN B 132 24.53 2.00 -33.15
CA ASN B 132 23.58 1.69 -32.08
C ASN B 132 24.30 1.58 -30.75
N VAL B 133 23.71 2.10 -29.68
CA VAL B 133 24.19 1.78 -28.35
C VAL B 133 23.29 0.64 -27.87
N SER B 134 23.77 -0.60 -27.97
CA SER B 134 23.06 -1.78 -27.50
C SER B 134 22.85 -1.69 -26.00
N PRO B 135 21.61 -1.70 -25.52
CA PRO B 135 21.30 -1.29 -24.13
C PRO B 135 21.63 -2.31 -23.03
N LEU B 136 22.07 -3.53 -23.33
CA LEU B 136 22.52 -4.47 -22.31
C LEU B 136 21.41 -4.97 -21.38
N GLY B 137 20.20 -4.41 -21.47
CA GLY B 137 19.07 -4.88 -20.70
C GLY B 137 18.81 -4.01 -19.48
N PHE B 138 17.85 -4.45 -18.68
CA PHE B 138 17.40 -3.65 -17.54
C PHE B 138 18.20 -3.92 -16.28
N ILE B 139 19.33 -4.61 -16.38
CA ILE B 139 20.16 -4.84 -15.21
C ILE B 139 21.52 -4.14 -15.33
N LEU B 140 22.02 -3.95 -16.55
CA LEU B 140 23.30 -3.33 -16.81
C LEU B 140 23.15 -2.03 -17.59
N GLY B 141 21.92 -1.67 -17.98
CA GLY B 141 21.65 -0.47 -18.73
C GLY B 141 20.16 -0.21 -18.84
N ASP B 142 19.64 -0.08 -20.05
CA ASP B 142 18.22 0.22 -20.30
C ASP B 142 17.77 1.51 -19.64
N GLU B 143 18.71 2.43 -19.40
CA GLU B 143 18.40 3.68 -18.71
C GLU B 143 17.22 4.37 -19.38
N GLY B 144 16.30 4.86 -18.56
CA GLY B 144 15.17 5.61 -19.11
C GLY B 144 13.99 4.75 -19.51
N SER B 145 14.03 3.46 -19.24
CA SER B 145 13.00 2.51 -19.65
C SER B 145 12.13 2.11 -18.48
N GLY B 146 10.90 1.71 -18.81
CA GLY B 146 9.91 1.41 -17.78
C GLY B 146 10.44 0.48 -16.70
N ALA B 147 11.16 -0.56 -17.11
CA ALA B 147 11.76 -1.46 -16.13
C ALA B 147 12.76 -0.73 -15.26
N VAL B 148 13.59 0.14 -15.86
CA VAL B 148 14.58 0.88 -15.05
C VAL B 148 13.90 1.95 -14.19
N LEU B 149 12.93 2.68 -14.74
CA LEU B 149 12.12 3.61 -13.99
C LEU B 149 11.48 2.88 -12.79
N GLY B 150 10.94 1.70 -13.06
CA GLY B 150 10.34 0.92 -12.00
C GLY B 150 11.37 0.43 -11.00
N LYS B 151 12.54 0.00 -11.50
CA LYS B 151 13.65 -0.37 -10.64
C LYS B 151 14.04 0.74 -9.66
N LEU B 152 14.36 1.92 -10.21
CA LEU B 152 14.71 3.08 -9.39
C LEU B 152 13.65 3.42 -8.35
N LEU B 153 12.38 3.53 -8.79
CA LEU B 153 11.34 4.01 -7.89
C LEU B 153 11.22 3.08 -6.68
N ILE B 154 11.11 1.76 -6.92
CA ILE B 154 11.03 0.78 -5.84
C ILE B 154 12.24 0.86 -4.93
N GLY B 155 13.44 0.89 -5.52
CA GLY B 155 14.65 0.96 -4.72
C GLY B 155 14.63 2.14 -3.78
N ASP B 156 14.37 3.32 -4.32
CA ASP B 156 14.37 4.54 -3.51
C ASP B 156 13.32 4.46 -2.40
N LEU B 157 12.08 4.13 -2.77
CA LEU B 157 10.99 4.03 -1.81
C LEU B 157 11.32 3.17 -0.58
N LEU B 158 11.66 1.89 -0.78
CA LEU B 158 11.84 1.07 0.43
C LEU B 158 13.12 1.35 1.18
N LYS B 159 14.05 2.09 0.60
CA LYS B 159 15.17 2.64 1.35
C LYS B 159 14.83 3.99 1.98
N ASN B 160 13.55 4.36 1.99
CA ASN B 160 13.05 5.59 2.62
C ASN B 160 13.66 6.87 2.03
N GLN B 161 13.95 6.86 0.73
CA GLN B 161 14.54 8.04 0.08
C GLN B 161 13.53 9.03 -0.46
N MET B 162 12.24 8.69 -0.45
CA MET B 162 11.19 9.60 -0.92
C MET B 162 10.07 9.72 0.11
N GLY B 163 10.33 9.29 1.34
CA GLY B 163 9.39 9.37 2.44
C GLY B 163 8.57 8.10 2.63
N GLU B 164 7.67 8.19 3.60
CA GLU B 164 6.75 7.09 3.88
C GLU B 164 5.42 7.19 3.13
N GLU B 165 4.97 8.40 2.83
CA GLU B 165 3.66 8.56 2.21
C GLU B 165 3.60 7.88 0.86
N LEU B 166 4.54 8.21 -0.02
CA LEU B 166 4.60 7.59 -1.34
C LEU B 166 4.97 6.12 -1.27
N LYS B 167 5.91 5.75 -0.39
CA LYS B 167 6.26 4.35 -0.23
C LYS B 167 5.07 3.50 0.17
N GLU B 168 4.27 3.98 1.12
CA GLU B 168 3.11 3.22 1.56
C GLU B 168 2.00 3.22 0.52
N LYS B 169 1.80 4.37 -0.14
CA LYS B 169 0.78 4.45 -1.18
C LYS B 169 1.11 3.48 -2.30
N PHE B 170 2.40 3.36 -2.63
CA PHE B 170 2.82 2.43 -3.65
C PHE B 170 2.56 0.99 -3.23
N LEU B 171 2.98 0.62 -2.01
CA LEU B 171 2.83 -0.77 -1.60
C LEU B 171 1.39 -1.20 -1.35
N ARG B 172 0.49 -0.28 -0.96
CA ARG B 172 -0.87 -0.78 -0.78
C ARG B 172 -1.62 -0.75 -2.11
N GLN B 173 -1.26 0.19 -3.01
CA GLN B 173 -2.00 0.34 -4.28
C GLN B 173 -1.77 -0.84 -5.20
N TYR B 174 -0.61 -1.46 -5.15
CA TYR B 174 -0.35 -2.63 -5.96
C TYR B 174 -0.38 -3.88 -5.09
N GLU B 175 -0.72 -3.71 -3.82
CA GLU B 175 -0.84 -4.78 -2.84
C GLU B 175 0.38 -5.69 -2.86
N LEU B 176 1.52 -5.09 -2.56
CA LEU B 176 2.81 -5.76 -2.59
C LEU B 176 3.50 -5.58 -1.24
N THR B 177 4.17 -6.63 -0.79
CA THR B 177 5.08 -6.51 0.33
C THR B 177 6.51 -6.57 -0.19
N PRO B 178 7.50 -6.06 0.56
CA PRO B 178 8.88 -6.21 0.12
C PRO B 178 9.31 -7.60 -0.34
N ALA B 179 8.89 -8.67 0.34
CA ALA B 179 9.30 -10.00 -0.09
C ALA B 179 8.70 -10.38 -1.43
N ASN B 180 7.44 -10.04 -1.62
CA ASN B 180 6.77 -10.26 -2.90
C ASN B 180 7.54 -9.57 -4.00
N ILE B 181 7.97 -8.33 -3.75
CA ILE B 181 8.73 -7.55 -4.72
C ILE B 181 9.98 -8.34 -5.09
N ILE B 182 10.75 -8.71 -4.07
CA ILE B 182 12.04 -9.35 -4.27
C ILE B 182 11.84 -10.72 -4.88
N GLU B 183 10.77 -11.41 -4.47
CA GLU B 183 10.45 -12.70 -5.08
C GLU B 183 10.12 -12.54 -6.57
N ARG B 184 9.36 -11.49 -6.91
CA ARG B 184 8.93 -11.25 -8.29
C ARG B 184 10.11 -10.87 -9.19
N VAL B 185 11.11 -10.19 -8.66
CA VAL B 185 12.21 -9.71 -9.47
C VAL B 185 13.30 -10.78 -9.62
N TYR B 186 13.50 -11.62 -8.61
CA TYR B 186 14.64 -12.55 -8.62
C TYR B 186 14.23 -13.98 -8.95
N ARG B 187 12.97 -14.33 -8.75
CA ARG B 187 12.49 -15.69 -8.98
C ARG B 187 11.27 -15.75 -9.89
N GLN B 188 10.78 -14.64 -10.37
CA GLN B 188 9.58 -14.88 -11.13
C GLN B 188 9.81 -14.50 -12.58
N PRO B 189 9.20 -15.25 -13.50
CA PRO B 189 9.47 -15.02 -14.92
C PRO B 189 9.12 -13.60 -15.32
N PHE B 190 9.89 -13.09 -16.28
CA PHE B 190 9.76 -11.75 -16.85
C PHE B 190 9.69 -10.70 -15.76
N PRO B 191 10.77 -10.51 -14.98
CA PRO B 191 10.77 -9.43 -13.99
C PRO B 191 10.77 -8.04 -14.60
N ASN B 192 11.24 -7.87 -15.84
CA ASN B 192 11.17 -6.58 -16.50
C ASN B 192 9.73 -6.08 -16.67
N ARG B 193 8.78 -6.96 -16.96
CA ARG B 193 7.37 -6.58 -16.97
C ARG B 193 6.93 -6.06 -15.60
N PHE B 194 7.33 -6.76 -14.53
CA PHE B 194 6.94 -6.33 -13.18
C PHE B 194 7.38 -4.91 -12.92
N LEU B 195 8.64 -4.60 -13.22
CA LEU B 195 9.13 -3.25 -12.96
C LEU B 195 8.43 -2.23 -13.84
N ALA B 196 8.36 -2.51 -15.14
CA ALA B 196 7.69 -1.58 -16.06
C ALA B 196 6.22 -1.42 -15.75
N GLY B 197 5.59 -2.41 -15.12
CA GLY B 197 4.17 -2.30 -14.79
C GLY B 197 3.90 -1.49 -13.54
N ILE B 198 4.81 -1.53 -12.58
CA ILE B 198 4.72 -0.67 -11.40
C ILE B 198 5.26 0.73 -11.62
N SER B 199 5.92 0.97 -12.75
CA SER B 199 6.52 2.28 -13.03
C SER B 199 5.52 3.42 -13.28
N PRO B 200 4.31 3.18 -13.78
CA PRO B 200 3.36 4.29 -13.98
C PRO B 200 3.00 5.00 -12.69
N PHE B 201 3.37 4.45 -11.53
CA PHE B 201 3.25 5.18 -10.28
C PHE B 201 3.97 6.53 -10.37
N LEU B 202 5.06 6.60 -11.12
CA LEU B 202 5.74 7.88 -11.33
C LEU B 202 4.83 8.93 -11.98
N ALA B 203 4.22 8.60 -13.13
CA ALA B 203 3.28 9.53 -13.77
C ALA B 203 2.11 9.89 -12.86
N GLU B 204 1.61 8.91 -12.10
CA GLU B 204 0.50 9.14 -11.20
C GLU B 204 0.85 10.15 -10.11
N ASN B 205 2.08 10.08 -9.58
CA ASN B 205 2.52 10.99 -8.53
C ASN B 205 3.61 11.93 -9.00
N ILE B 206 3.39 12.58 -10.14
CA ILE B 206 4.39 13.45 -10.73
C ILE B 206 4.48 14.78 -10.00
N GLU B 207 3.45 15.18 -9.27
CA GLU B 207 3.52 16.45 -8.57
C GLU B 207 4.57 16.48 -7.46
N HIS B 208 4.98 15.34 -6.94
CA HIS B 208 6.06 15.34 -5.97
C HIS B 208 7.39 15.72 -6.62
N PRO B 209 8.16 16.64 -6.02
CA PRO B 209 9.45 17.03 -6.63
C PRO B 209 10.42 15.88 -6.79
N ALA B 210 10.45 14.97 -5.80
CA ALA B 210 11.42 13.88 -5.80
C ALA B 210 11.18 12.90 -6.94
N ILE B 211 9.92 12.63 -7.27
CA ILE B 211 9.61 11.68 -8.34
C ILE B 211 9.86 12.31 -9.71
N HIS B 212 9.38 13.54 -9.90
CA HIS B 212 9.68 14.24 -11.15
C HIS B 212 11.18 14.35 -11.39
N SER B 213 11.96 14.57 -10.34
CA SER B 213 13.41 14.68 -10.52
C SER B 213 14.03 13.32 -10.81
N LEU B 214 13.55 12.27 -10.14
CA LEU B 214 14.01 10.90 -10.43
C LEU B 214 13.77 10.54 -11.89
N VAL B 215 12.55 10.75 -12.38
CA VAL B 215 12.21 10.43 -13.76
C VAL B 215 13.06 11.26 -14.71
N LEU B 216 13.20 12.56 -14.41
CA LEU B 216 13.95 13.46 -15.28
C LEU B 216 15.42 13.07 -15.33
N ASN B 217 16.00 12.73 -14.17
CA ASN B 217 17.42 12.37 -14.16
C ASN B 217 17.68 11.01 -14.79
N ALA B 218 16.71 10.09 -14.70
CA ALA B 218 16.84 8.84 -15.45
C ALA B 218 16.85 9.11 -16.94
N PHE B 219 15.90 9.93 -17.41
CA PHE B 219 15.88 10.36 -18.80
C PHE B 219 17.17 11.08 -19.20
N LYS B 220 17.68 11.95 -18.32
CA LYS B 220 18.93 12.68 -18.59
C LYS B 220 20.10 11.75 -18.91
N SER B 221 20.43 10.83 -17.99
CA SER B 221 21.58 9.94 -18.17
C SER B 221 21.42 9.08 -19.41
N PHE B 222 20.17 8.70 -19.71
CA PHE B 222 19.91 7.93 -20.93
C PHE B 222 20.37 8.75 -22.09
N LEU B 223 19.85 9.97 -22.20
CA LEU B 223 20.29 10.82 -23.28
C LEU B 223 21.81 10.92 -23.21
N THR B 224 22.34 11.06 -21.98
CA THR B 224 23.78 11.21 -21.77
C THR B 224 24.57 9.97 -22.17
N ARG B 225 24.21 8.79 -21.63
CA ARG B 225 25.00 7.58 -21.88
C ARG B 225 24.66 6.88 -23.18
N ASN B 226 23.59 7.27 -23.86
CA ASN B 226 23.18 6.58 -25.07
C ASN B 226 23.07 7.52 -26.26
N VAL B 227 22.14 8.48 -26.22
CA VAL B 227 21.86 9.27 -27.40
C VAL B 227 23.01 10.23 -27.69
N MET B 228 23.76 10.66 -26.67
CA MET B 228 24.81 11.64 -26.92
C MET B 228 25.93 11.05 -27.76
N GLN B 229 25.98 9.72 -27.87
CA GLN B 229 26.99 8.99 -28.63
C GLN B 229 26.74 9.08 -30.13
N PHE B 230 25.72 9.82 -30.54
CA PHE B 230 25.32 10.04 -31.92
C PHE B 230 25.39 11.53 -32.23
N ASP B 231 25.11 11.86 -33.48
CA ASP B 231 25.11 13.26 -33.94
C ASP B 231 23.81 13.93 -33.54
N TYR B 232 23.78 14.47 -32.32
CA TYR B 232 22.57 15.10 -31.82
C TYR B 232 22.50 16.59 -32.11
N THR B 233 23.35 17.13 -32.99
CA THR B 233 23.34 18.57 -33.22
C THR B 233 22.65 19.00 -34.50
N ARG B 234 22.40 18.07 -35.42
CA ARG B 234 21.64 18.35 -36.63
C ARG B 234 20.63 17.23 -36.87
N TYR B 235 20.35 16.40 -35.87
CA TYR B 235 19.43 15.32 -36.13
C TYR B 235 18.29 15.40 -35.13
N LYS B 236 17.05 15.37 -35.61
CA LYS B 236 15.90 15.52 -34.72
C LYS B 236 15.48 14.13 -34.25
N ALA B 237 15.92 13.77 -33.04
CA ALA B 237 15.72 12.42 -32.51
C ALA B 237 14.26 11.98 -32.47
N HIS B 238 13.91 11.03 -33.34
CA HIS B 238 12.61 10.39 -33.36
C HIS B 238 12.57 9.42 -32.19
N PHE B 239 11.74 9.72 -31.23
CA PHE B 239 11.63 8.98 -30.00
C PHE B 239 10.43 8.05 -30.23
N ILE B 240 10.49 6.78 -29.81
CA ILE B 240 9.42 5.88 -30.14
C ILE B 240 9.05 5.15 -28.84
N GLY B 241 7.74 5.07 -28.52
CA GLY B 241 7.39 4.33 -27.32
C GLY B 241 6.30 4.86 -26.40
N SER B 242 5.85 4.05 -25.43
CA SER B 242 4.75 4.45 -24.55
C SER B 242 5.23 5.42 -23.47
N VAL B 243 6.30 5.05 -22.77
CA VAL B 243 6.92 5.91 -21.77
C VAL B 243 7.20 7.30 -22.36
N ALA B 244 7.76 7.34 -23.58
CA ALA B 244 8.10 8.61 -24.19
C ALA B 244 6.88 9.45 -24.54
N TYR B 245 5.71 8.84 -24.73
CA TYR B 245 4.55 9.61 -25.14
C TYR B 245 3.86 10.22 -23.92
N TYR B 246 3.69 9.43 -22.85
CA TYR B 246 2.96 9.93 -21.69
C TYR B 246 3.86 10.71 -20.75
N TYR B 247 5.18 10.59 -20.89
CA TYR B 247 6.11 11.47 -20.19
C TYR B 247 6.74 12.47 -21.16
N LYS B 248 5.97 12.89 -22.18
CA LYS B 248 6.46 13.82 -23.18
C LYS B 248 7.07 15.08 -22.57
N ASP B 249 6.43 15.63 -21.54
CA ASP B 249 6.88 16.91 -21.01
C ASP B 249 8.20 16.77 -20.28
N ILE B 250 8.36 15.70 -19.49
CA ILE B 250 9.63 15.47 -18.82
C ILE B 250 10.72 15.18 -19.83
N LEU B 251 10.36 14.53 -20.95
CA LEU B 251 11.35 14.29 -22.00
C LEU B 251 11.78 15.60 -22.67
N GLU B 252 10.83 16.48 -22.97
CA GLU B 252 11.19 17.79 -23.54
C GLU B 252 11.98 18.62 -22.54
N GLU B 253 11.64 18.52 -21.24
CA GLU B 253 12.46 19.16 -20.22
C GLU B 253 13.90 18.66 -20.34
N ALA B 254 14.08 17.34 -20.24
CA ALA B 254 15.40 16.75 -20.28
C ALA B 254 16.07 16.99 -21.62
N ALA B 255 15.29 17.24 -22.67
CA ALA B 255 15.88 17.53 -23.98
C ALA B 255 16.44 18.94 -23.98
N ALA B 256 15.67 19.92 -23.49
CA ALA B 256 16.22 21.26 -23.34
C ALA B 256 17.36 21.24 -22.33
N ALA B 257 17.27 20.31 -21.37
CA ALA B 257 18.34 20.14 -20.39
C ALA B 257 19.62 19.69 -21.08
N THR B 258 19.54 18.70 -21.96
CA THR B 258 20.74 18.11 -22.52
C THR B 258 21.06 18.62 -23.92
N GLY B 259 20.31 19.60 -24.42
CA GLY B 259 20.60 20.22 -25.70
C GLY B 259 20.27 19.30 -26.84
N ILE B 260 19.75 18.12 -26.50
CA ILE B 260 19.36 17.08 -27.43
C ILE B 260 18.08 17.52 -28.15
N ARG B 261 18.02 17.30 -29.47
CA ARG B 261 16.82 17.68 -30.21
C ARG B 261 15.80 16.55 -30.22
N THR B 262 14.57 16.91 -30.61
CA THR B 262 13.45 15.98 -30.57
C THR B 262 12.68 16.03 -31.88
N GLY B 263 12.10 14.89 -32.22
CA GLY B 263 11.26 14.78 -33.41
C GLY B 263 9.82 14.33 -33.25
N THR B 264 9.60 13.11 -33.72
CA THR B 264 8.33 12.39 -33.67
C THR B 264 8.26 11.47 -32.46
N ILE B 265 7.07 11.40 -31.85
CA ILE B 265 6.82 10.58 -30.66
C ILE B 265 5.62 9.70 -30.95
N VAL B 266 5.87 8.42 -31.21
CA VAL B 266 4.76 7.51 -31.38
C VAL B 266 4.87 6.44 -30.31
N ARG B 267 3.74 5.87 -29.93
CA ARG B 267 3.85 4.84 -28.91
C ARG B 267 4.01 3.48 -29.60
N ASN B 268 3.27 3.29 -30.72
CA ASN B 268 3.31 2.04 -31.48
C ASN B 268 3.57 2.37 -32.95
N PRO B 269 4.51 1.64 -33.58
CA PRO B 269 4.88 1.85 -34.99
C PRO B 269 4.07 1.16 -36.10
N MET B 270 3.00 0.40 -35.85
CA MET B 270 2.53 -0.51 -36.90
C MET B 270 1.98 0.11 -38.18
N GLU B 271 1.13 1.15 -38.15
CA GLU B 271 0.67 1.60 -39.47
C GLU B 271 1.81 2.28 -40.20
N GLY B 272 2.77 2.87 -39.47
CA GLY B 272 3.91 3.40 -40.18
C GLY B 272 4.70 2.23 -40.69
N LEU B 273 4.64 1.12 -39.97
CA LEU B 273 5.25 -0.09 -40.49
C LEU B 273 4.38 -0.55 -41.66
N ARG B 274 3.05 -0.55 -41.46
CA ARG B 274 2.08 -0.90 -42.50
C ARG B 274 2.19 0.05 -43.70
N THR B 275 2.56 1.31 -43.46
CA THR B 275 2.75 2.28 -44.55
C THR B 275 3.93 1.87 -45.41
N TYR B 276 4.97 1.34 -44.75
CA TYR B 276 6.18 0.94 -45.42
C TYR B 276 5.95 -0.21 -46.39
N TYR B 277 5.15 -1.20 -45.98
CA TYR B 277 4.94 -2.39 -46.79
C TYR B 277 3.70 -2.26 -47.70
N SER B 278 3.94 -2.33 -49.01
CA SER B 278 2.96 -2.74 -50.03
C SER B 278 3.54 -2.52 -51.43
N ALA C 2 -16.17 -9.55 15.72
CA ALA C 2 -16.25 -9.27 17.16
C ALA C 2 -14.91 -9.47 17.84
N ILE C 3 -14.23 -8.35 18.08
CA ILE C 3 -12.87 -8.29 18.62
C ILE C 3 -12.91 -7.50 19.91
N LEU C 4 -12.08 -7.87 20.87
CA LEU C 4 -11.94 -7.09 22.09
C LEU C 4 -10.49 -6.68 22.28
N ILE C 5 -10.31 -5.39 22.50
CA ILE C 5 -9.02 -4.73 22.63
C ILE C 5 -8.96 -4.10 24.01
N ALA C 6 -7.79 -4.13 24.65
CA ALA C 6 -7.66 -3.54 25.96
C ALA C 6 -6.30 -2.86 26.06
N ASP C 7 -6.18 -2.01 27.08
CA ASP C 7 -4.93 -1.30 27.36
C ASP C 7 -4.92 -1.01 28.86
N SER C 8 -4.13 -1.79 29.59
CA SER C 8 -4.14 -1.76 31.05
C SER C 8 -2.98 -0.90 31.52
N GLY C 9 -3.30 0.29 32.00
CA GLY C 9 -2.35 1.10 32.73
C GLY C 9 -2.33 0.69 34.18
N SER C 10 -1.32 1.15 34.91
CA SER C 10 -1.22 0.75 36.31
C SER C 10 -2.37 1.30 37.14
N THR C 11 -3.09 2.31 36.64
CA THR C 11 -4.24 2.89 37.31
C THR C 11 -5.56 2.56 36.65
N LYS C 12 -5.58 2.31 35.35
CA LYS C 12 -6.83 2.11 34.64
C LYS C 12 -6.65 1.18 33.45
N THR C 13 -7.79 0.78 32.88
CA THR C 13 -7.85 -0.08 31.70
C THR C 13 -9.10 0.25 30.92
N HIS C 14 -8.98 0.44 29.60
CA HIS C 14 -10.13 0.62 28.74
C HIS C 14 -10.29 -0.59 27.83
N TRP C 15 -11.52 -1.08 27.70
CA TRP C 15 -11.80 -2.23 26.86
C TRP C 15 -12.78 -1.78 25.78
N ASN C 16 -12.56 -2.26 24.56
CA ASN C 16 -13.43 -1.95 23.44
C ASN C 16 -13.85 -3.22 22.75
N VAL C 17 -15.09 -3.27 22.30
CA VAL C 17 -15.62 -4.42 21.56
C VAL C 17 -16.06 -3.88 20.22
N LEU C 18 -15.44 -4.36 19.15
CA LEU C 18 -15.78 -3.85 17.82
C LEU C 18 -16.50 -4.91 17.00
N ASP C 19 -17.64 -4.47 16.50
CA ASP C 19 -18.60 -5.08 15.60
C ASP C 19 -18.85 -3.95 14.63
N GLN C 20 -18.73 -4.25 13.33
CA GLN C 20 -18.85 -3.33 12.17
C GLN C 20 -17.89 -2.14 12.24
N GLY C 21 -16.71 -2.32 12.80
CA GLY C 21 -15.70 -1.31 12.75
C GLY C 21 -15.93 -0.21 13.75
N ARG C 22 -17.04 -0.31 14.48
CA ARG C 22 -17.53 0.58 15.52
C ARG C 22 -17.49 -0.10 16.88
N VAL C 23 -17.63 0.75 17.90
CA VAL C 23 -17.70 0.32 19.30
C VAL C 23 -19.15 0.06 19.66
N ILE C 24 -19.47 -1.21 19.94
CA ILE C 24 -20.81 -1.60 20.34
C ILE C 24 -20.91 -1.74 21.86
N GLY C 25 -19.83 -1.44 22.57
CA GLY C 25 -19.79 -1.50 24.01
C GLY C 25 -18.42 -1.05 24.51
N GLU C 26 -18.39 -0.31 25.61
CA GLU C 26 -17.15 0.19 26.19
C GLU C 26 -17.14 -0.04 27.70
N ILE C 27 -16.08 -0.63 28.21
CA ILE C 27 -16.02 -1.00 29.63
C ILE C 27 -14.74 -0.41 30.18
N PHE C 28 -14.76 -0.05 31.47
CA PHE C 28 -13.58 0.39 32.19
C PHE C 28 -13.34 -0.43 33.45
N THR C 29 -12.07 -0.66 33.77
CA THR C 29 -11.69 -1.35 35.00
C THR C 29 -10.40 -0.72 35.54
N LYS C 30 -10.04 -1.13 36.76
CA LYS C 30 -8.82 -0.69 37.42
C LYS C 30 -7.55 -1.22 36.75
N GLY C 31 -6.43 -0.67 37.20
CA GLY C 31 -5.12 -0.99 36.65
C GLY C 31 -4.59 -2.35 37.09
N MET C 32 -3.88 -3.00 36.17
CA MET C 32 -3.28 -4.31 36.40
C MET C 32 -1.77 -4.27 36.17
N ASN C 33 -0.99 -4.66 37.19
CA ASN C 33 0.45 -4.81 37.01
C ASN C 33 0.91 -6.07 37.76
N PRO C 34 1.44 -7.04 37.01
CA PRO C 34 1.91 -8.30 37.63
C PRO C 34 3.01 -8.18 38.68
N PHE C 35 3.63 -7.02 38.87
CA PHE C 35 4.60 -6.86 39.94
C PHE C 35 3.98 -6.33 41.23
N PHE C 36 2.69 -5.99 41.20
CA PHE C 36 1.89 -5.63 42.36
C PHE C 36 0.66 -6.52 42.46
N GLN C 37 0.57 -7.54 41.60
CA GLN C 37 -0.64 -8.35 41.44
C GLN C 37 -0.32 -9.79 41.12
N THR C 38 -0.80 -10.75 41.93
CA THR C 38 -0.72 -12.15 41.53
C THR C 38 -1.64 -12.39 40.34
N PRO C 39 -1.42 -13.45 39.57
CA PRO C 39 -2.35 -13.72 38.46
C PRO C 39 -3.76 -14.05 38.93
N GLU C 40 -3.89 -14.67 40.11
CA GLU C 40 -5.17 -14.94 40.76
C GLU C 40 -5.89 -13.65 41.18
N GLU C 41 -5.22 -12.82 41.97
CA GLU C 41 -5.81 -11.56 42.41
C GLU C 41 -6.23 -10.79 41.18
N MET C 42 -5.34 -10.72 40.20
CA MET C 42 -5.68 -10.05 38.96
C MET C 42 -6.98 -10.59 38.41
N GLY C 43 -7.05 -11.92 38.26
CA GLY C 43 -8.17 -12.53 37.59
C GLY C 43 -9.49 -12.50 38.34
N ARG C 44 -9.48 -12.76 39.65
CA ARG C 44 -10.73 -12.73 40.38
C ARG C 44 -11.34 -11.34 40.46
N GLU C 45 -10.51 -10.31 40.55
CA GLU C 45 -10.99 -8.95 40.42
C GLU C 45 -11.66 -8.71 39.06
N ILE C 46 -11.00 -9.14 37.96
CA ILE C 46 -11.57 -8.94 36.61
C ILE C 46 -12.96 -9.53 36.48
N GLU C 47 -13.23 -10.65 37.15
CA GLU C 47 -14.55 -11.29 37.09
C GLU C 47 -15.63 -10.40 37.69
N ARG C 48 -15.43 -9.91 38.92
CA ARG C 48 -16.48 -9.08 39.53
C ARG C 48 -16.68 -7.76 38.81
N THR C 49 -15.72 -7.34 37.98
CA THR C 49 -15.71 -6.03 37.34
C THR C 49 -16.22 -6.15 35.91
N LEU C 50 -15.42 -6.79 35.05
CA LEU C 50 -15.56 -6.76 33.60
C LEU C 50 -16.63 -7.72 33.10
N LEU C 51 -16.63 -8.94 33.61
CA LEU C 51 -17.62 -9.93 33.21
C LEU C 51 -19.07 -9.42 33.24
N PRO C 52 -19.53 -8.69 34.27
CA PRO C 52 -20.94 -8.29 34.27
C PRO C 52 -21.29 -7.44 33.07
N GLN C 53 -20.35 -6.60 32.60
CA GLN C 53 -20.63 -5.67 31.51
C GLN C 53 -20.26 -6.26 30.14
N LEU C 54 -20.23 -7.58 30.03
CA LEU C 54 -19.91 -8.29 28.79
C LEU C 54 -21.13 -9.15 28.46
N ASN C 55 -21.93 -8.77 27.48
CA ASN C 55 -23.07 -9.60 27.09
C ASN C 55 -22.67 -11.02 26.68
N SER C 56 -21.67 -11.14 25.80
CA SER C 56 -21.09 -12.39 25.33
C SER C 56 -19.61 -12.46 25.71
N ASN C 57 -19.20 -13.52 26.39
CA ASN C 57 -17.82 -13.64 26.83
C ASN C 57 -16.92 -14.31 25.79
N ARG C 58 -17.43 -14.55 24.59
CA ARG C 58 -16.68 -15.23 23.54
C ARG C 58 -16.30 -14.21 22.47
N PHE C 59 -15.13 -14.38 21.87
CA PHE C 59 -14.66 -13.43 20.86
C PHE C 59 -13.90 -14.17 19.75
N CYS C 60 -13.56 -13.43 18.70
CA CYS C 60 -12.76 -13.96 17.60
CA CYS C 60 -12.76 -13.96 17.60
C CYS C 60 -11.29 -13.65 17.81
N GLU C 61 -10.95 -12.38 17.99
CA GLU C 61 -9.61 -11.92 18.29
C GLU C 61 -9.65 -11.07 19.55
N VAL C 62 -8.62 -11.18 20.37
CA VAL C 62 -8.51 -10.41 21.61
C VAL C 62 -7.07 -9.94 21.72
N HIS C 63 -6.90 -8.64 21.97
CA HIS C 63 -5.60 -7.98 22.01
C HIS C 63 -5.52 -7.16 23.29
N PHE C 64 -4.65 -7.60 24.20
CA PHE C 64 -4.51 -7.01 25.52
C PHE C 64 -3.12 -6.43 25.67
N PHE C 65 -3.05 -5.13 26.00
CA PHE C 65 -1.79 -4.43 26.19
C PHE C 65 -1.80 -3.86 27.60
N GLY C 66 -0.72 -4.08 28.35
CA GLY C 66 -0.76 -3.67 29.74
C GLY C 66 0.62 -3.52 30.33
N ALA C 67 0.71 -2.73 31.39
CA ALA C 67 1.99 -2.55 32.03
C ALA C 67 2.41 -3.77 32.85
N GLY C 68 3.72 -3.95 32.95
CA GLY C 68 4.36 -5.08 33.60
C GLY C 68 4.35 -6.41 32.88
N CYS C 69 3.77 -6.44 31.68
CA CYS C 69 3.59 -7.62 30.83
C CYS C 69 4.80 -7.79 29.91
N ILE C 70 5.93 -7.87 30.57
CA ILE C 70 7.23 -8.12 29.94
C ILE C 70 7.22 -9.58 29.44
N PRO C 71 8.07 -9.94 28.47
CA PRO C 71 7.99 -11.33 27.94
C PRO C 71 8.02 -12.42 28.99
N GLU C 72 8.74 -12.23 30.09
CA GLU C 72 8.74 -13.23 31.14
C GLU C 72 7.36 -13.38 31.77
N LYS C 73 6.52 -12.34 31.70
CA LYS C 73 5.18 -12.37 32.28
C LYS C 73 4.06 -12.42 31.26
N VAL C 74 4.37 -12.34 29.96
CA VAL C 74 3.32 -12.40 28.95
C VAL C 74 2.54 -13.71 29.01
N PRO C 75 3.18 -14.90 29.05
CA PRO C 75 2.38 -16.13 29.12
C PRO C 75 1.57 -16.23 30.40
N VAL C 76 2.12 -15.75 31.51
CA VAL C 76 1.39 -15.73 32.78
C VAL C 76 0.06 -15.01 32.61
N VAL C 77 0.12 -13.81 32.05
CA VAL C 77 -1.06 -12.98 31.86
C VAL C 77 -1.94 -13.62 30.79
N ARG C 78 -1.31 -14.29 29.82
CA ARG C 78 -2.05 -14.96 28.76
C ARG C 78 -2.88 -16.12 29.31
N ASN C 79 -2.38 -16.83 30.32
CA ASN C 79 -3.20 -17.88 30.93
C ASN C 79 -4.34 -17.33 31.79
N VAL C 80 -4.14 -16.18 32.43
CA VAL C 80 -5.23 -15.53 33.17
C VAL C 80 -6.40 -15.19 32.28
N LEU C 81 -6.12 -14.62 31.10
CA LEU C 81 -7.21 -14.25 30.21
C LEU C 81 -7.86 -15.48 29.58
N LYS C 82 -7.11 -16.59 29.43
CA LYS C 82 -7.77 -17.78 28.84
C LYS C 82 -8.79 -18.38 29.79
N GLY C 83 -8.54 -18.39 31.09
CA GLY C 83 -9.50 -19.01 32.00
C GLY C 83 -10.81 -18.35 32.41
N CYS C 84 -11.29 -17.39 31.63
CA CYS C 84 -12.52 -16.66 31.87
C CYS C 84 -13.14 -16.25 30.53
N LEU C 85 -12.44 -16.51 29.43
CA LEU C 85 -12.89 -16.07 28.12
C LEU C 85 -12.73 -17.22 27.14
N ASP C 86 -13.43 -17.12 26.02
CA ASP C 86 -13.33 -18.09 24.92
C ASP C 86 -13.11 -17.34 23.62
N VAL C 87 -11.91 -17.46 23.06
CA VAL C 87 -11.56 -16.72 21.85
C VAL C 87 -11.09 -17.71 20.79
N SER C 88 -11.56 -17.49 19.55
CA SER C 88 -11.28 -18.44 18.48
C SER C 88 -9.83 -18.39 18.03
N SER C 89 -9.19 -17.22 18.07
CA SER C 89 -7.79 -17.13 17.69
C SER C 89 -6.97 -16.99 18.96
N LEU C 90 -5.66 -16.77 18.79
CA LEU C 90 -4.80 -16.68 19.96
C LEU C 90 -4.92 -15.28 20.57
N ILE C 91 -4.80 -15.22 21.88
CA ILE C 91 -4.86 -13.96 22.60
C ILE C 91 -3.50 -13.30 22.50
N GLU C 92 -3.48 -12.03 22.09
CA GLU C 92 -2.27 -11.23 22.14
C GLU C 92 -2.14 -10.53 23.49
N VAL C 93 -0.94 -10.60 24.06
CA VAL C 93 -0.60 -9.94 25.30
C VAL C 93 0.73 -9.23 25.10
N ASP C 94 0.71 -7.91 25.23
CA ASP C 94 1.91 -7.10 25.10
C ASP C 94 1.80 -5.94 26.08
N THR C 95 2.70 -4.97 25.93
CA THR C 95 2.73 -3.86 26.87
C THR C 95 1.91 -2.70 26.32
N ASP C 96 1.64 -1.73 27.19
CA ASP C 96 0.88 -0.55 26.80
C ASP C 96 1.64 0.29 25.77
N MET C 97 2.97 0.15 25.73
CA MET C 97 3.79 0.87 24.76
C MET C 97 3.40 0.54 23.32
N LEU C 98 3.15 -0.74 23.01
CA LEU C 98 2.78 -1.09 21.65
C LEU C 98 1.44 -0.53 21.23
N ALA C 99 0.50 -0.45 22.17
CA ALA C 99 -0.78 0.17 21.90
C ALA C 99 -0.63 1.66 21.60
N ALA C 100 0.13 2.37 22.44
CA ALA C 100 0.39 3.78 22.17
C ALA C 100 1.02 3.98 20.79
N ALA C 101 1.96 3.11 20.41
CA ALA C 101 2.65 3.27 19.13
C ALA C 101 1.72 2.98 17.97
N LYS C 102 0.95 1.88 18.06
CA LYS C 102 0.00 1.54 17.00
C LYS C 102 -1.06 2.62 16.90
N ALA C 103 -1.43 3.20 18.04
CA ALA C 103 -2.38 4.30 18.08
C ALA C 103 -1.78 5.55 17.45
N SER C 104 -0.55 5.90 17.85
CA SER C 104 0.06 7.15 17.39
C SER C 104 0.43 7.06 15.92
N CYS C 105 1.17 6.02 15.54
CA CYS C 105 1.77 5.94 14.22
C CYS C 105 1.00 5.08 13.22
N GLY C 106 0.15 4.16 13.69
CA GLY C 106 -0.58 3.32 12.76
C GLY C 106 0.42 2.40 12.08
N ARG C 107 0.56 2.49 10.75
CA ARG C 107 1.50 1.64 10.03
C ARG C 107 2.83 2.33 9.73
N SER C 108 3.02 3.57 10.18
CA SER C 108 4.24 4.33 9.92
C SER C 108 5.13 4.31 11.16
N PRO C 109 6.42 4.64 11.01
CA PRO C 109 7.31 4.67 12.17
C PRO C 109 7.35 6.03 12.87
N GLY C 110 7.99 6.03 14.02
CA GLY C 110 8.18 7.25 14.79
C GLY C 110 8.45 6.92 16.24
N ILE C 111 8.72 7.99 17.01
CA ILE C 111 8.96 7.87 18.44
C ILE C 111 7.64 8.08 19.18
N VAL C 112 7.42 7.29 20.23
CA VAL C 112 6.18 7.29 20.99
C VAL C 112 6.54 7.22 22.47
N CYS C 113 5.91 8.06 23.29
CA CYS C 113 6.14 8.04 24.72
C CYS C 113 4.84 8.10 25.50
N ILE C 114 4.88 7.50 26.69
CA ILE C 114 3.73 7.38 27.59
C ILE C 114 4.12 8.09 28.88
N MET C 115 3.25 8.96 29.38
CA MET C 115 3.50 9.65 30.64
C MET C 115 2.22 9.72 31.46
N GLY C 116 2.09 8.79 32.40
CA GLY C 116 0.96 8.79 33.32
C GLY C 116 1.41 8.32 34.69
N THR C 117 0.80 7.24 35.19
CA THR C 117 1.30 6.62 36.41
C THR C 117 2.76 6.25 36.27
N GLY C 118 3.12 5.61 35.15
CA GLY C 118 4.49 5.35 34.82
C GLY C 118 4.85 6.03 33.50
N SER C 119 6.12 5.95 33.15
CA SER C 119 6.66 6.53 31.93
C SER C 119 7.28 5.45 31.06
N ASN C 120 7.42 5.76 29.77
CA ASN C 120 8.03 4.83 28.83
C ASN C 120 8.18 5.52 27.49
N SER C 121 9.14 5.02 26.70
CA SER C 121 9.52 5.58 25.42
C SER C 121 10.07 4.47 24.55
N CYS C 122 9.90 4.60 23.24
CA CYS C 122 10.25 3.51 22.34
C CYS C 122 10.33 4.10 20.94
N PHE C 123 10.95 3.36 20.04
CA PHE C 123 10.84 3.59 18.61
C PHE C 123 10.21 2.40 17.91
N TYR C 124 9.35 2.69 16.95
CA TYR C 124 8.45 1.72 16.35
C TYR C 124 8.61 1.83 14.84
N ASP C 125 8.59 0.68 14.16
CA ASP C 125 8.98 0.65 12.75
C ASP C 125 7.81 0.84 11.80
N GLY C 126 6.57 0.85 12.31
CA GLY C 126 5.40 0.71 11.48
C GLY C 126 4.72 -0.64 11.60
N GLU C 127 5.23 -1.53 12.45
CA GLU C 127 4.68 -2.86 12.64
C GLU C 127 4.98 -3.37 14.04
N LYS C 128 6.12 -2.97 14.60
CA LYS C 128 6.60 -3.49 15.86
C LYS C 128 7.64 -2.55 16.46
N ILE C 129 7.81 -2.65 17.78
CA ILE C 129 8.78 -1.83 18.51
C ILE C 129 10.20 -2.34 18.30
N ALA C 130 11.07 -1.49 17.74
CA ALA C 130 12.43 -1.94 17.46
C ALA C 130 13.32 -1.79 18.70
N ALA C 131 13.29 -0.62 19.34
CA ALA C 131 14.08 -0.32 20.53
C ALA C 131 13.19 0.28 21.61
N ASN C 132 13.64 0.13 22.86
CA ASN C 132 12.84 0.58 24.01
C ASN C 132 13.77 0.77 25.20
N VAL C 133 13.51 1.84 25.96
CA VAL C 133 14.14 2.07 27.26
C VAL C 133 13.19 1.54 28.34
N SER C 134 13.52 0.38 28.89
CA SER C 134 12.73 -0.22 29.96
C SER C 134 12.67 0.71 31.17
N PRO C 135 11.48 1.16 31.57
CA PRO C 135 11.39 2.27 32.54
C PRO C 135 11.65 1.87 33.98
N LEU C 136 11.83 0.58 34.26
CA LEU C 136 12.24 0.09 35.57
C LEU C 136 11.23 0.28 36.70
N GLY C 137 10.14 1.02 36.48
CA GLY C 137 9.12 1.14 37.51
C GLY C 137 9.26 2.44 38.28
N PHE C 138 8.43 2.59 39.31
CA PHE C 138 8.41 3.85 40.05
C PHE C 138 9.44 3.87 41.17
N ILE C 139 10.34 2.89 41.21
CA ILE C 139 11.40 2.88 42.19
C ILE C 139 12.77 3.04 41.56
N LEU C 140 12.95 2.59 40.31
CA LEU C 140 14.23 2.66 39.64
C LEU C 140 14.20 3.54 38.40
N GLY C 141 13.03 4.07 38.02
CA GLY C 141 12.92 4.91 36.84
C GLY C 141 11.56 5.58 36.72
N ASP C 142 10.90 5.39 35.56
CA ASP C 142 9.58 6.00 35.30
C ASP C 142 9.61 7.53 35.43
N GLU C 143 10.79 8.11 35.22
CA GLU C 143 10.98 9.55 35.39
C GLU C 143 9.93 10.34 34.61
N GLY C 144 9.39 11.38 35.26
CA GLY C 144 8.44 12.25 34.60
C GLY C 144 6.99 11.82 34.69
N SER C 145 6.70 10.75 35.41
CA SER C 145 5.38 10.17 35.51
C SER C 145 4.75 10.49 36.87
N GLY C 146 3.42 10.47 36.90
CA GLY C 146 2.70 10.90 38.08
C GLY C 146 3.19 10.26 39.37
N ALA C 147 3.48 8.95 39.35
CA ALA C 147 3.98 8.31 40.56
C ALA C 147 5.33 8.88 41.01
N VAL C 148 6.26 9.11 40.07
CA VAL C 148 7.55 9.67 40.46
C VAL C 148 7.39 11.15 40.82
N LEU C 149 6.58 11.87 40.05
CA LEU C 149 6.26 13.26 40.39
C LEU C 149 5.73 13.34 41.80
N GLY C 150 4.82 12.44 42.16
CA GLY C 150 4.28 12.44 43.50
C GLY C 150 5.36 12.06 44.50
N LYS C 151 6.20 11.08 44.14
CA LYS C 151 7.34 10.71 44.94
C LYS C 151 8.24 11.90 45.25
N LEU C 152 8.69 12.59 44.20
CA LEU C 152 9.49 13.80 44.38
C LEU C 152 8.77 14.80 45.28
N LEU C 153 7.50 15.07 44.96
CA LEU C 153 6.74 16.11 45.65
C LEU C 153 6.64 15.81 47.14
N ILE C 154 6.24 14.58 47.47
CA ILE C 154 6.16 14.18 48.87
C ILE C 154 7.50 14.35 49.58
N GLY C 155 8.58 13.86 48.95
CA GLY C 155 9.89 14.00 49.58
C GLY C 155 10.23 15.44 49.91
N ASP C 156 10.15 16.33 48.92
CA ASP C 156 10.51 17.74 49.16
C ASP C 156 9.62 18.35 50.22
N LEU C 157 8.30 18.23 50.06
CA LEU C 157 7.36 18.78 51.03
C LEU C 157 7.71 18.37 52.45
N LEU C 158 7.76 17.06 52.71
CA LEU C 158 7.96 16.64 54.09
C LEU C 158 9.41 16.82 54.56
N LYS C 159 10.35 17.09 53.66
CA LYS C 159 11.67 17.56 54.02
C LYS C 159 11.75 19.07 54.14
N ASN C 160 10.60 19.76 54.16
CA ASN C 160 10.57 21.22 54.35
C ASN C 160 11.32 21.95 53.23
N GLN C 161 11.30 21.37 52.03
CA GLN C 161 11.98 21.92 50.86
C GLN C 161 11.13 22.91 50.09
N MET C 162 9.84 23.05 50.46
CA MET C 162 8.94 24.00 49.83
C MET C 162 8.24 24.87 50.87
N GLY C 163 8.77 24.89 52.10
CA GLY C 163 8.22 25.70 53.16
C GLY C 163 7.22 24.96 54.02
N GLU C 164 6.65 25.68 54.98
CA GLU C 164 5.61 25.12 55.82
C GLU C 164 4.22 25.35 55.24
N GLU C 165 4.05 26.44 54.49
CA GLU C 165 2.73 26.78 53.97
C GLU C 165 2.24 25.70 53.02
N LEU C 166 3.06 25.38 52.01
CA LEU C 166 2.71 24.35 51.04
C LEU C 166 2.67 22.97 51.66
N LYS C 167 3.62 22.66 52.56
CA LYS C 167 3.60 21.38 53.24
C LYS C 167 2.30 21.17 54.01
N GLU C 168 1.83 22.22 54.71
CA GLU C 168 0.61 22.09 55.49
C GLU C 168 -0.61 22.04 54.58
N LYS C 169 -0.64 22.86 53.52
CA LYS C 169 -1.76 22.82 52.58
C LYS C 169 -1.88 21.44 51.94
N PHE C 170 -0.74 20.82 51.62
CA PHE C 170 -0.75 19.48 51.03
C PHE C 170 -1.27 18.46 52.03
N LEU C 171 -0.73 18.50 53.25
CA LEU C 171 -1.08 17.50 54.25
C LEU C 171 -2.53 17.67 54.71
N ARG C 172 -3.06 18.89 54.60
CA ARG C 172 -4.46 19.08 54.96
C ARG C 172 -5.39 18.73 53.81
N GLN C 173 -4.94 18.89 52.56
CA GLN C 173 -5.85 18.63 51.45
C GLN C 173 -6.11 17.13 51.25
N TYR C 174 -5.12 16.28 51.51
CA TYR C 174 -5.30 14.84 51.40
C TYR C 174 -5.34 14.15 52.76
N GLU C 175 -5.30 14.90 53.85
CA GLU C 175 -5.34 14.35 55.21
C GLU C 175 -4.34 13.21 55.37
N LEU C 176 -3.07 13.54 55.21
CA LEU C 176 -2.02 12.54 55.26
C LEU C 176 -1.03 12.99 56.32
N THR C 177 -0.55 12.04 57.08
CA THR C 177 0.58 12.19 57.96
C THR C 177 1.77 11.48 57.36
N PRO C 178 2.99 11.84 57.76
CA PRO C 178 4.16 11.09 57.30
C PRO C 178 3.92 9.59 57.37
N ALA C 179 3.29 9.15 58.46
CA ALA C 179 3.02 7.73 58.63
C ALA C 179 2.03 7.19 57.59
N ASN C 180 0.97 7.95 57.26
CA ASN C 180 0.04 7.49 56.22
C ASN C 180 0.76 7.21 54.91
N ILE C 181 1.63 8.14 54.50
CA ILE C 181 2.37 8.01 53.24
C ILE C 181 3.20 6.73 53.24
N ILE C 182 4.08 6.59 54.25
CA ILE C 182 5.02 5.49 54.22
C ILE C 182 4.29 4.17 54.40
N GLU C 183 3.23 4.15 55.21
CA GLU C 183 2.45 2.92 55.33
C GLU C 183 1.81 2.55 53.99
N ARG C 184 1.27 3.54 53.28
CA ARG C 184 0.61 3.26 52.00
C ARG C 184 1.63 2.86 50.94
N VAL C 185 2.83 3.41 51.01
CA VAL C 185 3.85 3.18 50.00
C VAL C 185 4.68 1.92 50.25
N TYR C 186 4.92 1.56 51.51
CA TYR C 186 5.83 0.48 51.85
C TYR C 186 5.13 -0.79 52.29
N ARG C 187 3.87 -0.68 52.71
CA ARG C 187 3.10 -1.79 53.24
C ARG C 187 1.76 -2.01 52.58
N GLN C 188 1.36 -1.16 51.62
CA GLN C 188 0.03 -1.31 51.03
C GLN C 188 0.11 -1.58 49.54
N PRO C 189 -0.79 -2.40 49.00
CA PRO C 189 -0.72 -2.78 47.59
C PRO C 189 -0.83 -1.58 46.65
N PHE C 190 -0.13 -1.70 45.51
CA PHE C 190 -0.09 -0.68 44.45
C PHE C 190 0.20 0.72 44.97
N PRO C 191 1.39 0.96 45.53
CA PRO C 191 1.74 2.34 45.94
C PRO C 191 1.90 3.32 44.79
N ASN C 192 2.22 2.85 43.58
CA ASN C 192 2.28 3.75 42.42
C ASN C 192 0.95 4.43 42.16
N ARG C 193 -0.16 3.72 42.34
CA ARG C 193 -1.47 4.36 42.25
C ARG C 193 -1.59 5.48 43.28
N PHE C 194 -1.14 5.23 44.51
CA PHE C 194 -1.20 6.23 45.57
C PHE C 194 -0.45 7.49 45.17
N LEU C 195 0.77 7.33 44.65
CA LEU C 195 1.59 8.47 44.27
C LEU C 195 0.96 9.25 43.11
N ALA C 196 0.55 8.53 42.06
CA ALA C 196 -0.07 9.17 40.90
C ALA C 196 -1.39 9.86 41.24
N GLY C 197 -2.08 9.43 42.30
CA GLY C 197 -3.34 10.05 42.67
C GLY C 197 -3.21 11.34 43.45
N ILE C 198 -2.15 11.48 44.25
CA ILE C 198 -1.86 12.73 44.93
C ILE C 198 -1.12 13.73 44.06
N SER C 199 -0.68 13.32 42.87
CA SER C 199 0.09 14.19 41.97
C SER C 199 -0.67 15.36 41.35
N PRO C 200 -1.99 15.32 41.15
CA PRO C 200 -2.65 16.51 40.57
C PRO C 200 -2.55 17.74 41.46
N PHE C 201 -2.10 17.57 42.71
CA PHE C 201 -1.72 18.71 43.55
C PHE C 201 -0.70 19.60 42.89
N LEU C 202 0.20 19.03 42.09
CA LEU C 202 1.18 19.83 41.35
C LEU C 202 0.50 20.84 40.43
N ALA C 203 -0.41 20.38 39.58
CA ALA C 203 -1.16 21.31 38.73
C ALA C 203 -1.92 22.33 39.58
N GLU C 204 -2.44 21.89 40.72
CA GLU C 204 -3.17 22.78 41.61
C GLU C 204 -2.31 23.92 42.15
N ASN C 205 -1.07 23.61 42.53
CA ASN C 205 -0.17 24.63 43.08
C ASN C 205 1.03 24.90 42.20
N ILE C 206 0.79 25.14 40.90
CA ILE C 206 1.88 25.33 39.96
C ILE C 206 2.53 26.70 40.05
N GLU C 207 1.84 27.70 40.61
CA GLU C 207 2.43 29.03 40.73
C GLU C 207 3.62 29.11 41.68
N HIS C 208 3.75 28.17 42.62
CA HIS C 208 4.93 28.16 43.48
C HIS C 208 6.18 27.79 42.68
N PRO C 209 7.28 28.54 42.83
CA PRO C 209 8.49 28.23 42.04
C PRO C 209 9.02 26.83 42.28
N ALA C 210 8.95 26.35 43.53
CA ALA C 210 9.51 25.05 43.86
C ALA C 210 8.77 23.92 43.15
N ILE C 211 7.44 24.06 43.03
CA ILE C 211 6.64 23.02 42.39
C ILE C 211 6.80 23.03 40.87
N HIS C 212 6.73 24.22 40.26
CA HIS C 212 6.97 24.31 38.82
C HIS C 212 8.33 23.77 38.41
N SER C 213 9.37 24.03 39.20
CA SER C 213 10.70 23.54 38.84
C SER C 213 10.82 22.03 39.07
N LEU C 214 10.21 21.52 40.15
CA LEU C 214 10.18 20.08 40.38
C LEU C 214 9.56 19.36 39.19
N VAL C 215 8.39 19.81 38.75
CA VAL C 215 7.74 19.19 37.61
C VAL C 215 8.62 19.34 36.38
N LEU C 216 9.17 20.53 36.18
CA LEU C 216 9.99 20.81 35.01
C LEU C 216 11.27 19.97 35.00
N ASN C 217 11.94 19.86 36.16
CA ASN C 217 13.18 19.10 36.18
C ASN C 217 12.93 17.60 36.06
N ALA C 218 11.80 17.11 36.57
CA ALA C 218 11.42 15.72 36.35
C ALA C 218 11.15 15.40 34.88
N PHE C 219 10.36 16.25 34.19
CA PHE C 219 10.15 16.03 32.76
C PHE C 219 11.46 16.05 31.98
N LYS C 220 12.34 17.00 32.27
CA LYS C 220 13.64 17.02 31.62
C LYS C 220 14.37 15.71 31.85
N SER C 221 14.49 15.29 33.11
CA SER C 221 15.23 14.07 33.44
C SER C 221 14.62 12.88 32.70
N PHE C 222 13.30 12.85 32.51
CA PHE C 222 12.71 11.76 31.73
C PHE C 222 13.29 11.77 30.32
N LEU C 223 13.10 12.88 29.60
CA LEU C 223 13.66 13.00 28.26
C LEU C 223 15.16 12.76 28.35
N THR C 224 15.77 13.29 29.41
CA THR C 224 17.22 13.23 29.55
C THR C 224 17.69 11.78 29.65
N ARG C 225 17.13 11.03 30.59
CA ARG C 225 17.55 9.65 30.85
C ARG C 225 16.90 8.60 29.95
N ASN C 226 15.87 8.93 29.17
CA ASN C 226 15.19 7.88 28.41
C ASN C 226 15.10 8.10 26.90
N VAL C 227 14.36 9.14 26.49
CA VAL C 227 14.06 9.29 25.07
C VAL C 227 15.28 9.72 24.29
N MET C 228 16.23 10.42 24.93
CA MET C 228 17.38 10.92 24.21
C MET C 228 18.26 9.78 23.70
N GLN C 229 18.05 8.57 24.22
CA GLN C 229 18.83 7.40 23.86
C GLN C 229 18.45 6.88 22.48
N PHE C 230 17.55 7.57 21.80
CA PHE C 230 17.09 7.26 20.45
C PHE C 230 17.42 8.44 19.57
N ASP C 231 17.14 8.28 18.29
CA ASP C 231 17.36 9.34 17.33
C ASP C 231 16.20 10.32 17.41
N TYR C 232 16.32 11.30 18.30
CA TYR C 232 15.23 12.25 18.52
C TYR C 232 15.42 13.42 17.59
N THR C 233 16.29 13.23 16.60
CA THR C 233 16.69 14.18 15.59
C THR C 233 16.03 13.88 14.26
N ARG C 234 15.42 12.68 14.11
CA ARG C 234 14.67 12.48 12.88
C ARG C 234 13.28 11.91 13.13
N TYR C 235 12.81 11.87 14.38
CA TYR C 235 11.46 11.40 14.71
C TYR C 235 10.74 12.36 15.65
N LYS C 236 9.51 12.76 15.30
CA LYS C 236 8.75 13.73 16.09
C LYS C 236 7.95 12.93 17.14
N ALA C 237 8.47 12.86 18.36
CA ALA C 237 7.91 12.02 19.43
C ALA C 237 6.44 12.26 19.77
N HIS C 238 5.60 11.29 19.42
CA HIS C 238 4.18 11.24 19.77
C HIS C 238 4.03 10.82 21.23
N PHE C 239 3.55 11.75 22.06
CA PHE C 239 3.38 11.55 23.48
C PHE C 239 1.93 11.18 23.77
N ILE C 240 1.74 10.20 24.65
CA ILE C 240 0.40 9.69 24.97
C ILE C 240 0.29 9.58 26.49
N GLY C 241 -0.82 10.08 27.03
CA GLY C 241 -1.08 9.95 28.45
C GLY C 241 -1.70 11.20 29.04
N SER C 242 -2.20 11.11 30.26
CA SER C 242 -2.89 12.25 30.86
C SER C 242 -1.88 13.28 31.37
N VAL C 243 -0.91 12.82 32.16
CA VAL C 243 0.15 13.69 32.65
C VAL C 243 0.83 14.43 31.50
N ALA C 244 1.17 13.71 30.43
CA ALA C 244 1.84 14.38 29.32
C ALA C 244 0.93 15.36 28.60
N TYR C 245 -0.38 15.15 28.68
CA TYR C 245 -1.39 15.95 28.01
C TYR C 245 -1.74 17.18 28.83
N TYR C 246 -1.95 16.98 30.14
CA TYR C 246 -2.41 18.04 31.03
C TYR C 246 -1.27 18.89 31.53
N TYR C 247 -0.03 18.42 31.39
CA TYR C 247 1.16 19.21 31.63
C TYR C 247 1.82 19.58 30.30
N LYS C 248 1.01 19.76 29.26
CA LYS C 248 1.51 20.06 27.92
C LYS C 248 2.49 21.23 27.91
N ASP C 249 2.19 22.29 28.65
CA ASP C 249 3.04 23.48 28.54
C ASP C 249 4.39 23.24 29.20
N ILE C 250 4.39 22.58 30.36
CA ILE C 250 5.65 22.27 31.02
C ILE C 250 6.46 21.26 30.22
N LEU C 251 5.79 20.34 29.51
CA LEU C 251 6.52 19.41 28.65
C LEU C 251 7.15 20.10 27.45
N GLU C 252 6.41 21.00 26.80
CA GLU C 252 6.98 21.74 25.68
C GLU C 252 8.12 22.64 26.14
N GLU C 253 8.00 23.23 27.33
CA GLU C 253 9.12 23.96 27.91
C GLU C 253 10.34 23.05 28.03
N ALA C 254 10.19 21.95 28.77
CA ALA C 254 11.28 21.02 29.03
C ALA C 254 11.77 20.34 27.75
N ALA C 255 10.92 20.24 26.73
CA ALA C 255 11.35 19.62 25.47
C ALA C 255 12.24 20.57 24.69
N ALA C 256 11.83 21.84 24.59
CA ALA C 256 12.68 22.85 23.95
C ALA C 256 13.96 23.04 24.74
N ALA C 257 13.92 22.82 26.05
CA ALA C 257 15.12 22.92 26.87
C ALA C 257 16.15 21.87 26.48
N THR C 258 15.73 20.62 26.30
CA THR C 258 16.65 19.52 26.10
C THR C 258 16.78 19.11 24.62
N GLY C 259 16.19 19.88 23.72
CA GLY C 259 16.30 19.70 22.28
C GLY C 259 15.51 18.56 21.69
N ILE C 260 14.74 17.83 22.50
CA ILE C 260 13.93 16.73 22.00
C ILE C 260 12.76 17.29 21.21
N ARG C 261 12.49 16.70 20.05
CA ARG C 261 11.35 17.20 19.29
C ARG C 261 10.10 16.45 19.73
N THR C 262 8.94 17.04 19.45
CA THR C 262 7.65 16.50 19.86
C THR C 262 6.66 16.64 18.71
N GLY C 263 5.67 15.74 18.68
CA GLY C 263 4.64 15.83 17.68
C GLY C 263 3.24 16.01 18.24
N THR C 264 2.41 14.98 18.16
CA THR C 264 1.06 15.04 18.74
C THR C 264 1.00 14.46 20.14
N ILE C 265 0.25 15.13 21.00
CA ILE C 265 0.09 14.74 22.41
C ILE C 265 -1.41 14.66 22.68
N VAL C 266 -1.94 13.44 22.75
CA VAL C 266 -3.35 13.21 23.08
C VAL C 266 -3.38 12.39 24.37
N ARG C 267 -4.54 12.43 25.03
CA ARG C 267 -4.72 11.78 26.33
C ARG C 267 -5.09 10.31 26.25
N ASN C 268 -5.92 9.89 25.29
CA ASN C 268 -6.29 8.48 25.28
C ASN C 268 -6.06 7.85 23.91
N PRO C 269 -5.49 6.65 23.87
CA PRO C 269 -5.20 5.98 22.59
C PRO C 269 -6.36 5.23 21.93
N MET C 270 -7.55 5.21 22.52
CA MET C 270 -8.59 4.28 22.04
C MET C 270 -9.02 4.62 20.62
N GLU C 271 -9.20 5.91 20.33
CA GLU C 271 -9.66 6.29 18.99
C GLU C 271 -8.58 6.02 17.96
N GLY C 272 -7.31 6.09 18.35
CA GLY C 272 -6.26 5.71 17.42
C GLY C 272 -6.18 4.21 17.28
N LEU C 273 -6.52 3.47 18.33
CA LEU C 273 -6.52 2.02 18.23
C LEU C 273 -7.67 1.54 17.35
N ARG C 274 -8.88 2.06 17.60
CA ARG C 274 -10.05 1.70 16.80
C ARG C 274 -9.92 2.05 15.32
N THR C 275 -9.21 3.14 14.98
CA THR C 275 -9.00 3.45 13.57
C THR C 275 -8.08 2.42 12.94
N TYR C 276 -7.10 1.94 13.72
CA TYR C 276 -6.15 0.95 13.24
C TYR C 276 -6.86 -0.35 12.93
N TYR C 277 -7.82 -0.76 13.76
CA TYR C 277 -8.51 -2.03 13.55
C TYR C 277 -9.76 -1.82 12.70
N SER C 278 -9.57 -1.12 11.57
CA SER C 278 -10.64 -0.80 10.65
C SER C 278 -10.19 -0.98 9.20
N ALA D 2 18.75 -8.79 84.88
CA ALA D 2 19.73 -8.84 83.80
C ALA D 2 19.54 -7.73 82.78
N ILE D 3 20.37 -7.76 81.74
CA ILE D 3 20.52 -6.63 80.84
C ILE D 3 20.46 -7.12 79.40
N LEU D 4 19.86 -6.31 78.53
CA LEU D 4 19.93 -6.67 77.13
C LEU D 4 19.65 -5.47 76.25
N ILE D 5 20.56 -5.25 75.29
CA ILE D 5 20.51 -4.14 74.36
C ILE D 5 20.47 -4.76 72.97
N ALA D 6 19.71 -4.15 72.07
CA ALA D 6 19.62 -4.66 70.71
C ALA D 6 19.59 -3.47 69.76
N ASP D 7 19.84 -3.75 68.48
CA ASP D 7 19.77 -2.70 67.47
C ASP D 7 19.45 -3.32 66.11
N SER D 8 18.20 -3.16 65.70
CA SER D 8 17.68 -3.84 64.52
C SER D 8 17.74 -2.86 63.35
N GLY D 9 18.69 -3.09 62.44
CA GLY D 9 18.67 -2.42 61.15
C GLY D 9 17.76 -3.17 60.20
N SER D 10 17.41 -2.53 59.09
CA SER D 10 16.50 -3.20 58.15
C SER D 10 17.13 -4.42 57.49
N THR D 11 18.45 -4.54 57.51
CA THR D 11 19.19 -5.67 56.96
C THR D 11 19.82 -6.57 58.01
N LYS D 12 20.12 -6.03 59.19
CA LYS D 12 20.85 -6.79 60.18
C LYS D 12 20.42 -6.39 61.58
N THR D 13 20.86 -7.19 62.56
CA THR D 13 20.57 -6.97 63.97
C THR D 13 21.66 -7.51 64.88
N HIS D 14 22.12 -6.71 65.83
CA HIS D 14 23.03 -7.17 66.86
C HIS D 14 22.28 -7.19 68.18
N TRP D 15 22.41 -8.26 68.97
CA TRP D 15 21.71 -8.33 70.25
C TRP D 15 22.77 -8.43 71.30
N ASN D 16 22.60 -7.70 72.38
CA ASN D 16 23.62 -7.79 73.40
C ASN D 16 23.01 -8.03 74.78
N VAL D 17 23.64 -8.84 75.62
CA VAL D 17 23.18 -9.06 77.01
C VAL D 17 24.33 -8.68 77.93
N LEU D 18 24.14 -7.67 78.78
CA LEU D 18 25.21 -7.16 79.64
C LEU D 18 25.11 -7.42 81.17
N ASP D 19 24.35 -8.43 81.58
CA ASP D 19 24.22 -8.82 82.99
C ASP D 19 25.51 -8.60 83.81
N GLN D 20 25.33 -7.93 84.95
CA GLN D 20 26.32 -7.44 85.93
C GLN D 20 27.31 -6.43 85.37
N GLY D 21 26.86 -5.59 84.46
CA GLY D 21 27.67 -4.49 83.98
C GLY D 21 28.69 -4.89 82.94
N ARG D 22 28.77 -6.17 82.59
CA ARG D 22 29.69 -6.68 81.56
C ARG D 22 28.84 -7.14 80.40
N VAL D 23 29.42 -7.32 79.23
CA VAL D 23 28.64 -7.87 78.12
C VAL D 23 28.83 -9.39 78.16
N ILE D 24 27.75 -10.10 78.50
CA ILE D 24 27.79 -11.56 78.55
C ILE D 24 27.18 -12.20 77.30
N GLY D 25 26.74 -11.42 76.33
CA GLY D 25 26.19 -12.06 75.15
C GLY D 25 26.41 -11.26 73.88
N GLU D 26 26.70 -11.99 72.80
CA GLU D 26 26.95 -11.39 71.49
C GLU D 26 26.16 -12.17 70.44
N ILE D 27 25.01 -11.59 70.03
CA ILE D 27 24.17 -12.35 69.12
C ILE D 27 23.87 -11.46 67.92
N PHE D 28 23.73 -12.11 66.75
CA PHE D 28 23.35 -11.50 65.50
C PHE D 28 22.15 -12.17 64.83
N THR D 29 21.30 -11.38 64.19
CA THR D 29 20.19 -11.90 63.40
C THR D 29 20.01 -10.99 62.19
N LYS D 30 19.17 -11.42 61.25
CA LYS D 30 18.87 -10.59 60.09
C LYS D 30 18.07 -9.37 60.51
N GLY D 31 17.91 -8.43 59.57
CA GLY D 31 17.23 -7.19 59.88
C GLY D 31 15.72 -7.28 59.97
N MET D 32 15.17 -6.50 60.89
CA MET D 32 13.74 -6.42 61.16
C MET D 32 13.31 -4.97 61.01
N ASN D 33 12.34 -4.72 60.13
CA ASN D 33 11.72 -3.40 59.96
C ASN D 33 10.22 -3.55 59.78
N PRO D 34 9.41 -2.97 60.68
CA PRO D 34 7.94 -3.08 60.56
C PRO D 34 7.35 -2.53 59.26
N PHE D 35 8.12 -1.85 58.42
CA PHE D 35 7.64 -1.44 57.10
C PHE D 35 7.99 -2.46 56.04
N PHE D 36 8.74 -3.50 56.40
CA PHE D 36 8.96 -4.63 55.52
C PHE D 36 8.49 -5.91 56.19
N GLN D 37 7.91 -5.81 57.38
CA GLN D 37 7.51 -6.98 58.16
C GLN D 37 6.30 -6.63 59.00
N THR D 38 5.19 -7.35 58.81
CA THR D 38 4.07 -7.28 59.73
C THR D 38 4.58 -7.97 61.03
N PRO D 39 3.92 -7.80 62.18
CA PRO D 39 4.46 -8.43 63.41
C PRO D 39 4.62 -9.95 63.49
N GLU D 40 3.87 -10.81 62.81
CA GLU D 40 4.23 -12.22 62.89
C GLU D 40 5.62 -12.50 62.30
N GLU D 41 5.87 -12.08 61.04
CA GLU D 41 7.20 -12.32 60.48
C GLU D 41 8.20 -11.70 61.44
N MET D 42 7.92 -10.48 61.89
CA MET D 42 8.74 -9.86 62.91
C MET D 42 8.82 -10.87 64.05
N GLY D 43 7.66 -11.40 64.41
CA GLY D 43 7.54 -12.28 65.55
C GLY D 43 8.22 -13.63 65.29
N ARG D 44 8.07 -14.17 64.09
CA ARG D 44 8.76 -15.42 63.83
C ARG D 44 10.28 -15.25 63.85
N GLU D 45 10.80 -14.11 63.37
CA GLU D 45 12.23 -13.86 63.60
C GLU D 45 12.56 -13.82 65.08
N ILE D 46 11.82 -13.02 65.87
CA ILE D 46 12.12 -13.05 67.29
C ILE D 46 11.93 -14.47 67.79
N GLU D 47 10.94 -15.19 67.24
CA GLU D 47 10.64 -16.59 67.58
C GLU D 47 11.68 -17.64 67.15
N ARG D 48 11.98 -17.72 65.84
CA ARG D 48 12.92 -18.71 65.25
C ARG D 48 14.44 -18.63 65.46
N THR D 49 15.06 -17.52 65.87
CA THR D 49 16.54 -17.48 65.85
C THR D 49 16.91 -16.66 67.09
N LEU D 50 17.12 -17.34 68.22
CA LEU D 50 17.10 -16.62 69.48
C LEU D 50 17.44 -17.37 70.78
N LEU D 51 16.42 -18.06 71.29
CA LEU D 51 16.38 -18.86 72.50
C LEU D 51 17.46 -19.91 72.73
N PRO D 52 17.89 -20.73 71.77
CA PRO D 52 18.85 -21.76 72.18
C PRO D 52 20.11 -21.17 72.76
N GLN D 53 20.60 -20.05 72.25
CA GLN D 53 21.85 -19.52 72.78
C GLN D 53 21.59 -18.47 73.84
N LEU D 54 20.41 -18.50 74.46
CA LEU D 54 19.98 -17.60 75.53
C LEU D 54 19.70 -18.56 76.68
N ASN D 55 20.60 -18.58 77.64
CA ASN D 55 20.44 -19.43 78.80
C ASN D 55 19.12 -19.16 79.53
N SER D 56 18.85 -17.88 79.76
CA SER D 56 17.62 -17.34 80.35
C SER D 56 16.91 -16.43 79.35
N ASN D 57 15.62 -16.65 79.03
CA ASN D 57 15.17 -15.66 78.05
C ASN D 57 14.65 -14.46 78.78
N ARG D 58 14.73 -14.46 80.09
CA ARG D 58 14.22 -13.38 80.91
C ARG D 58 15.40 -12.65 81.50
N PHE D 59 15.22 -11.36 81.65
CA PHE D 59 16.28 -10.51 82.15
C PHE D 59 15.58 -9.49 83.02
N CYS D 60 16.09 -8.28 83.03
CA CYS D 60 15.38 -7.20 83.71
CA CYS D 60 15.38 -7.20 83.71
C CYS D 60 15.41 -5.96 82.83
N GLU D 61 16.59 -5.57 82.39
CA GLU D 61 16.61 -4.36 81.60
C GLU D 61 16.70 -4.83 80.16
N VAL D 62 15.93 -4.22 79.27
CA VAL D 62 15.97 -4.57 77.85
C VAL D 62 15.79 -3.30 77.03
N HIS D 63 16.67 -3.08 76.06
CA HIS D 63 16.60 -1.87 75.26
C HIS D 63 16.70 -2.22 73.78
N PHE D 64 15.60 -2.03 73.04
CA PHE D 64 15.52 -2.42 71.63
C PHE D 64 15.32 -1.14 70.83
N PHE D 65 16.23 -0.89 69.90
CA PHE D 65 16.20 0.29 69.03
C PHE D 65 16.21 -0.19 67.59
N GLY D 66 15.32 0.35 66.75
CA GLY D 66 15.22 -0.22 65.42
C GLY D 66 14.59 0.70 64.40
N ALA D 67 14.90 0.39 63.13
CA ALA D 67 14.38 1.11 61.99
C ALA D 67 12.91 0.77 61.78
N GLY D 68 12.17 1.70 61.17
CA GLY D 68 10.73 1.53 61.09
C GLY D 68 9.96 1.82 62.36
N CYS D 69 10.63 2.29 63.41
CA CYS D 69 10.00 2.53 64.70
C CYS D 69 9.38 3.92 64.77
N ILE D 70 8.49 4.21 63.81
CA ILE D 70 7.76 5.47 63.85
C ILE D 70 6.75 5.42 65.00
N PRO D 71 6.31 6.56 65.54
CA PRO D 71 5.38 6.55 66.68
C PRO D 71 4.11 5.73 66.52
N GLU D 72 3.51 5.71 65.33
CA GLU D 72 2.29 4.95 65.08
C GLU D 72 2.46 3.44 65.21
N LYS D 73 3.67 2.92 65.04
CA LYS D 73 3.91 1.49 65.13
C LYS D 73 4.71 1.03 66.34
N VAL D 74 5.20 1.93 67.20
CA VAL D 74 5.97 1.45 68.34
C VAL D 74 5.16 0.53 69.27
N PRO D 75 3.92 0.87 69.68
CA PRO D 75 3.21 -0.10 70.56
C PRO D 75 2.89 -1.43 69.89
N VAL D 76 2.51 -1.45 68.61
CA VAL D 76 2.30 -2.73 67.91
C VAL D 76 3.55 -3.58 68.00
N VAL D 77 4.70 -2.98 67.68
CA VAL D 77 5.98 -3.67 67.64
C VAL D 77 6.43 -4.10 69.05
N ARG D 78 6.12 -3.31 70.08
CA ARG D 78 6.49 -3.75 71.43
C ARG D 78 5.72 -5.00 71.83
N ASN D 79 4.50 -5.11 71.34
CA ASN D 79 3.68 -6.28 71.60
C ASN D 79 4.25 -7.51 70.94
N VAL D 80 4.95 -7.38 69.81
CA VAL D 80 5.59 -8.58 69.30
C VAL D 80 6.59 -9.16 70.31
N LEU D 81 7.48 -8.35 70.90
CA LEU D 81 8.43 -8.99 71.82
C LEU D 81 7.91 -9.39 73.21
N LYS D 82 6.92 -8.71 73.80
CA LYS D 82 6.42 -9.17 75.10
C LYS D 82 5.66 -10.48 74.98
N GLY D 83 4.94 -10.66 73.88
CA GLY D 83 4.18 -11.85 73.62
C GLY D 83 5.13 -12.96 73.24
N CYS D 84 6.38 -12.81 73.69
CA CYS D 84 7.46 -13.75 73.46
C CYS D 84 8.44 -13.75 74.64
N LEU D 85 8.26 -12.86 75.61
CA LEU D 85 9.16 -12.72 76.75
C LEU D 85 8.30 -12.54 78.01
N ASP D 86 8.84 -12.78 79.20
CA ASP D 86 8.11 -12.43 80.42
C ASP D 86 9.05 -11.71 81.36
N VAL D 87 8.91 -10.39 81.54
CA VAL D 87 9.88 -9.69 82.40
C VAL D 87 9.20 -8.83 83.47
N SER D 88 10.03 -8.45 84.43
CA SER D 88 9.69 -7.70 85.65
C SER D 88 9.40 -6.24 85.30
N SER D 89 10.09 -5.72 84.28
CA SER D 89 10.08 -4.39 83.69
C SER D 89 9.33 -4.34 82.37
N LEU D 90 9.48 -3.17 81.74
CA LEU D 90 8.90 -2.88 80.46
C LEU D 90 10.14 -2.59 79.64
N ILE D 91 10.12 -3.03 78.41
CA ILE D 91 11.18 -2.84 77.43
C ILE D 91 11.01 -1.49 76.72
N GLU D 92 12.09 -0.71 76.62
CA GLU D 92 12.05 0.50 75.81
C GLU D 92 12.38 0.16 74.37
N VAL D 93 11.56 0.72 73.46
CA VAL D 93 11.66 0.58 72.01
C VAL D 93 11.55 1.97 71.40
N ASP D 94 12.58 2.38 70.67
CA ASP D 94 12.67 3.66 69.99
C ASP D 94 13.42 3.43 68.69
N THR D 95 13.88 4.49 68.03
CA THR D 95 14.47 4.28 66.72
C THR D 95 15.98 4.07 66.82
N ASP D 96 16.57 3.60 65.71
CA ASP D 96 18.01 3.32 65.68
C ASP D 96 18.87 4.58 65.78
N MET D 97 18.35 5.73 65.38
CA MET D 97 19.11 6.97 65.51
C MET D 97 19.42 7.26 66.97
N LEU D 98 18.43 7.06 67.85
CA LEU D 98 18.70 7.33 69.27
C LEU D 98 19.71 6.32 69.78
N ALA D 99 19.68 5.09 69.25
CA ALA D 99 20.72 4.12 69.59
C ALA D 99 22.04 4.62 69.05
N ALA D 100 22.03 5.08 67.78
CA ALA D 100 23.22 5.68 67.18
C ALA D 100 23.69 6.88 67.99
N ALA D 101 22.77 7.69 68.50
CA ALA D 101 23.16 8.88 69.24
C ALA D 101 23.77 8.50 70.58
N LYS D 102 23.14 7.57 71.29
CA LYS D 102 23.70 7.11 72.56
C LYS D 102 25.04 6.43 72.40
N ALA D 103 25.24 5.73 71.28
CA ALA D 103 26.54 5.07 71.07
C ALA D 103 27.68 6.07 70.87
N SER D 104 27.51 7.06 70.00
CA SER D 104 28.65 7.93 69.73
C SER D 104 28.92 8.87 70.90
N CYS D 105 27.90 9.60 71.36
CA CYS D 105 28.03 10.68 72.34
C CYS D 105 27.69 10.29 73.78
N GLY D 106 26.89 9.25 74.03
CA GLY D 106 26.53 8.89 75.39
C GLY D 106 25.62 9.96 75.93
N ARG D 107 26.02 10.65 76.99
CA ARG D 107 25.24 11.71 77.61
C ARG D 107 25.67 13.06 77.12
N SER D 108 26.56 13.12 76.17
CA SER D 108 26.91 14.46 75.80
C SER D 108 26.13 14.78 74.54
N PRO D 109 25.98 16.04 74.19
CA PRO D 109 25.22 16.37 72.98
C PRO D 109 26.07 16.43 71.71
N GLY D 110 25.38 16.52 70.60
CA GLY D 110 26.00 16.65 69.30
C GLY D 110 25.04 16.19 68.22
N ILE D 111 25.48 16.35 66.98
CA ILE D 111 24.72 15.89 65.83
C ILE D 111 25.19 14.49 65.51
N VAL D 112 24.24 13.62 65.14
CA VAL D 112 24.50 12.21 64.89
C VAL D 112 23.71 11.86 63.63
N CYS D 113 24.35 11.19 62.68
CA CYS D 113 23.69 10.78 61.45
C CYS D 113 24.02 9.33 61.12
N ILE D 114 23.07 8.69 60.42
CA ILE D 114 23.18 7.28 60.06
C ILE D 114 23.20 7.20 58.55
N MET D 115 24.18 6.47 58.01
CA MET D 115 24.24 6.28 56.56
C MET D 115 24.63 4.81 56.34
N GLY D 116 23.63 3.96 56.11
CA GLY D 116 23.91 2.57 55.80
C GLY D 116 22.93 2.01 54.78
N THR D 117 22.22 0.95 55.15
CA THR D 117 21.13 0.49 54.29
C THR D 117 20.17 1.63 54.00
N GLY D 118 19.77 2.33 55.05
CA GLY D 118 18.99 3.54 54.92
C GLY D 118 19.76 4.72 55.50
N SER D 119 19.17 5.90 55.34
CA SER D 119 19.75 7.13 55.84
C SER D 119 18.79 7.75 56.84
N ASN D 120 19.34 8.63 57.68
CA ASN D 120 18.57 9.31 58.71
C ASN D 120 19.47 10.34 59.36
N SER D 121 18.84 11.32 59.99
CA SER D 121 19.56 12.45 60.58
C SER D 121 18.75 12.97 61.76
N CYS D 122 19.46 13.50 62.77
CA CYS D 122 18.80 13.86 64.01
C CYS D 122 19.71 14.80 64.79
N PHE D 123 19.11 15.47 65.76
CA PHE D 123 19.80 16.16 66.84
C PHE D 123 19.43 15.57 68.19
N TYR D 124 20.42 15.43 69.07
CA TYR D 124 20.30 14.65 70.28
C TYR D 124 20.77 15.52 71.44
N ASP D 125 20.08 15.40 72.56
CA ASP D 125 20.24 16.34 73.66
C ASP D 125 21.30 15.93 74.68
N GLY D 126 21.79 14.70 74.59
CA GLY D 126 22.41 14.05 75.72
C GLY D 126 21.50 13.09 76.43
N GLU D 127 20.26 12.92 75.94
CA GLU D 127 19.27 12.07 76.56
C GLU D 127 18.32 11.47 75.52
N LYS D 128 17.93 12.28 74.54
CA LYS D 128 16.89 11.87 73.60
C LYS D 128 16.98 12.78 72.37
N ILE D 129 16.43 12.29 71.26
CA ILE D 129 16.42 13.03 70.01
C ILE D 129 15.36 14.12 70.11
N ALA D 130 15.78 15.38 69.97
CA ALA D 130 14.83 16.48 70.13
C ALA D 130 14.08 16.74 68.83
N ALA D 131 14.81 16.82 67.72
CA ALA D 131 14.26 17.06 66.41
C ALA D 131 14.81 16.02 65.44
N ASN D 132 14.07 15.76 64.37
CA ASN D 132 14.46 14.70 63.47
C ASN D 132 13.80 14.96 62.12
N VAL D 133 14.56 14.74 61.04
CA VAL D 133 14.04 14.72 59.68
C VAL D 133 13.74 13.26 59.33
N SER D 134 12.46 12.90 59.36
CA SER D 134 12.04 11.56 59.02
C SER D 134 12.44 11.21 57.59
N PRO D 135 13.28 10.19 57.37
CA PRO D 135 13.92 10.00 56.06
C PRO D 135 12.99 9.40 55.02
N LEU D 136 11.78 9.03 55.40
CA LEU D 136 10.73 8.57 54.47
C LEU D 136 11.02 7.25 53.78
N GLY D 137 12.23 6.71 53.91
CA GLY D 137 12.50 5.41 53.33
C GLY D 137 13.24 5.52 52.01
N PHE D 138 13.42 4.37 51.37
CA PHE D 138 14.21 4.29 50.15
C PHE D 138 13.38 4.56 48.90
N ILE D 139 12.15 5.05 49.04
CA ILE D 139 11.36 5.40 47.87
C ILE D 139 11.12 6.91 47.85
N LEU D 140 11.10 7.53 49.03
CA LEU D 140 10.82 8.96 49.14
C LEU D 140 11.98 9.76 49.68
N GLY D 141 13.07 9.11 50.07
CA GLY D 141 14.21 9.80 50.62
C GLY D 141 15.39 8.85 50.78
N ASP D 142 15.92 8.77 52.00
CA ASP D 142 17.07 7.93 52.32
C ASP D 142 18.29 8.25 51.46
N GLU D 143 18.37 9.48 50.95
CA GLU D 143 19.46 9.88 50.05
C GLU D 143 20.81 9.55 50.67
N GLY D 144 21.70 9.00 49.85
CA GLY D 144 23.05 8.72 50.30
C GLY D 144 23.22 7.38 50.96
N SER D 145 22.19 6.54 50.97
CA SER D 145 22.20 5.26 51.65
C SER D 145 22.31 4.11 50.66
N GLY D 146 22.84 2.98 51.15
CA GLY D 146 23.12 1.85 50.29
C GLY D 146 21.97 1.46 49.40
N ALA D 147 20.76 1.42 49.96
CA ALA D 147 19.59 1.11 49.15
C ALA D 147 19.39 2.16 48.06
N VAL D 148 19.56 3.43 48.41
CA VAL D 148 19.40 4.49 47.42
C VAL D 148 20.57 4.49 46.44
N LEU D 149 21.79 4.29 46.95
CA LEU D 149 22.93 4.16 46.05
C LEU D 149 22.68 3.05 45.04
N GLY D 150 22.18 1.90 45.51
CA GLY D 150 21.89 0.82 44.60
C GLY D 150 20.76 1.17 43.67
N LYS D 151 19.72 1.83 44.21
CA LYS D 151 18.62 2.33 43.40
C LYS D 151 19.15 3.23 42.29
N LEU D 152 19.90 4.27 42.67
CA LEU D 152 20.52 5.15 41.69
C LEU D 152 21.38 4.34 40.72
N LEU D 153 22.23 3.47 41.26
CA LEU D 153 23.21 2.75 40.45
C LEU D 153 22.52 1.89 39.39
N ILE D 154 21.53 1.08 39.81
CA ILE D 154 20.80 0.26 38.84
C ILE D 154 20.17 1.13 37.76
N GLY D 155 19.49 2.20 38.18
CA GLY D 155 18.87 3.09 37.22
C GLY D 155 19.85 3.63 36.21
N ASP D 156 20.95 4.21 36.69
CA ASP D 156 21.93 4.80 35.78
C ASP D 156 22.51 3.76 34.83
N LEU D 157 23.03 2.66 35.39
CA LEU D 157 23.60 1.58 34.59
C LEU D 157 22.66 1.11 33.48
N LEU D 158 21.45 0.65 33.85
CA LEU D 158 20.57 0.05 32.86
C LEU D 158 19.89 1.05 31.93
N LYS D 159 19.95 2.35 32.23
CA LYS D 159 19.56 3.35 31.25
C LYS D 159 20.71 3.76 30.34
N ASN D 160 21.82 3.01 30.35
CA ASN D 160 22.95 3.26 29.47
C ASN D 160 23.55 4.65 29.70
N GLN D 161 23.50 5.11 30.95
CA GLN D 161 24.00 6.42 31.32
C GLN D 161 25.48 6.41 31.70
N MET D 162 26.09 5.23 31.80
CA MET D 162 27.51 5.10 32.11
C MET D 162 28.25 4.20 31.14
N GLY D 163 27.65 3.90 29.99
CA GLY D 163 28.31 3.07 29.00
C GLY D 163 27.96 1.60 29.11
N GLU D 164 28.62 0.82 28.25
CA GLU D 164 28.46 -0.63 28.25
C GLU D 164 29.46 -1.36 29.14
N GLU D 165 30.66 -0.82 29.35
CA GLU D 165 31.67 -1.54 30.10
C GLU D 165 31.23 -1.80 31.54
N LEU D 166 30.86 -0.74 32.26
CA LEU D 166 30.40 -0.90 33.64
C LEU D 166 29.06 -1.63 33.72
N LYS D 167 28.14 -1.29 32.81
CA LYS D 167 26.85 -1.97 32.75
C LYS D 167 27.01 -3.48 32.55
N GLU D 168 27.90 -3.88 31.64
CA GLU D 168 28.08 -5.30 31.39
C GLU D 168 28.80 -5.99 32.55
N LYS D 169 29.81 -5.33 33.12
CA LYS D 169 30.49 -5.89 34.29
C LYS D 169 29.51 -6.09 35.43
N PHE D 170 28.58 -5.15 35.62
CA PHE D 170 27.59 -5.29 36.67
C PHE D 170 26.65 -6.46 36.41
N LEU D 171 26.12 -6.54 35.19
CA LEU D 171 25.14 -7.59 34.91
C LEU D 171 25.80 -8.97 34.91
N ARG D 172 27.09 -9.04 34.59
CA ARG D 172 27.74 -10.34 34.63
C ARG D 172 28.23 -10.68 36.03
N GLN D 173 28.61 -9.67 36.84
CA GLN D 173 29.15 -9.95 38.15
C GLN D 173 28.10 -10.44 39.14
N TYR D 174 26.85 -9.96 39.02
CA TYR D 174 25.79 -10.41 39.90
C TYR D 174 24.77 -11.33 39.24
N GLU D 175 24.96 -11.73 37.99
CA GLU D 175 24.05 -12.64 37.30
C GLU D 175 22.59 -12.18 37.45
N LEU D 176 22.29 -11.00 36.89
CA LEU D 176 20.98 -10.39 37.03
C LEU D 176 20.42 -10.09 35.65
N THR D 177 19.11 -10.30 35.49
CA THR D 177 18.42 -9.77 34.33
C THR D 177 17.56 -8.59 34.74
N PRO D 178 17.21 -7.70 33.81
CA PRO D 178 16.26 -6.63 34.16
C PRO D 178 15.05 -7.10 34.94
N ALA D 179 14.49 -8.25 34.54
CA ALA D 179 13.31 -8.78 35.21
C ALA D 179 13.59 -9.23 36.65
N ASN D 180 14.74 -9.89 36.90
CA ASN D 180 15.05 -10.28 38.28
C ASN D 180 15.05 -9.08 39.20
N ILE D 181 15.70 -7.98 38.77
CA ILE D 181 15.77 -6.78 39.60
C ILE D 181 14.38 -6.28 39.94
N ILE D 182 13.59 -6.01 38.91
CA ILE D 182 12.30 -5.38 39.14
C ILE D 182 11.37 -6.36 39.85
N GLU D 183 11.48 -7.66 39.53
CA GLU D 183 10.64 -8.64 40.24
C GLU D 183 11.00 -8.63 41.72
N ARG D 184 12.30 -8.62 42.04
CA ARG D 184 12.78 -8.62 43.43
C ARG D 184 12.50 -7.30 44.13
N VAL D 185 12.52 -6.20 43.38
CA VAL D 185 12.38 -4.89 43.98
C VAL D 185 10.91 -4.56 44.13
N TYR D 186 10.07 -5.06 43.22
CA TYR D 186 8.68 -4.66 43.22
C TYR D 186 7.77 -5.75 43.77
N ARG D 187 8.17 -7.03 43.77
CA ARG D 187 7.25 -8.07 44.24
C ARG D 187 7.80 -9.03 45.31
N GLN D 188 9.07 -8.95 45.69
CA GLN D 188 9.63 -9.90 46.64
C GLN D 188 10.11 -9.17 47.90
N PRO D 189 9.99 -9.79 49.09
CA PRO D 189 10.32 -9.08 50.34
C PRO D 189 11.76 -8.56 50.40
N PHE D 190 11.91 -7.44 51.12
CA PHE D 190 13.10 -6.65 51.39
C PHE D 190 13.89 -6.28 50.13
N PRO D 191 13.31 -5.46 49.25
CA PRO D 191 14.07 -4.97 48.09
C PRO D 191 15.20 -4.04 48.48
N ASN D 192 15.09 -3.37 49.62
CA ASN D 192 16.18 -2.54 50.11
C ASN D 192 17.45 -3.35 50.35
N ARG D 193 17.31 -4.58 50.85
CA ARG D 193 18.45 -5.47 50.95
C ARG D 193 19.08 -5.73 49.59
N PHE D 194 18.23 -5.99 48.60
CA PHE D 194 18.70 -6.25 47.24
C PHE D 194 19.51 -5.09 46.69
N LEU D 195 19.00 -3.86 46.83
CA LEU D 195 19.69 -2.69 46.30
C LEU D 195 21.00 -2.47 47.05
N ALA D 196 20.96 -2.50 48.37
CA ALA D 196 22.17 -2.32 49.18
C ALA D 196 23.19 -3.41 48.94
N GLY D 197 22.77 -4.61 48.51
CA GLY D 197 23.71 -5.68 48.27
C GLY D 197 24.41 -5.61 46.94
N ILE D 198 23.75 -5.06 45.91
CA ILE D 198 24.42 -4.82 44.63
C ILE D 198 25.19 -3.50 44.64
N SER D 199 25.02 -2.68 45.67
CA SER D 199 25.64 -1.37 45.79
C SER D 199 27.16 -1.37 45.98
N PRO D 200 27.80 -2.40 46.56
CA PRO D 200 29.27 -2.34 46.68
C PRO D 200 29.98 -2.29 45.34
N PHE D 201 29.27 -2.52 44.23
CA PHE D 201 29.82 -2.26 42.92
C PHE D 201 30.33 -0.83 42.77
N LEU D 202 29.66 0.13 43.42
CA LEU D 202 30.16 1.50 43.41
C LEU D 202 31.56 1.61 43.99
N ALA D 203 31.73 1.09 45.22
CA ALA D 203 33.06 1.05 45.83
C ALA D 203 34.05 0.29 44.97
N GLU D 204 33.59 -0.78 44.32
CA GLU D 204 34.48 -1.58 43.48
C GLU D 204 35.03 -0.77 42.32
N ASN D 205 34.18 0.02 41.68
CA ASN D 205 34.64 0.85 40.56
C ASN D 205 34.52 2.34 40.86
N ILE D 206 35.01 2.78 42.03
CA ILE D 206 34.83 4.17 42.40
C ILE D 206 35.78 5.12 41.67
N GLU D 207 36.90 4.64 41.16
CA GLU D 207 37.83 5.49 40.44
C GLU D 207 37.27 5.98 39.11
N HIS D 208 36.25 5.31 38.57
CA HIS D 208 35.59 5.78 37.35
C HIS D 208 34.86 7.08 37.62
N PRO D 209 35.00 8.10 36.76
CA PRO D 209 34.33 9.39 37.02
C PRO D 209 32.83 9.28 37.15
N ALA D 210 32.18 8.41 36.37
CA ALA D 210 30.72 8.32 36.41
C ALA D 210 30.27 7.81 37.77
N ILE D 211 31.03 6.86 38.34
CA ILE D 211 30.69 6.28 39.63
C ILE D 211 31.01 7.25 40.75
N HIS D 212 32.20 7.84 40.69
CA HIS D 212 32.57 8.89 41.65
C HIS D 212 31.55 10.02 41.65
N SER D 213 31.03 10.38 40.49
CA SER D 213 30.06 11.47 40.44
C SER D 213 28.72 11.04 41.03
N LEU D 214 28.28 9.81 40.76
CA LEU D 214 27.06 9.31 41.37
C LEU D 214 27.10 9.35 42.90
N VAL D 215 28.16 8.79 43.50
CA VAL D 215 28.28 8.76 44.95
C VAL D 215 28.37 10.15 45.55
N LEU D 216 29.19 11.02 44.94
CA LEU D 216 29.39 12.37 45.47
C LEU D 216 28.12 13.19 45.42
N ASN D 217 27.41 13.09 44.31
CA ASN D 217 26.19 13.86 44.12
C ASN D 217 25.05 13.34 45.00
N ALA D 218 25.00 12.03 45.26
CA ALA D 218 24.04 11.50 46.22
C ALA D 218 24.32 12.02 47.62
N PHE D 219 25.59 11.95 48.05
CA PHE D 219 25.98 12.52 49.34
C PHE D 219 25.66 14.02 49.40
N LYS D 220 25.93 14.74 48.32
CA LYS D 220 25.60 16.16 48.24
C LYS D 220 24.12 16.38 48.54
N SER D 221 23.25 15.70 47.78
CA SER D 221 21.81 15.87 47.94
C SER D 221 21.38 15.49 49.36
N PHE D 222 22.01 14.46 49.92
CA PHE D 222 21.69 14.06 51.28
C PHE D 222 22.00 15.17 52.29
N LEU D 223 23.25 15.63 52.31
CA LEU D 223 23.66 16.67 53.25
C LEU D 223 22.79 17.92 53.14
N THR D 224 22.48 18.35 51.92
CA THR D 224 21.72 19.60 51.76
C THR D 224 20.30 19.46 52.33
N ARG D 225 19.59 18.40 51.93
CA ARG D 225 18.18 18.22 52.27
C ARG D 225 17.92 17.66 53.66
N ASN D 226 18.94 17.20 54.39
CA ASN D 226 18.69 16.58 55.70
C ASN D 226 19.47 17.30 56.80
N VAL D 227 20.81 17.24 56.78
CA VAL D 227 21.55 17.77 57.92
C VAL D 227 21.48 19.30 57.95
N MET D 228 21.34 19.95 56.79
CA MET D 228 21.38 21.41 56.76
C MET D 228 20.20 22.04 57.49
N GLN D 229 19.15 21.26 57.76
CA GLN D 229 17.96 21.77 58.45
C GLN D 229 18.24 21.93 59.94
N PHE D 230 19.47 21.66 60.33
CA PHE D 230 20.06 21.74 61.67
C PHE D 230 21.21 22.75 61.66
N ASP D 231 21.78 22.90 62.84
CA ASP D 231 22.92 23.77 63.14
C ASP D 231 24.09 22.94 62.61
N TYR D 232 24.38 23.15 61.30
CA TYR D 232 25.37 22.38 60.52
C TYR D 232 26.80 22.90 60.52
N THR D 233 27.05 24.21 60.54
CA THR D 233 28.42 24.72 60.48
C THR D 233 28.85 25.09 61.88
N ARG D 234 28.21 24.47 62.85
CA ARG D 234 28.55 24.67 64.24
C ARG D 234 28.66 23.44 65.12
N TYR D 235 28.09 22.30 64.75
CA TYR D 235 28.09 21.11 65.59
C TYR D 235 28.70 19.98 64.77
N LYS D 236 29.65 19.23 65.36
CA LYS D 236 30.44 18.22 64.65
C LYS D 236 29.74 16.87 64.58
N ALA D 237 29.11 16.63 63.44
CA ALA D 237 28.27 15.49 63.09
C ALA D 237 28.93 14.12 63.23
N HIS D 238 28.51 13.35 64.22
CA HIS D 238 28.96 11.96 64.38
C HIS D 238 28.23 11.14 63.32
N PHE D 239 28.98 10.64 62.34
CA PHE D 239 28.42 9.87 61.25
C PHE D 239 28.59 8.40 61.58
N ILE D 240 27.55 7.60 61.37
CA ILE D 240 27.62 6.19 61.73
C ILE D 240 27.01 5.35 60.61
N GLY D 241 27.68 4.28 60.22
CA GLY D 241 27.11 3.41 59.21
C GLY D 241 28.07 2.81 58.21
N SER D 242 27.61 1.83 57.41
CA SER D 242 28.51 1.15 56.50
C SER D 242 28.82 2.00 55.27
N VAL D 243 27.79 2.50 54.60
CA VAL D 243 28.00 3.41 53.47
C VAL D 243 28.91 4.56 53.90
N ALA D 244 28.63 5.14 55.06
CA ALA D 244 29.42 6.27 55.54
C ALA D 244 30.85 5.87 55.88
N TYR D 245 31.06 4.59 56.20
CA TYR D 245 32.39 4.13 56.60
C TYR D 245 33.23 3.81 55.36
N TYR D 246 32.64 3.09 54.41
CA TYR D 246 33.37 2.62 53.23
C TYR D 246 33.40 3.66 52.13
N TYR D 247 32.54 4.68 52.18
CA TYR D 247 32.58 5.82 51.29
C TYR D 247 33.11 7.06 52.00
N LYS D 248 34.05 6.88 52.94
CA LYS D 248 34.61 7.97 53.74
C LYS D 248 35.09 9.15 52.90
N ASP D 249 35.75 8.89 51.77
CA ASP D 249 36.37 9.98 51.04
C ASP D 249 35.31 10.87 50.40
N ILE D 250 34.28 10.26 49.83
CA ILE D 250 33.19 11.01 49.23
C ILE D 250 32.39 11.78 50.27
N LEU D 251 32.29 11.27 51.50
CA LEU D 251 31.60 12.05 52.53
C LEU D 251 32.37 13.31 52.88
N GLU D 252 33.68 13.21 53.05
CA GLU D 252 34.47 14.41 53.29
C GLU D 252 34.43 15.33 52.08
N GLU D 253 34.42 14.72 50.89
CA GLU D 253 34.26 15.43 49.63
C GLU D 253 32.97 16.25 49.60
N ALA D 254 31.83 15.58 49.76
CA ALA D 254 30.53 16.26 49.69
C ALA D 254 30.32 17.26 50.82
N ALA D 255 31.02 17.08 51.94
CA ALA D 255 30.89 18.00 53.06
C ALA D 255 31.62 19.32 52.81
N ALA D 256 32.86 19.25 52.34
CA ALA D 256 33.59 20.46 51.98
C ALA D 256 32.92 21.20 50.83
N ALA D 257 32.23 20.47 49.94
CA ALA D 257 31.51 21.11 48.84
C ALA D 257 30.39 22.00 49.37
N THR D 258 29.58 21.48 50.29
CA THR D 258 28.39 22.18 50.73
C THR D 258 28.59 22.88 52.07
N GLY D 259 29.83 22.90 52.55
CA GLY D 259 30.28 23.59 53.74
C GLY D 259 29.92 22.91 55.05
N ILE D 260 29.26 21.75 55.00
CA ILE D 260 28.92 21.02 56.22
C ILE D 260 30.18 20.42 56.82
N ARG D 261 30.33 20.55 58.13
CA ARG D 261 31.47 19.99 58.82
C ARG D 261 31.18 18.56 59.28
N THR D 262 32.26 17.84 59.58
CA THR D 262 32.17 16.43 59.95
C THR D 262 33.06 16.14 61.15
N GLY D 263 32.65 15.14 61.91
CA GLY D 263 33.40 14.67 63.06
C GLY D 263 33.85 13.22 63.01
N THR D 264 33.23 12.37 63.83
CA THR D 264 33.53 10.94 63.84
C THR D 264 32.63 10.10 62.95
N ILE D 265 33.25 9.13 62.28
CA ILE D 265 32.61 8.20 61.35
C ILE D 265 33.01 6.81 61.81
N VAL D 266 32.10 6.07 62.44
CA VAL D 266 32.39 4.71 62.87
C VAL D 266 31.48 3.73 62.15
N ARG D 267 31.93 2.47 62.11
CA ARG D 267 31.19 1.45 61.38
C ARG D 267 30.08 0.79 62.21
N ASN D 268 30.33 0.50 63.49
CA ASN D 268 29.29 -0.14 64.28
C ASN D 268 29.06 0.60 65.58
N PRO D 269 27.81 0.87 65.95
CA PRO D 269 27.53 1.57 67.21
C PRO D 269 27.50 0.68 68.44
N MET D 270 27.72 -0.63 68.30
CA MET D 270 27.37 -1.51 69.41
C MET D 270 28.26 -1.28 70.63
N GLU D 271 29.57 -1.13 70.42
CA GLU D 271 30.49 -0.94 71.54
C GLU D 271 30.33 0.43 72.18
N GLY D 272 29.89 1.44 71.41
CA GLY D 272 29.62 2.75 72.00
C GLY D 272 28.35 2.77 72.83
N LEU D 273 27.40 1.93 72.49
CA LEU D 273 26.18 1.83 73.30
C LEU D 273 26.54 1.19 74.65
N ARG D 274 27.38 0.16 74.59
CA ARG D 274 27.91 -0.58 75.72
C ARG D 274 28.66 0.35 76.70
N THR D 275 29.26 1.40 76.15
CA THR D 275 30.00 2.43 76.88
C THR D 275 29.16 3.33 77.77
N TYR D 276 27.96 3.64 77.33
CA TYR D 276 27.15 4.65 77.98
C TYR D 276 26.76 4.29 79.42
N TYR D 277 26.38 3.04 79.72
CA TYR D 277 25.99 2.66 81.08
C TYR D 277 26.73 1.40 81.54
N SER D 278 27.41 1.52 82.68
CA SER D 278 28.21 0.45 83.27
C SER D 278 27.97 0.33 84.77
N ALA E 2 -25.70 11.89 7.60
CA ALA E 2 -26.81 11.76 6.65
C ALA E 2 -26.43 12.22 5.26
N ILE E 3 -25.87 11.28 4.48
CA ILE E 3 -25.54 11.46 3.06
C ILE E 3 -26.15 10.29 2.29
N LEU E 4 -26.59 10.58 1.07
CA LEU E 4 -27.13 9.63 0.12
C LEU E 4 -26.33 9.60 -1.18
N ILE E 5 -25.99 8.38 -1.60
CA ILE E 5 -25.16 8.10 -2.76
C ILE E 5 -26.03 7.31 -3.72
N ALA E 6 -25.88 7.59 -5.01
CA ALA E 6 -26.64 6.92 -6.05
C ALA E 6 -25.80 6.67 -7.29
N ASP E 7 -26.31 5.79 -8.16
CA ASP E 7 -25.69 5.49 -9.45
C ASP E 7 -26.81 5.04 -10.37
N SER E 8 -27.22 5.94 -11.25
CA SER E 8 -28.40 5.78 -12.10
C SER E 8 -27.95 5.31 -13.48
N GLY E 9 -28.22 4.04 -13.78
CA GLY E 9 -28.10 3.53 -15.13
C GLY E 9 -29.33 3.82 -15.96
N SER E 10 -29.21 3.64 -17.27
CA SER E 10 -30.33 3.94 -18.15
C SER E 10 -31.51 3.00 -17.90
N THR E 11 -31.28 1.88 -17.22
CA THR E 11 -32.31 0.91 -16.85
C THR E 11 -32.63 0.89 -15.36
N LYS E 12 -31.69 1.24 -14.47
CA LYS E 12 -31.95 1.07 -13.05
C LYS E 12 -31.20 2.12 -12.22
N THR E 13 -31.52 2.14 -10.93
CA THR E 13 -30.87 3.08 -10.03
C THR E 13 -30.80 2.43 -8.65
N HIS E 14 -29.63 2.42 -8.04
CA HIS E 14 -29.48 1.97 -6.66
C HIS E 14 -29.11 3.15 -5.76
N TRP E 15 -29.77 3.26 -4.61
CA TRP E 15 -29.50 4.35 -3.69
C TRP E 15 -29.03 3.81 -2.34
N ASN E 16 -28.08 4.51 -1.75
CA ASN E 16 -27.55 4.16 -0.43
C ASN E 16 -27.65 5.41 0.42
N VAL E 17 -28.00 5.23 1.67
CA VAL E 17 -28.12 6.30 2.66
C VAL E 17 -27.20 6.00 3.82
N LEU E 18 -26.24 6.87 4.08
CA LEU E 18 -25.27 6.64 5.14
C LEU E 18 -25.54 7.57 6.31
N ASP E 19 -25.68 6.97 7.50
CA ASP E 19 -25.84 7.70 8.75
C ASP E 19 -24.93 7.07 9.80
N GLN E 20 -24.06 7.89 10.41
CA GLN E 20 -23.08 7.43 11.41
C GLN E 20 -22.23 6.28 10.88
N GLY E 21 -21.93 6.31 9.59
CA GLY E 21 -21.01 5.37 8.97
C GLY E 21 -21.61 4.03 8.61
N ARG E 22 -22.89 3.81 8.89
CA ARG E 22 -23.58 2.58 8.54
C ARG E 22 -24.61 2.91 7.47
N VAL E 23 -25.12 1.90 6.78
CA VAL E 23 -26.17 2.06 5.79
C VAL E 23 -27.50 1.90 6.51
N ILE E 24 -28.30 2.97 6.56
CA ILE E 24 -29.59 2.85 7.23
C ILE E 24 -30.71 2.59 6.28
N GLY E 25 -30.41 2.44 4.99
CA GLY E 25 -31.46 2.21 4.03
C GLY E 25 -30.91 2.03 2.64
N GLU E 26 -31.52 1.16 1.88
CA GLU E 26 -31.06 0.94 0.53
C GLU E 26 -32.30 0.99 -0.33
N ILE E 27 -32.27 1.79 -1.38
CA ILE E 27 -33.46 1.99 -2.17
C ILE E 27 -33.06 1.65 -3.59
N PHE E 28 -34.01 1.15 -4.34
CA PHE E 28 -33.83 0.91 -5.75
C PHE E 28 -34.92 1.70 -6.45
N THR E 29 -34.59 2.27 -7.60
CA THR E 29 -35.57 2.98 -8.40
C THR E 29 -35.28 2.70 -9.85
N LYS E 30 -36.22 3.15 -10.66
CA LYS E 30 -36.07 2.98 -12.08
C LYS E 30 -34.92 3.85 -12.63
N GLY E 31 -34.54 3.60 -13.88
CA GLY E 31 -33.40 4.30 -14.50
C GLY E 31 -33.68 5.72 -14.95
N MET E 32 -32.68 6.60 -14.81
CA MET E 32 -32.82 8.01 -15.21
C MET E 32 -31.73 8.35 -16.21
N ASN E 33 -32.12 8.79 -17.41
CA ASN E 33 -31.18 9.32 -18.39
C ASN E 33 -31.79 10.52 -19.11
N PRO E 34 -31.18 11.70 -19.00
CA PRO E 34 -31.74 12.91 -19.66
C PRO E 34 -31.88 12.82 -21.18
N PHE E 35 -31.36 11.80 -21.86
CA PHE E 35 -31.60 11.68 -23.30
C PHE E 35 -32.81 10.84 -23.70
N PHE E 36 -33.53 10.23 -22.76
CA PHE E 36 -34.80 9.60 -23.11
C PHE E 36 -35.96 10.15 -22.29
N GLN E 37 -35.71 11.14 -21.44
CA GLN E 37 -36.72 11.68 -20.53
C GLN E 37 -36.39 13.16 -20.32
N THR E 38 -37.36 14.01 -20.61
CA THR E 38 -37.25 15.42 -20.26
C THR E 38 -37.29 15.58 -18.73
N PRO E 39 -36.87 16.74 -18.21
CA PRO E 39 -36.90 16.95 -16.75
C PRO E 39 -38.28 16.89 -16.11
N GLU E 40 -39.36 17.20 -16.84
CA GLU E 40 -40.68 17.01 -16.25
C GLU E 40 -40.92 15.54 -15.90
N GLU E 41 -40.81 14.66 -16.90
CA GLU E 41 -40.95 13.22 -16.67
C GLU E 41 -39.96 12.74 -15.63
N MET E 42 -38.69 13.15 -15.78
CA MET E 42 -37.62 12.79 -14.85
C MET E 42 -38.03 13.08 -13.42
N GLY E 43 -38.49 14.30 -13.15
CA GLY E 43 -38.77 14.70 -11.78
C GLY E 43 -39.99 14.00 -11.19
N ARG E 44 -41.05 13.87 -11.98
CA ARG E 44 -42.25 13.18 -11.49
C ARG E 44 -42.01 11.70 -11.23
N GLU E 45 -41.15 11.04 -12.01
CA GLU E 45 -40.72 9.69 -11.67
C GLU E 45 -40.04 9.66 -10.29
N ILE E 46 -39.11 10.58 -10.05
CA ILE E 46 -38.45 10.65 -8.74
C ILE E 46 -39.45 10.79 -7.61
N GLU E 47 -40.55 11.51 -7.85
CA GLU E 47 -41.56 11.67 -6.81
C GLU E 47 -42.22 10.34 -6.43
N ARG E 48 -42.77 9.62 -7.40
CA ARG E 48 -43.44 8.36 -7.08
C ARG E 48 -42.51 7.24 -6.61
N THR E 49 -41.20 7.33 -6.87
CA THR E 49 -40.33 6.19 -6.58
C THR E 49 -39.53 6.32 -5.28
N LEU E 50 -38.52 7.18 -5.26
CA LEU E 50 -37.51 7.14 -4.20
C LEU E 50 -37.97 7.84 -2.93
N LEU E 51 -38.52 9.04 -3.08
CA LEU E 51 -39.01 9.80 -1.92
C LEU E 51 -39.94 9.01 -1.01
N PRO E 52 -40.91 8.23 -1.50
CA PRO E 52 -41.81 7.57 -0.54
C PRO E 52 -41.03 6.66 0.39
N GLN E 53 -39.96 6.02 -0.08
CA GLN E 53 -39.24 5.07 0.76
C GLN E 53 -38.05 5.70 1.50
N LEU E 54 -38.06 7.01 1.72
CA LEU E 54 -36.99 7.71 2.44
C LEU E 54 -37.61 8.36 3.67
N ASN E 55 -37.34 7.77 4.83
CA ASN E 55 -37.82 8.30 6.11
C ASN E 55 -37.40 9.75 6.37
N SER E 56 -36.15 10.12 6.11
CA SER E 56 -35.76 11.51 6.31
C SER E 56 -35.36 12.23 5.02
N ASN E 57 -35.23 13.56 5.17
CA ASN E 57 -34.91 14.48 4.08
C ASN E 57 -33.91 15.56 4.46
N ARG E 58 -33.30 15.50 5.64
CA ARG E 58 -32.37 16.54 6.09
C ARG E 58 -30.99 15.89 6.00
N PHE E 59 -30.40 16.02 4.81
CA PHE E 59 -29.11 15.45 4.48
C PHE E 59 -27.99 16.40 4.94
N CYS E 60 -26.78 16.16 4.45
CA CYS E 60 -25.66 17.09 4.63
C CYS E 60 -24.84 17.26 3.36
N GLU E 61 -24.82 16.27 2.48
CA GLU E 61 -24.14 16.18 1.19
C GLU E 61 -24.89 15.13 0.38
N VAL E 62 -24.97 15.35 -0.93
CA VAL E 62 -25.65 14.42 -1.84
C VAL E 62 -24.78 14.29 -3.09
N HIS E 63 -24.53 13.04 -3.49
CA HIS E 63 -23.65 12.71 -4.61
C HIS E 63 -24.39 11.75 -5.52
N PHE E 64 -24.73 12.23 -6.72
CA PHE E 64 -25.53 11.53 -7.71
C PHE E 64 -24.69 11.27 -8.95
N PHE E 65 -24.57 10.01 -9.34
CA PHE E 65 -23.81 9.62 -10.52
C PHE E 65 -24.73 8.89 -11.49
N GLY E 66 -24.71 9.27 -12.76
CA GLY E 66 -25.67 8.70 -13.69
C GLY E 66 -25.26 8.83 -15.14
N ALA E 67 -25.82 7.94 -15.96
CA ALA E 67 -25.58 7.93 -17.40
C ALA E 67 -26.29 9.07 -18.11
N GLY E 68 -25.70 9.50 -19.23
CA GLY E 68 -26.16 10.66 -19.96
C GLY E 68 -25.83 11.98 -19.31
N CYS E 69 -25.13 11.94 -18.19
CA CYS E 69 -24.79 13.13 -17.40
C CYS E 69 -23.47 13.70 -17.91
N ILE E 70 -23.50 14.02 -19.20
CA ILE E 70 -22.40 14.66 -19.91
C ILE E 70 -22.32 16.09 -19.37
N PRO E 71 -21.16 16.76 -19.46
CA PRO E 71 -21.07 18.12 -18.90
C PRO E 71 -22.18 19.03 -19.41
N GLU E 72 -22.61 18.82 -20.65
CA GLU E 72 -23.69 19.61 -21.21
C GLU E 72 -25.01 19.39 -20.47
N LYS E 73 -25.17 18.23 -19.82
CA LYS E 73 -26.38 17.85 -19.08
C LYS E 73 -26.28 17.78 -17.56
N VAL E 74 -25.12 17.98 -16.94
CA VAL E 74 -25.08 17.90 -15.48
C VAL E 74 -25.94 18.96 -14.79
N PRO E 75 -25.90 20.26 -15.15
CA PRO E 75 -26.75 21.22 -14.42
C PRO E 75 -28.25 21.01 -14.50
N VAL E 76 -28.77 20.57 -15.65
CA VAL E 76 -30.20 20.29 -15.75
C VAL E 76 -30.63 19.31 -14.67
N VAL E 77 -29.87 18.23 -14.53
CA VAL E 77 -30.22 17.18 -13.57
C VAL E 77 -30.08 17.67 -12.14
N ARG E 78 -29.13 18.58 -11.87
CA ARG E 78 -29.02 19.09 -10.50
C ARG E 78 -30.23 19.88 -10.02
N ASN E 79 -30.87 20.66 -10.89
CA ASN E 79 -32.07 21.36 -10.46
C ASN E 79 -33.28 20.45 -10.30
N VAL E 80 -33.40 19.39 -11.11
CA VAL E 80 -34.47 18.43 -10.85
C VAL E 80 -34.29 17.82 -9.47
N LEU E 81 -33.07 17.40 -9.15
CA LEU E 81 -32.82 16.81 -7.85
C LEU E 81 -32.85 17.87 -6.75
N LYS E 82 -32.48 19.11 -7.10
CA LYS E 82 -32.53 20.21 -6.14
C LYS E 82 -33.96 20.57 -5.79
N GLY E 83 -34.85 20.50 -6.78
CA GLY E 83 -36.25 20.81 -6.59
C GLY E 83 -37.05 19.73 -5.91
N CYS E 84 -36.40 18.86 -5.16
CA CYS E 84 -37.12 17.80 -4.47
C CYS E 84 -36.46 17.43 -3.15
N LEU E 85 -35.27 17.96 -2.89
CA LEU E 85 -34.57 17.57 -1.68
C LEU E 85 -33.98 18.81 -1.02
N ASP E 86 -33.63 18.68 0.26
CA ASP E 86 -32.93 19.73 1.02
C ASP E 86 -31.75 19.10 1.74
N VAL E 87 -30.56 19.44 1.29
CA VAL E 87 -29.31 18.88 1.79
C VAL E 87 -28.42 20.03 2.26
N SER E 88 -27.76 19.85 3.40
CA SER E 88 -26.99 20.91 4.02
C SER E 88 -25.73 21.25 3.23
N SER E 89 -25.95 21.50 1.92
CA SER E 89 -24.96 21.92 0.94
C SER E 89 -25.50 21.73 -0.47
N LEU E 90 -24.65 21.97 -1.46
CA LEU E 90 -25.07 21.87 -2.84
C LEU E 90 -24.99 20.39 -3.23
N ILE E 91 -25.88 19.96 -4.10
CA ILE E 91 -25.87 18.58 -4.54
C ILE E 91 -24.80 18.42 -5.62
N GLU E 92 -23.94 17.40 -5.46
CA GLU E 92 -23.01 17.04 -6.53
C GLU E 92 -23.66 16.03 -7.47
N VAL E 93 -23.51 16.29 -8.77
CA VAL E 93 -24.02 15.43 -9.85
C VAL E 93 -22.97 15.21 -10.93
N ASP E 94 -22.62 13.95 -11.15
CA ASP E 94 -21.67 13.60 -12.21
C ASP E 94 -22.12 12.25 -12.77
N THR E 95 -21.25 11.61 -13.57
CA THR E 95 -21.67 10.40 -14.25
C THR E 95 -21.32 9.13 -13.47
N ASP E 96 -21.91 8.00 -13.92
CA ASP E 96 -21.68 6.71 -13.27
C ASP E 96 -20.24 6.24 -13.44
N MET E 97 -19.54 6.73 -14.46
CA MET E 97 -18.14 6.39 -14.63
C MET E 97 -17.35 6.84 -13.42
N LEU E 98 -17.65 8.04 -12.93
CA LEU E 98 -16.95 8.56 -11.78
C LEU E 98 -17.28 7.72 -10.55
N ALA E 99 -18.51 7.21 -10.45
CA ALA E 99 -18.85 6.29 -9.37
C ALA E 99 -18.05 5.00 -9.50
N ALA E 100 -18.01 4.43 -10.71
CA ALA E 100 -17.22 3.24 -11.00
C ALA E 100 -15.75 3.41 -10.66
N ALA E 101 -15.19 4.58 -10.94
CA ALA E 101 -13.77 4.79 -10.68
C ALA E 101 -13.52 4.86 -9.18
N LYS E 102 -14.38 5.58 -8.46
CA LYS E 102 -14.30 5.67 -7.02
C LYS E 102 -14.50 4.30 -6.41
N ALA E 103 -15.34 3.50 -7.06
CA ALA E 103 -15.59 2.12 -6.65
C ALA E 103 -14.36 1.25 -6.90
N SER E 104 -13.78 1.36 -8.11
CA SER E 104 -12.69 0.44 -8.45
C SER E 104 -11.43 0.79 -7.65
N CYS E 105 -11.02 2.04 -7.71
CA CYS E 105 -9.76 2.52 -7.18
C CYS E 105 -9.84 3.19 -5.81
N GLY E 106 -11.03 3.67 -5.43
CA GLY E 106 -11.23 4.37 -4.17
C GLY E 106 -10.52 5.71 -4.25
N ARG E 107 -9.53 5.98 -3.38
CA ARG E 107 -8.83 7.24 -3.44
C ARG E 107 -7.52 7.12 -4.19
N SER E 108 -7.22 5.94 -4.71
CA SER E 108 -5.99 5.71 -5.42
C SER E 108 -6.30 5.73 -6.90
N PRO E 109 -5.31 5.89 -7.76
CA PRO E 109 -5.59 5.89 -9.19
C PRO E 109 -5.55 4.54 -9.90
N GLY E 110 -6.01 4.57 -11.14
CA GLY E 110 -6.03 3.43 -12.03
C GLY E 110 -7.04 3.65 -13.14
N ILE E 111 -7.08 2.69 -14.06
CA ILE E 111 -8.04 2.70 -15.17
C ILE E 111 -9.29 1.93 -14.77
N VAL E 112 -10.45 2.44 -15.19
CA VAL E 112 -11.77 1.95 -14.83
C VAL E 112 -12.68 1.91 -16.05
N CYS E 113 -13.40 0.81 -16.23
CA CYS E 113 -14.34 0.66 -17.34
C CYS E 113 -15.70 0.12 -16.90
N ILE E 114 -16.72 0.50 -17.66
CA ILE E 114 -18.12 0.19 -17.40
C ILE E 114 -18.69 -0.63 -18.55
N MET E 115 -19.37 -1.72 -18.21
CA MET E 115 -20.02 -2.57 -19.21
C MET E 115 -21.41 -2.99 -18.71
N GLY E 116 -22.44 -2.28 -19.13
CA GLY E 116 -23.79 -2.69 -18.78
C GLY E 116 -24.81 -2.42 -19.86
N THR E 117 -25.84 -1.65 -19.54
CA THR E 117 -26.77 -1.18 -20.56
C THR E 117 -26.02 -0.42 -21.65
N GLY E 118 -25.16 0.52 -21.23
CA GLY E 118 -24.26 1.21 -22.12
C GLY E 118 -22.81 0.97 -21.75
N SER E 119 -21.92 1.51 -22.59
CA SER E 119 -20.49 1.40 -22.38
C SER E 119 -19.90 2.80 -22.22
N ASN E 120 -18.71 2.85 -21.62
CA ASN E 120 -17.96 4.08 -21.36
C ASN E 120 -16.62 3.66 -20.76
N SER E 121 -15.62 4.54 -20.85
CA SER E 121 -14.28 4.17 -20.39
C SER E 121 -13.51 5.40 -19.93
N CYS E 122 -12.60 5.21 -18.97
CA CYS E 122 -11.91 6.33 -18.35
C CYS E 122 -10.68 5.83 -17.60
N PHE E 123 -9.79 6.79 -17.29
CA PHE E 123 -8.70 6.67 -16.33
C PHE E 123 -8.85 7.68 -15.20
N TYR E 124 -8.52 7.27 -13.97
CA TYR E 124 -8.86 7.99 -12.75
C TYR E 124 -7.62 8.21 -11.91
N ASP E 125 -7.54 9.40 -11.31
CA ASP E 125 -6.30 9.87 -10.66
C ASP E 125 -6.26 9.47 -9.19
N LYS E 128 -10.48 11.82 -9.39
CA LYS E 128 -11.28 12.34 -10.49
C LYS E 128 -10.93 11.65 -11.81
N ILE E 129 -11.85 11.69 -12.76
CA ILE E 129 -11.65 11.09 -14.08
C ILE E 129 -10.70 11.99 -14.88
N ALA E 130 -9.56 11.44 -15.29
CA ALA E 130 -8.60 12.28 -16.00
C ALA E 130 -8.91 12.38 -17.49
N ALA E 131 -9.16 11.25 -18.15
CA ALA E 131 -9.48 11.21 -19.58
C ALA E 131 -10.72 10.36 -19.83
N ASN E 132 -11.40 10.62 -20.95
CA ASN E 132 -12.65 9.91 -21.21
C ASN E 132 -12.97 9.95 -22.70
N VAL E 133 -13.45 8.80 -23.19
CA VAL E 133 -14.04 8.58 -24.51
C VAL E 133 -15.55 8.69 -24.44
N SER E 134 -16.12 9.79 -24.93
CA SER E 134 -17.58 9.95 -24.93
C SER E 134 -18.24 8.80 -25.70
N PRO E 135 -19.09 8.01 -25.05
CA PRO E 135 -19.55 6.71 -25.57
C PRO E 135 -20.61 6.74 -26.67
N LEU E 136 -21.14 7.90 -27.03
CA LEU E 136 -22.05 8.10 -28.15
C LEU E 136 -23.45 7.48 -28.05
N GLY E 137 -23.73 6.64 -27.05
CA GLY E 137 -25.08 6.13 -26.88
C GLY E 137 -25.29 4.75 -27.47
N PHE E 138 -26.55 4.28 -27.42
CA PHE E 138 -26.83 2.92 -27.87
C PHE E 138 -27.15 2.88 -29.35
N ILE E 139 -26.96 3.98 -30.06
CA ILE E 139 -27.18 3.98 -31.50
C ILE E 139 -25.89 4.25 -32.25
N LEU E 140 -24.97 4.99 -31.61
CA LEU E 140 -23.71 5.41 -32.23
C LEU E 140 -22.48 4.82 -31.57
N GLY E 141 -22.64 4.07 -30.50
CA GLY E 141 -21.51 3.49 -29.81
C GLY E 141 -22.01 2.50 -28.80
N ASP E 142 -21.65 2.62 -27.52
CA ASP E 142 -22.10 1.64 -26.53
C ASP E 142 -21.67 0.23 -26.92
N GLU E 143 -20.57 0.13 -27.70
CA GLU E 143 -20.10 -1.15 -28.22
C GLU E 143 -20.00 -2.13 -27.08
N GLY E 144 -20.46 -3.36 -27.29
CA GLY E 144 -20.33 -4.28 -26.18
C GLY E 144 -21.51 -4.24 -25.25
N SER E 145 -22.58 -3.52 -25.58
CA SER E 145 -23.71 -3.34 -24.67
C SER E 145 -24.93 -4.17 -25.01
N GLY E 146 -25.71 -4.40 -23.96
CA GLY E 146 -26.89 -5.20 -24.11
C GLY E 146 -27.68 -4.67 -25.27
N ALA E 147 -27.79 -3.32 -25.36
CA ALA E 147 -28.48 -2.68 -26.48
C ALA E 147 -27.79 -2.93 -27.83
N VAL E 148 -26.44 -2.83 -27.90
CA VAL E 148 -25.85 -3.12 -29.20
C VAL E 148 -25.94 -4.61 -29.46
N LEU E 149 -25.65 -5.44 -28.45
CA LEU E 149 -25.84 -6.87 -28.62
C LEU E 149 -27.26 -7.14 -29.07
N GLY E 150 -28.23 -6.50 -28.41
CA GLY E 150 -29.60 -6.69 -28.84
C GLY E 150 -29.79 -6.07 -30.20
N LYS E 151 -29.20 -4.88 -30.39
CA LYS E 151 -29.21 -4.25 -31.71
C LYS E 151 -28.63 -5.17 -32.77
N LEU E 152 -27.40 -5.61 -32.54
CA LEU E 152 -26.76 -6.55 -33.45
C LEU E 152 -27.62 -7.79 -33.65
N LEU E 153 -28.06 -8.37 -32.53
CA LEU E 153 -28.75 -9.66 -32.51
C LEU E 153 -30.05 -9.62 -33.29
N ILE E 154 -30.88 -8.61 -33.03
CA ILE E 154 -32.16 -8.47 -33.70
C ILE E 154 -31.95 -8.47 -35.21
N GLY E 155 -31.00 -7.68 -35.69
CA GLY E 155 -30.74 -7.62 -37.12
C GLY E 155 -30.47 -9.00 -37.69
N ASP E 156 -29.50 -9.72 -37.10
CA ASP E 156 -29.13 -11.04 -37.62
C ASP E 156 -30.32 -11.99 -37.58
N LEU E 157 -30.95 -12.12 -36.41
CA LEU E 157 -32.10 -13.00 -36.22
C LEU E 157 -33.19 -12.81 -37.27
N LEU E 158 -33.73 -11.60 -37.37
CA LEU E 158 -34.88 -11.40 -38.24
C LEU E 158 -34.53 -11.36 -39.72
N LYS E 159 -33.24 -11.27 -40.08
CA LYS E 159 -32.78 -11.50 -41.44
C LYS E 159 -32.47 -12.97 -41.74
N ASN E 160 -32.87 -13.90 -40.87
CA ASN E 160 -32.68 -15.33 -41.12
C ASN E 160 -31.19 -15.70 -41.24
N GLN E 161 -30.35 -15.00 -40.51
CA GLN E 161 -28.90 -15.21 -40.52
C GLN E 161 -28.46 -16.28 -39.53
N MET E 162 -29.37 -16.76 -38.68
CA MET E 162 -29.09 -17.81 -37.71
C MET E 162 -30.15 -18.91 -37.84
N GLY E 163 -30.88 -18.90 -38.95
CA GLY E 163 -31.90 -19.85 -39.31
C GLY E 163 -33.29 -19.40 -38.88
N GLU E 164 -34.26 -20.29 -39.14
CA GLU E 164 -35.63 -20.03 -38.72
C GLU E 164 -35.93 -20.64 -37.35
N GLU E 165 -35.26 -21.74 -37.01
CA GLU E 165 -35.57 -22.44 -35.76
C GLU E 165 -35.27 -21.55 -34.57
N LEU E 166 -34.05 -21.03 -34.49
CA LEU E 166 -33.66 -20.14 -33.40
C LEU E 166 -34.41 -18.82 -33.47
N LYS E 167 -34.59 -18.28 -34.69
CA LYS E 167 -35.36 -17.06 -34.87
C LYS E 167 -36.77 -17.21 -34.32
N GLU E 168 -37.41 -18.36 -34.57
CA GLU E 168 -38.76 -18.57 -34.08
C GLU E 168 -38.74 -18.76 -32.57
N LYS E 169 -37.75 -19.50 -32.07
CA LYS E 169 -37.61 -19.67 -30.63
C LYS E 169 -37.42 -18.32 -29.95
N PHE E 170 -36.65 -17.43 -30.58
CA PHE E 170 -36.43 -16.10 -30.01
C PHE E 170 -37.70 -15.25 -29.98
N LEU E 171 -38.44 -15.19 -31.09
CA LEU E 171 -39.60 -14.32 -31.13
C LEU E 171 -40.70 -14.81 -30.20
N ARG E 172 -40.75 -16.12 -29.95
CA ARG E 172 -41.72 -16.66 -29.02
C ARG E 172 -41.22 -16.58 -27.59
N GLN E 173 -39.89 -16.61 -27.38
CA GLN E 173 -39.34 -16.63 -26.03
C GLN E 173 -39.54 -15.29 -25.33
N TYR E 174 -39.51 -14.19 -26.06
CA TYR E 174 -39.77 -12.86 -25.52
C TYR E 174 -41.12 -12.37 -25.98
N GLU E 175 -41.86 -13.25 -26.67
CA GLU E 175 -43.19 -13.06 -27.21
C GLU E 175 -43.27 -11.77 -28.01
N LEU E 176 -42.13 -11.19 -28.34
CA LEU E 176 -42.07 -9.93 -29.05
C LEU E 176 -42.46 -10.27 -30.48
N THR E 177 -43.73 -10.10 -30.82
CA THR E 177 -44.19 -10.16 -32.21
C THR E 177 -43.41 -9.25 -33.16
N PRO E 178 -43.42 -9.56 -34.47
CA PRO E 178 -42.82 -8.65 -35.46
C PRO E 178 -43.20 -7.19 -35.29
N ALA E 179 -44.48 -6.93 -35.00
CA ALA E 179 -44.97 -5.56 -34.83
C ALA E 179 -44.36 -4.88 -33.64
N ASN E 180 -44.21 -5.63 -32.55
CA ASN E 180 -43.58 -5.14 -31.33
C ASN E 180 -42.16 -4.59 -31.57
N ILE E 181 -41.35 -5.27 -32.38
CA ILE E 181 -39.94 -4.86 -32.52
C ILE E 181 -39.77 -3.41 -32.99
N ILE E 182 -40.26 -3.03 -34.18
CA ILE E 182 -39.93 -1.68 -34.64
C ILE E 182 -40.66 -0.61 -33.83
N GLU E 183 -41.89 -0.92 -33.43
CA GLU E 183 -42.67 -0.01 -32.61
C GLU E 183 -42.01 0.29 -31.27
N ARG E 184 -41.45 -0.73 -30.60
CA ARG E 184 -40.88 -0.45 -29.30
C ARG E 184 -39.63 0.43 -29.41
N VAL E 185 -38.87 0.27 -30.48
CA VAL E 185 -37.62 1.02 -30.63
C VAL E 185 -37.83 2.39 -31.29
N TYR E 186 -38.80 2.52 -32.20
CA TYR E 186 -38.93 3.73 -33.00
C TYR E 186 -40.05 4.66 -32.58
N ARG E 187 -41.07 4.19 -31.88
CA ARG E 187 -42.18 5.07 -31.53
C ARG E 187 -42.50 5.08 -30.05
N GLN E 188 -41.80 4.28 -29.24
CA GLN E 188 -42.10 4.18 -27.82
C GLN E 188 -40.92 4.61 -26.95
N PRO E 189 -41.20 5.23 -25.80
CA PRO E 189 -40.15 5.78 -24.94
C PRO E 189 -39.15 4.73 -24.47
N PHE E 190 -37.91 5.17 -24.27
CA PHE E 190 -36.79 4.36 -23.83
C PHE E 190 -36.63 3.01 -24.64
N PRO E 191 -36.29 3.19 -25.94
CA PRO E 191 -36.02 1.98 -26.73
C PRO E 191 -34.74 1.24 -26.37
N ASN E 192 -33.72 1.92 -25.81
CA ASN E 192 -32.49 1.23 -25.41
C ASN E 192 -32.67 0.12 -24.37
N ARG E 193 -33.53 0.31 -23.38
CA ARG E 193 -33.84 -0.81 -22.48
C ARG E 193 -34.42 -1.99 -23.24
N PHE E 194 -35.32 -1.73 -24.21
CA PHE E 194 -35.91 -2.82 -24.98
C PHE E 194 -34.83 -3.69 -25.60
N LEU E 195 -33.82 -3.08 -26.21
CA LEU E 195 -32.77 -3.89 -26.83
C LEU E 195 -32.01 -4.64 -25.75
N ALA E 196 -31.59 -3.94 -24.70
CA ALA E 196 -30.86 -4.53 -23.59
C ALA E 196 -31.65 -5.56 -22.80
N GLY E 197 -32.98 -5.50 -22.80
CA GLY E 197 -33.75 -6.48 -22.06
C GLY E 197 -33.96 -7.81 -22.76
N ILE E 198 -34.06 -7.81 -24.08
CA ILE E 198 -34.10 -9.07 -24.82
C ILE E 198 -32.72 -9.64 -25.09
N SER E 199 -31.66 -8.88 -24.81
CA SER E 199 -30.28 -9.31 -25.06
C SER E 199 -29.77 -10.45 -24.18
N PRO E 200 -30.26 -10.66 -22.95
CA PRO E 200 -29.76 -11.79 -22.15
C PRO E 200 -30.04 -13.14 -22.80
N PHE E 201 -30.87 -13.19 -23.83
CA PHE E 201 -31.02 -14.37 -24.66
C PHE E 201 -29.69 -14.88 -25.20
N LEU E 202 -28.75 -13.97 -25.49
CA LEU E 202 -27.42 -14.39 -25.93
C LEU E 202 -26.73 -15.27 -24.89
N ALA E 203 -26.63 -14.79 -23.65
CA ALA E 203 -26.05 -15.64 -22.60
C ALA E 203 -26.83 -16.93 -22.44
N GLU E 204 -28.16 -16.85 -22.58
CA GLU E 204 -29.01 -18.02 -22.45
C GLU E 204 -28.71 -19.05 -23.54
N ASN E 205 -28.49 -18.58 -24.77
CA ASN E 205 -28.20 -19.48 -25.88
C ASN E 205 -26.78 -19.25 -26.37
N ILE E 206 -25.83 -19.22 -25.44
CA ILE E 206 -24.43 -18.94 -25.77
C ILE E 206 -23.73 -20.12 -26.41
N GLU E 207 -24.23 -21.34 -26.23
CA GLU E 207 -23.60 -22.51 -26.82
C GLU E 207 -23.67 -22.55 -28.35
N HIS E 208 -24.61 -21.86 -28.96
CA HIS E 208 -24.64 -21.80 -30.42
C HIS E 208 -23.47 -20.98 -30.97
N PRO E 209 -22.75 -21.49 -31.97
CA PRO E 209 -21.59 -20.74 -32.49
C PRO E 209 -21.96 -19.36 -33.03
N ALA E 210 -23.12 -19.23 -33.66
CA ALA E 210 -23.50 -17.95 -34.27
C ALA E 210 -23.72 -16.89 -33.19
N ILE E 211 -24.29 -17.30 -32.06
CA ILE E 211 -24.58 -16.37 -30.98
C ILE E 211 -23.31 -16.00 -30.23
N HIS E 212 -22.49 -17.00 -29.90
CA HIS E 212 -21.18 -16.74 -29.29
C HIS E 212 -20.34 -15.81 -30.15
N SER E 213 -20.41 -15.97 -31.47
CA SER E 213 -19.60 -15.11 -32.33
C SER E 213 -20.11 -13.68 -32.37
N LEU E 214 -21.44 -13.51 -32.38
CA LEU E 214 -21.99 -12.16 -32.31
C LEU E 214 -21.55 -11.41 -31.05
N VAL E 215 -21.72 -12.04 -29.88
CA VAL E 215 -21.33 -11.42 -28.61
C VAL E 215 -19.82 -11.16 -28.55
N LEU E 216 -19.03 -12.14 -28.97
CA LEU E 216 -17.57 -12.03 -28.90
C LEU E 216 -17.08 -10.90 -29.79
N ASN E 217 -17.64 -10.75 -30.99
CA ASN E 217 -17.15 -9.71 -31.88
C ASN E 217 -17.54 -8.33 -31.37
N ALA E 218 -18.68 -8.23 -30.68
CA ALA E 218 -19.04 -6.98 -30.01
C ALA E 218 -18.07 -6.65 -28.87
N PHE E 219 -17.75 -7.63 -28.01
CA PHE E 219 -16.77 -7.41 -26.96
C PHE E 219 -15.42 -6.98 -27.53
N LYS E 220 -14.98 -7.65 -28.60
CA LYS E 220 -13.74 -7.28 -29.27
C LYS E 220 -13.74 -5.82 -29.70
N SER E 221 -14.76 -5.44 -30.47
CA SER E 221 -14.88 -4.08 -31.01
C SER E 221 -14.90 -3.01 -29.92
N PHE E 222 -15.52 -3.32 -28.78
CA PHE E 222 -15.53 -2.34 -27.68
C PHE E 222 -14.11 -2.03 -27.25
N LEU E 223 -13.36 -3.06 -26.84
CA LEU E 223 -11.98 -2.86 -26.44
C LEU E 223 -11.19 -2.15 -27.53
N THR E 224 -11.42 -2.53 -28.79
CA THR E 224 -10.66 -1.97 -29.89
C THR E 224 -10.88 -0.47 -30.04
N ARG E 225 -12.13 -0.03 -30.13
CA ARG E 225 -12.38 1.39 -30.40
C ARG E 225 -12.30 2.27 -29.15
N ASN E 226 -12.23 1.69 -27.94
CA ASN E 226 -12.25 2.52 -26.73
C ASN E 226 -11.07 2.29 -25.82
N VAL E 227 -10.92 1.10 -25.23
CA VAL E 227 -9.90 0.92 -24.20
C VAL E 227 -8.49 0.92 -24.81
N MET E 228 -8.32 0.53 -26.08
CA MET E 228 -6.97 0.43 -26.61
C MET E 228 -6.29 1.78 -26.67
N GLN E 229 -7.06 2.86 -26.54
CA GLN E 229 -6.58 4.23 -26.59
C GLN E 229 -5.88 4.65 -25.32
N PHE E 230 -5.72 3.77 -24.33
CA PHE E 230 -5.06 4.13 -23.09
C PHE E 230 -3.82 3.23 -22.89
N ASP E 231 -3.05 3.50 -21.83
CA ASP E 231 -1.89 2.66 -21.56
C ASP E 231 -2.37 1.41 -20.83
N TYR E 232 -2.78 0.40 -21.60
CA TYR E 232 -3.32 -0.81 -21.01
C TYR E 232 -2.26 -1.88 -20.79
N THR E 233 -0.97 -1.52 -20.85
CA THR E 233 0.09 -2.50 -20.71
C THR E 233 0.75 -2.46 -19.35
N ARG E 234 0.52 -1.41 -18.57
CA ARG E 234 0.99 -1.34 -17.19
C ARG E 234 -0.10 -0.85 -16.26
N TYR E 235 -1.35 -0.88 -16.73
CA TYR E 235 -2.50 -0.44 -15.95
C TYR E 235 -3.47 -1.61 -15.94
N LYS E 236 -3.93 -2.02 -14.76
CA LYS E 236 -4.80 -3.21 -14.65
C LYS E 236 -6.26 -2.79 -14.78
N ALA E 237 -6.81 -2.95 -15.99
CA ALA E 237 -8.16 -2.46 -16.24
C ALA E 237 -9.20 -3.04 -15.29
N HIS E 238 -9.67 -2.19 -14.37
CA HIS E 238 -10.76 -2.48 -13.46
C HIS E 238 -12.10 -2.36 -14.21
N PHE E 239 -12.77 -3.49 -14.39
CA PHE E 239 -14.03 -3.59 -15.11
C PHE E 239 -15.22 -3.55 -14.16
N ILE E 240 -16.24 -2.81 -14.56
CA ILE E 240 -17.45 -2.58 -13.78
C ILE E 240 -18.65 -2.76 -14.70
N GLY E 241 -19.65 -3.52 -14.25
CA GLY E 241 -20.85 -3.64 -15.04
C GLY E 241 -21.53 -5.00 -15.08
N SER E 242 -22.76 -5.02 -15.60
CA SER E 242 -23.56 -6.24 -15.61
C SER E 242 -23.12 -7.19 -16.72
N VAL E 243 -23.02 -6.67 -17.96
CA VAL E 243 -22.54 -7.45 -19.10
C VAL E 243 -21.19 -8.10 -18.79
N ALA E 244 -20.27 -7.32 -18.24
CA ALA E 244 -18.93 -7.80 -17.95
C ALA E 244 -18.86 -8.86 -16.85
N TYR E 245 -19.83 -8.91 -15.95
CA TYR E 245 -19.73 -9.86 -14.84
C TYR E 245 -20.21 -11.24 -15.27
N TYR E 246 -21.35 -11.30 -15.98
CA TYR E 246 -21.97 -12.57 -16.35
C TYR E 246 -21.37 -13.16 -17.62
N TYR E 247 -20.65 -12.36 -18.40
CA TYR E 247 -19.86 -12.82 -19.54
C TYR E 247 -18.35 -12.83 -19.25
N LYS E 248 -17.96 -13.11 -18.00
CA LYS E 248 -16.54 -13.06 -17.67
C LYS E 248 -15.68 -13.88 -18.62
N ASP E 249 -16.12 -15.09 -18.98
CA ASP E 249 -15.25 -15.96 -19.78
C ASP E 249 -15.14 -15.47 -21.22
N ILE E 250 -16.25 -15.04 -21.82
CA ILE E 250 -16.22 -14.51 -23.18
C ILE E 250 -15.48 -13.17 -23.27
N LEU E 251 -15.54 -12.36 -22.21
CA LEU E 251 -14.81 -11.10 -22.17
C LEU E 251 -13.29 -11.28 -22.10
N GLU E 252 -12.83 -12.23 -21.28
CA GLU E 252 -11.41 -12.56 -21.16
C GLU E 252 -10.84 -13.10 -22.47
N GLU E 253 -11.64 -13.82 -23.24
CA GLU E 253 -11.21 -14.25 -24.58
C GLU E 253 -10.75 -13.04 -25.39
N ALA E 254 -11.63 -12.06 -25.57
CA ALA E 254 -11.33 -10.87 -26.37
C ALA E 254 -10.21 -10.02 -25.77
N ALA E 255 -9.98 -10.13 -24.46
CA ALA E 255 -8.91 -9.37 -23.81
C ALA E 255 -7.54 -9.96 -24.12
N ALA E 256 -7.41 -11.28 -24.03
CA ALA E 256 -6.17 -11.94 -24.43
C ALA E 256 -5.89 -11.73 -25.91
N ALA E 257 -6.94 -11.58 -26.71
CA ALA E 257 -6.77 -11.32 -28.14
C ALA E 257 -6.05 -10.00 -28.38
N THR E 258 -6.48 -8.93 -27.70
CA THR E 258 -5.96 -7.59 -27.98
C THR E 258 -4.90 -7.14 -26.97
N GLY E 259 -4.48 -8.03 -26.07
CA GLY E 259 -3.42 -7.74 -25.13
C GLY E 259 -3.81 -6.86 -23.97
N ILE E 260 -5.08 -6.48 -23.85
CA ILE E 260 -5.53 -5.64 -22.75
C ILE E 260 -5.52 -6.43 -21.45
N ARG E 261 -4.99 -5.84 -20.40
CA ARG E 261 -4.95 -6.47 -19.09
C ARG E 261 -6.20 -6.10 -18.30
N THR E 262 -6.49 -6.89 -17.28
CA THR E 262 -7.68 -6.72 -16.46
C THR E 262 -7.31 -6.87 -14.99
N GLY E 263 -8.07 -6.20 -14.14
CA GLY E 263 -7.92 -6.27 -12.69
C GLY E 263 -9.11 -6.80 -11.91
N THR E 264 -9.81 -5.91 -11.19
CA THR E 264 -11.00 -6.29 -10.45
C THR E 264 -12.24 -6.04 -11.30
N ILE E 265 -13.18 -6.97 -11.23
CA ILE E 265 -14.42 -6.96 -12.00
C ILE E 265 -15.61 -7.12 -11.05
N VAL E 266 -16.36 -6.04 -10.83
CA VAL E 266 -17.55 -6.13 -9.98
C VAL E 266 -18.79 -5.81 -10.80
N ARG E 267 -19.93 -6.29 -10.29
CA ARG E 267 -21.24 -6.17 -10.94
C ARG E 267 -21.96 -4.87 -10.59
N ASN E 268 -21.88 -4.44 -9.33
CA ASN E 268 -22.53 -3.26 -8.81
C ASN E 268 -21.52 -2.38 -8.09
N PRO E 269 -21.56 -1.06 -8.29
CA PRO E 269 -20.57 -0.19 -7.64
C PRO E 269 -20.86 0.19 -6.20
N MET E 270 -21.98 -0.25 -5.60
CA MET E 270 -22.38 0.30 -4.30
C MET E 270 -21.37 -0.07 -3.23
N GLU E 271 -20.92 -1.33 -3.24
CA GLU E 271 -19.97 -1.80 -2.24
C GLU E 271 -18.64 -1.12 -2.47
N GLY E 272 -18.36 -0.77 -3.73
CA GLY E 272 -17.17 0.01 -4.02
C GLY E 272 -17.34 1.45 -3.61
N LEU E 273 -18.57 1.95 -3.61
CA LEU E 273 -18.79 3.31 -3.12
C LEU E 273 -18.60 3.37 -1.61
N ARG E 274 -19.18 2.41 -0.88
CA ARG E 274 -19.03 2.34 0.58
C ARG E 274 -17.59 2.17 1.02
N THR E 275 -16.74 1.48 0.24
CA THR E 275 -15.33 1.38 0.62
C THR E 275 -14.67 2.74 0.53
N TYR E 276 -15.05 3.52 -0.49
CA TYR E 276 -14.47 4.85 -0.70
C TYR E 276 -14.84 5.79 0.44
N TYR E 277 -16.09 5.77 0.89
CA TYR E 277 -16.53 6.69 1.93
C TYR E 277 -16.37 6.08 3.32
N ILE F 3 -55.73 9.79 -61.43
CA ILE F 3 -54.85 9.21 -60.44
C ILE F 3 -53.69 10.14 -60.03
N LEU F 4 -53.34 10.06 -58.74
CA LEU F 4 -52.21 10.72 -58.13
C LEU F 4 -51.38 9.61 -57.52
N ILE F 5 -50.08 9.58 -57.84
CA ILE F 5 -49.16 8.54 -57.41
C ILE F 5 -48.07 9.20 -56.59
N ALA F 6 -47.63 8.53 -55.54
CA ALA F 6 -46.59 9.05 -54.68
C ALA F 6 -45.66 7.95 -54.24
N ASP F 7 -44.52 8.36 -53.72
CA ASP F 7 -43.52 7.45 -53.18
C ASP F 7 -42.79 8.25 -52.11
N SER F 8 -43.16 7.98 -50.86
CA SER F 8 -42.71 8.77 -49.74
C SER F 8 -41.57 8.03 -49.08
N GLY F 9 -40.39 8.50 -49.26
CA GLY F 9 -39.31 8.03 -48.44
C GLY F 9 -39.31 8.85 -47.17
N SER F 10 -38.57 8.35 -46.19
CA SER F 10 -38.48 9.04 -44.91
C SER F 10 -37.79 10.37 -45.08
N THR F 11 -37.13 10.58 -46.23
CA THR F 11 -36.43 11.83 -46.55
C THR F 11 -37.17 12.70 -47.53
N LYS F 12 -37.96 12.14 -48.43
CA LYS F 12 -38.56 12.99 -49.43
C LYS F 12 -39.86 12.34 -49.83
N THR F 13 -40.67 13.08 -50.58
CA THR F 13 -41.91 12.53 -51.07
C THR F 13 -42.10 13.25 -52.38
N HIS F 14 -42.31 12.49 -53.45
CA HIS F 14 -42.64 13.11 -54.72
C HIS F 14 -44.05 12.73 -55.15
N TRP F 15 -44.84 13.69 -55.59
CA TRP F 15 -46.18 13.34 -56.06
C TRP F 15 -46.35 13.75 -57.52
N ASN F 16 -46.99 12.86 -58.29
CA ASN F 16 -47.30 13.05 -59.70
C ASN F 16 -48.77 12.72 -59.91
N VAL F 17 -49.46 13.44 -60.80
CA VAL F 17 -50.85 13.14 -61.11
C VAL F 17 -50.95 12.83 -62.58
N LEU F 18 -51.37 11.61 -62.90
CA LEU F 18 -51.48 11.14 -64.27
C LEU F 18 -52.94 11.01 -64.67
N ASP F 19 -53.31 11.62 -65.78
CA ASP F 19 -54.66 11.48 -66.32
C ASP F 19 -54.51 11.22 -67.81
N GLN F 20 -55.06 10.10 -68.28
CA GLN F 20 -54.95 9.70 -69.68
C GLN F 20 -53.48 9.65 -70.12
N GLY F 21 -52.58 9.24 -69.23
CA GLY F 21 -51.21 9.04 -69.66
C GLY F 21 -50.33 10.28 -69.74
N ARG F 22 -50.82 11.47 -69.36
CA ARG F 22 -50.05 12.72 -69.39
C ARG F 22 -49.71 13.27 -68.00
N VAL F 23 -48.75 14.20 -67.98
CA VAL F 23 -48.32 14.88 -66.77
C VAL F 23 -49.12 16.15 -66.52
N ILE F 24 -49.96 16.18 -65.47
CA ILE F 24 -50.63 17.45 -65.25
C ILE F 24 -50.00 18.22 -64.08
N GLY F 25 -48.99 17.67 -63.42
CA GLY F 25 -48.43 18.40 -62.29
C GLY F 25 -47.30 17.74 -61.51
N GLU F 26 -46.29 18.44 -61.01
CA GLU F 26 -45.29 17.73 -60.22
C GLU F 26 -45.04 18.52 -58.94
N ILE F 27 -45.19 17.82 -57.80
CA ILE F 27 -45.13 18.42 -56.46
C ILE F 27 -44.18 17.65 -55.54
N PHE F 28 -43.60 18.37 -54.57
CA PHE F 28 -42.77 17.82 -53.49
C PHE F 28 -43.25 18.17 -52.08
N THR F 29 -43.06 17.22 -51.16
CA THR F 29 -43.33 17.47 -49.75
C THR F 29 -42.24 16.73 -48.97
N LYS F 30 -42.08 17.02 -47.68
CA LYS F 30 -41.09 16.24 -46.97
C LYS F 30 -41.57 14.80 -46.70
N GLY F 31 -40.62 13.96 -46.30
CA GLY F 31 -40.93 12.57 -46.04
C GLY F 31 -41.59 12.34 -44.68
N MET F 32 -42.57 11.44 -44.64
CA MET F 32 -43.31 11.01 -43.44
C MET F 32 -43.21 9.50 -43.32
N ASN F 33 -42.77 9.02 -42.19
CA ASN F 33 -42.79 7.59 -41.93
C ASN F 33 -43.30 7.53 -40.50
N PRO F 34 -44.43 6.85 -40.33
CA PRO F 34 -45.08 6.76 -39.03
C PRO F 34 -44.25 6.22 -37.91
N PHE F 35 -43.04 5.75 -38.14
CA PHE F 35 -42.23 5.36 -37.00
C PHE F 35 -41.39 6.51 -36.47
N PHE F 36 -41.41 7.66 -37.15
CA PHE F 36 -40.81 8.88 -36.62
C PHE F 36 -41.83 10.02 -36.54
N GLN F 37 -43.09 9.75 -36.85
CA GLN F 37 -44.15 10.76 -36.92
C GLN F 37 -45.44 10.06 -36.53
N THR F 38 -46.11 10.55 -35.50
CA THR F 38 -47.45 10.09 -35.14
C THR F 38 -48.52 10.51 -36.18
N PRO F 39 -49.69 9.82 -36.19
CA PRO F 39 -50.76 10.21 -37.13
C PRO F 39 -51.34 11.59 -36.93
N GLU F 40 -51.34 12.10 -35.69
CA GLU F 40 -51.74 13.50 -35.49
C GLU F 40 -50.77 14.39 -36.21
N GLU F 41 -49.47 14.23 -35.94
CA GLU F 41 -48.52 15.03 -36.68
C GLU F 41 -48.78 14.79 -38.16
N MET F 42 -48.95 13.50 -38.52
CA MET F 42 -49.23 13.12 -39.90
C MET F 42 -50.35 13.98 -40.46
N GLY F 43 -51.48 14.08 -39.75
CA GLY F 43 -52.60 14.82 -40.31
C GLY F 43 -52.34 16.32 -40.36
N ARG F 44 -51.74 16.88 -39.31
CA ARG F 44 -51.36 18.29 -39.22
C ARG F 44 -50.27 18.66 -40.19
N GLU F 45 -49.92 17.80 -41.15
CA GLU F 45 -49.00 18.17 -42.21
C GLU F 45 -49.50 18.15 -43.65
N ILE F 46 -50.19 17.10 -44.12
CA ILE F 46 -50.63 17.07 -45.52
C ILE F 46 -51.44 18.30 -45.94
N GLU F 47 -52.26 18.85 -45.04
CA GLU F 47 -53.02 20.04 -45.43
C GLU F 47 -52.13 21.25 -45.71
N ARG F 48 -51.29 21.59 -44.75
CA ARG F 48 -50.42 22.75 -44.78
C ARG F 48 -49.33 22.72 -45.84
N THR F 49 -49.01 21.58 -46.44
CA THR F 49 -47.84 21.65 -47.31
C THR F 49 -48.29 21.78 -48.77
N LEU F 50 -48.77 20.65 -49.29
CA LEU F 50 -49.04 20.35 -50.70
C LEU F 50 -50.42 20.84 -51.13
N LEU F 51 -51.44 20.58 -50.29
CA LEU F 51 -52.83 20.96 -50.55
C LEU F 51 -52.97 22.41 -51.02
N PRO F 52 -52.27 23.42 -50.49
CA PRO F 52 -52.53 24.78 -51.00
C PRO F 52 -52.33 24.80 -52.52
N GLN F 53 -51.42 23.96 -53.02
CA GLN F 53 -51.03 23.87 -54.43
C GLN F 53 -51.88 22.82 -55.16
N LEU F 54 -53.09 22.57 -54.66
CA LEU F 54 -54.08 21.61 -55.15
C LEU F 54 -55.38 22.29 -55.60
N ASN F 55 -55.60 22.28 -56.92
CA ASN F 55 -56.80 22.85 -57.53
C ASN F 55 -58.10 22.31 -56.91
N SER F 56 -58.17 21.00 -56.69
CA SER F 56 -59.31 20.32 -56.07
C SER F 56 -58.77 18.96 -55.68
N ASN F 57 -58.93 18.53 -54.42
CA ASN F 57 -58.27 17.25 -54.11
C ASN F 57 -59.10 16.02 -54.41
N ARG F 58 -60.26 16.15 -55.03
CA ARG F 58 -60.99 14.93 -55.29
C ARG F 58 -60.94 14.68 -56.79
N PHE F 59 -60.78 13.42 -57.16
CA PHE F 59 -60.71 12.99 -58.55
C PHE F 59 -61.31 11.61 -58.73
N CYS F 60 -60.42 10.59 -58.82
CA CYS F 60 -60.83 9.19 -58.86
CA CYS F 60 -60.83 9.19 -58.86
C CYS F 60 -59.91 8.29 -58.04
N GLU F 61 -58.59 8.50 -58.09
CA GLU F 61 -57.65 7.46 -57.67
C GLU F 61 -56.36 7.97 -57.00
N VAL F 62 -55.88 7.22 -55.97
CA VAL F 62 -54.68 7.57 -55.20
C VAL F 62 -53.77 6.38 -54.82
N HIS F 63 -52.46 6.49 -55.09
CA HIS F 63 -51.49 5.41 -54.82
C HIS F 63 -50.28 5.93 -54.04
N PHE F 64 -50.16 5.46 -52.79
CA PHE F 64 -49.15 5.89 -51.83
C PHE F 64 -48.25 4.71 -51.50
N PHE F 65 -46.95 4.88 -51.74
CA PHE F 65 -45.94 3.86 -51.43
C PHE F 65 -44.91 4.50 -50.53
N GLY F 66 -44.57 3.83 -49.44
CA GLY F 66 -43.69 4.49 -48.48
C GLY F 66 -42.99 3.53 -47.57
N ALA F 67 -41.88 4.00 -47.00
CA ALA F 67 -41.11 3.22 -46.06
C ALA F 67 -41.86 3.16 -44.75
N GLY F 68 -41.63 2.09 -44.00
CA GLY F 68 -42.40 1.83 -42.80
C GLY F 68 -43.79 1.33 -43.04
N CYS F 69 -44.18 1.12 -44.30
CA CYS F 69 -45.54 0.69 -44.62
C CYS F 69 -45.57 -0.84 -44.57
N ILE F 70 -45.17 -1.31 -43.40
CA ILE F 70 -45.17 -2.70 -42.99
C ILE F 70 -46.61 -3.12 -42.82
N PRO F 71 -46.94 -4.42 -42.88
CA PRO F 71 -48.34 -4.82 -42.77
C PRO F 71 -49.04 -4.27 -41.54
N GLU F 72 -48.32 -4.14 -40.43
CA GLU F 72 -48.89 -3.59 -39.21
C GLU F 72 -49.31 -2.13 -39.31
N LYS F 73 -48.72 -1.35 -40.22
CA LYS F 73 -49.04 0.05 -40.34
C LYS F 73 -49.82 0.50 -41.58
N VAL F 74 -50.14 -0.39 -42.53
CA VAL F 74 -50.88 0.09 -43.71
C VAL F 74 -52.25 0.68 -43.37
N PRO F 75 -53.10 0.07 -42.53
CA PRO F 75 -54.39 0.72 -42.25
C PRO F 75 -54.26 2.06 -41.54
N VAL F 76 -53.27 2.19 -40.66
CA VAL F 76 -53.05 3.44 -39.94
C VAL F 76 -52.93 4.62 -40.89
N VAL F 77 -52.01 4.52 -41.84
CA VAL F 77 -51.64 5.50 -42.87
C VAL F 77 -52.70 5.66 -43.97
N ARG F 78 -53.47 4.61 -44.24
CA ARG F 78 -54.48 4.55 -45.29
C ARG F 78 -55.65 5.52 -45.33
N ASN F 79 -56.63 5.39 -44.42
CA ASN F 79 -57.74 6.35 -44.34
C ASN F 79 -57.35 7.71 -43.78
N VAL F 80 -56.30 7.83 -42.98
CA VAL F 80 -55.89 9.18 -42.57
C VAL F 80 -55.66 10.06 -43.79
N LEU F 81 -54.99 9.57 -44.83
CA LEU F 81 -54.84 10.47 -45.97
C LEU F 81 -56.21 10.63 -46.63
N LYS F 82 -57.07 9.61 -46.49
CA LYS F 82 -58.43 9.69 -47.00
C LYS F 82 -59.21 10.72 -46.18
N GLY F 83 -58.94 10.80 -44.88
CA GLY F 83 -59.60 11.78 -44.05
C GLY F 83 -59.09 13.20 -44.19
N CYS F 84 -58.42 13.50 -45.32
CA CYS F 84 -57.90 14.84 -45.56
C CYS F 84 -57.93 15.11 -47.05
N LEU F 85 -58.25 14.09 -47.84
CA LEU F 85 -58.30 14.21 -49.28
C LEU F 85 -59.58 13.45 -49.55
N ASP F 86 -60.26 13.63 -50.66
CA ASP F 86 -61.40 12.75 -50.86
C ASP F 86 -61.48 12.16 -52.26
N VAL F 87 -61.21 10.88 -52.44
CA VAL F 87 -61.25 10.42 -53.81
C VAL F 87 -62.17 9.20 -53.91
N SER F 88 -62.24 8.60 -55.11
CA SER F 88 -63.23 7.55 -55.36
C SER F 88 -63.02 6.18 -54.70
N SER F 89 -62.79 5.12 -55.45
CA SER F 89 -62.57 3.82 -54.83
C SER F 89 -61.12 3.37 -54.82
N LEU F 90 -60.16 4.22 -54.48
CA LEU F 90 -58.82 3.67 -54.53
C LEU F 90 -58.09 4.21 -53.31
N ILE F 91 -57.22 3.36 -52.75
CA ILE F 91 -56.31 3.54 -51.61
C ILE F 91 -55.42 2.31 -51.55
N GLU F 92 -54.45 2.24 -52.44
CA GLU F 92 -53.40 1.26 -52.32
C GLU F 92 -52.31 1.91 -51.49
N VAL F 93 -51.81 1.19 -50.49
CA VAL F 93 -50.74 1.61 -49.61
C VAL F 93 -49.77 0.46 -49.54
N ASP F 94 -48.54 0.68 -49.97
CA ASP F 94 -47.53 -0.37 -49.94
C ASP F 94 -46.19 0.26 -49.62
N THR F 95 -45.14 -0.51 -49.87
CA THR F 95 -43.78 -0.17 -49.50
C THR F 95 -43.01 0.60 -50.57
N ASP F 96 -41.86 1.15 -50.15
CA ASP F 96 -41.03 1.87 -51.08
C ASP F 96 -40.51 0.90 -52.12
N MET F 97 -40.44 -0.37 -51.73
CA MET F 97 -40.04 -1.43 -52.63
C MET F 97 -40.99 -1.56 -53.82
N LEU F 98 -42.30 -1.50 -53.54
CA LEU F 98 -43.24 -1.65 -54.64
C LEU F 98 -43.19 -0.46 -55.60
N ALA F 99 -42.91 0.76 -55.12
CA ALA F 99 -42.73 1.82 -56.11
C ALA F 99 -41.51 1.52 -56.96
N ALA F 100 -40.41 1.17 -56.29
CA ALA F 100 -39.18 0.77 -56.99
C ALA F 100 -39.41 -0.41 -57.91
N ALA F 101 -40.18 -1.41 -57.47
CA ALA F 101 -40.37 -2.61 -58.30
C ALA F 101 -41.22 -2.34 -59.53
N LYS F 102 -42.33 -1.62 -59.36
CA LYS F 102 -43.17 -1.29 -60.51
C LYS F 102 -42.45 -0.41 -61.51
N ALA F 103 -41.60 0.49 -61.02
CA ALA F 103 -40.80 1.35 -61.89
C ALA F 103 -39.73 0.56 -62.64
N SER F 104 -38.97 -0.28 -61.91
CA SER F 104 -37.86 -0.98 -62.51
C SER F 104 -38.35 -2.07 -63.46
N CYS F 105 -39.27 -2.90 -63.01
CA CYS F 105 -39.68 -4.10 -63.71
C CYS F 105 -40.95 -3.89 -64.54
N GLY F 106 -41.75 -2.89 -64.22
CA GLY F 106 -42.97 -2.65 -64.96
C GLY F 106 -44.04 -3.71 -64.76
N ARG F 107 -44.43 -4.40 -65.83
CA ARG F 107 -45.46 -5.42 -65.74
C ARG F 107 -44.95 -6.86 -65.63
N SER F 108 -43.65 -7.09 -65.56
CA SER F 108 -43.13 -8.45 -65.52
C SER F 108 -41.74 -8.46 -64.86
N PRO F 109 -41.24 -9.63 -64.43
CA PRO F 109 -40.55 -9.76 -63.14
C PRO F 109 -39.04 -9.48 -63.14
N GLY F 110 -38.48 -9.46 -61.94
CA GLY F 110 -37.06 -9.24 -61.74
C GLY F 110 -36.77 -8.80 -60.31
N ILE F 111 -35.45 -8.65 -60.02
CA ILE F 111 -34.97 -8.20 -58.71
C ILE F 111 -34.87 -6.68 -58.69
N VAL F 112 -35.22 -6.12 -57.55
CA VAL F 112 -35.33 -4.69 -57.32
C VAL F 112 -34.72 -4.41 -55.96
N CYS F 113 -33.88 -3.36 -55.84
CA CYS F 113 -33.34 -3.06 -54.53
C CYS F 113 -33.50 -1.57 -54.22
N ILE F 114 -33.63 -1.29 -52.92
CA ILE F 114 -33.94 0.00 -52.33
C ILE F 114 -32.74 0.96 -52.24
N MET F 115 -32.22 1.16 -51.02
CA MET F 115 -31.07 1.94 -50.59
C MET F 115 -31.29 3.44 -50.67
N GLY F 116 -31.66 4.06 -49.55
CA GLY F 116 -31.81 5.51 -49.44
C GLY F 116 -31.37 5.80 -48.01
N THR F 117 -32.25 6.41 -47.20
CA THR F 117 -31.98 6.47 -45.76
C THR F 117 -31.79 5.08 -45.22
N GLY F 118 -32.72 4.19 -45.60
CA GLY F 118 -32.63 2.78 -45.30
C GLY F 118 -32.56 1.93 -46.57
N SER F 119 -32.38 0.65 -46.34
CA SER F 119 -32.26 -0.40 -47.36
C SER F 119 -33.37 -1.45 -47.25
N ASN F 120 -33.55 -2.18 -48.36
CA ASN F 120 -34.52 -3.25 -48.56
C ASN F 120 -34.24 -3.89 -49.91
N SER F 121 -34.70 -5.13 -50.07
CA SER F 121 -34.40 -5.93 -51.25
C SER F 121 -35.54 -6.89 -51.52
N CYS F 122 -35.74 -7.21 -52.81
CA CYS F 122 -36.91 -8.00 -53.18
C CYS F 122 -36.71 -8.60 -54.55
N PHE F 123 -37.56 -9.58 -54.84
CA PHE F 123 -37.84 -10.13 -56.15
C PHE F 123 -39.33 -9.88 -56.41
N TYR F 124 -39.66 -9.55 -57.64
CA TYR F 124 -40.97 -8.99 -57.97
C TYR F 124 -41.59 -9.81 -59.10
N ASP F 125 -42.90 -10.00 -59.01
CA ASP F 125 -43.65 -10.96 -59.81
C ASP F 125 -44.18 -10.40 -61.13
N GLY F 126 -43.96 -9.12 -61.40
CA GLY F 126 -44.82 -8.42 -62.32
C GLY F 126 -46.08 -7.89 -61.67
N GLU F 127 -46.31 -8.23 -60.39
CA GLU F 127 -47.48 -7.79 -59.64
C GLU F 127 -47.18 -7.46 -58.19
N LYS F 128 -46.19 -8.08 -57.54
CA LYS F 128 -46.12 -8.05 -56.09
C LYS F 128 -44.75 -8.56 -55.64
N ILE F 129 -44.38 -8.16 -54.43
CA ILE F 129 -43.11 -8.57 -53.83
C ILE F 129 -43.27 -10.01 -53.37
N ALA F 130 -42.44 -10.92 -53.91
CA ALA F 130 -42.64 -12.31 -53.53
C ALA F 130 -41.94 -12.60 -52.21
N ALA F 131 -40.67 -12.22 -52.10
CA ALA F 131 -39.85 -12.40 -50.92
C ALA F 131 -39.18 -11.07 -50.61
N ASN F 132 -38.79 -10.87 -49.34
CA ASN F 132 -38.25 -9.57 -48.94
C ASN F 132 -37.41 -9.77 -47.68
N VAL F 133 -36.30 -9.04 -47.61
CA VAL F 133 -35.46 -8.95 -46.41
C VAL F 133 -35.87 -7.74 -45.57
N SER F 134 -36.56 -8.02 -44.47
CA SER F 134 -37.00 -6.99 -43.52
C SER F 134 -35.83 -6.21 -42.92
N PRO F 135 -35.73 -4.91 -43.17
CA PRO F 135 -34.52 -4.16 -42.86
C PRO F 135 -34.31 -3.75 -41.40
N LEU F 136 -35.29 -3.98 -40.52
CA LEU F 136 -35.15 -3.73 -39.08
C LEU F 136 -35.00 -2.25 -38.76
N GLY F 137 -34.83 -1.40 -39.75
CA GLY F 137 -34.74 0.03 -39.54
C GLY F 137 -33.30 0.47 -39.53
N PHE F 138 -33.08 1.76 -39.24
CA PHE F 138 -31.73 2.28 -39.33
C PHE F 138 -30.98 2.10 -38.01
N ILE F 139 -31.54 1.31 -37.10
CA ILE F 139 -30.88 1.02 -35.83
C ILE F 139 -30.52 -0.45 -35.73
N LEU F 140 -31.26 -1.33 -36.40
CA LEU F 140 -31.03 -2.76 -36.32
C LEU F 140 -30.61 -3.30 -37.69
N GLY F 141 -30.58 -2.44 -38.70
CA GLY F 141 -30.19 -2.78 -40.05
C GLY F 141 -30.05 -1.56 -40.94
N ASP F 142 -30.75 -1.54 -42.08
CA ASP F 142 -30.71 -0.45 -43.05
C ASP F 142 -29.28 -0.19 -43.55
N GLU F 143 -28.45 -1.21 -43.43
CA GLU F 143 -27.02 -1.17 -43.76
C GLU F 143 -26.75 -0.66 -45.17
N GLY F 144 -25.75 0.21 -45.29
CA GLY F 144 -25.32 0.70 -46.60
C GLY F 144 -26.05 1.92 -47.08
N SER F 145 -26.92 2.49 -46.26
CA SER F 145 -27.78 3.60 -46.57
C SER F 145 -27.25 4.86 -45.89
N GLY F 146 -27.59 6.02 -46.44
CA GLY F 146 -27.02 7.27 -45.96
C GLY F 146 -27.07 7.44 -44.45
N ALA F 147 -28.19 7.06 -43.83
CA ALA F 147 -28.27 7.13 -42.38
C ALA F 147 -27.24 6.20 -41.75
N VAL F 148 -27.08 4.99 -42.30
CA VAL F 148 -26.10 4.05 -41.77
C VAL F 148 -24.69 4.50 -42.09
N LEU F 149 -24.46 4.98 -43.32
CA LEU F 149 -23.15 5.54 -43.70
C LEU F 149 -22.66 6.63 -42.76
N GLY F 150 -23.53 7.57 -42.41
CA GLY F 150 -23.12 8.66 -41.54
C GLY F 150 -22.78 8.25 -40.12
N LYS F 151 -23.56 7.35 -39.53
CA LYS F 151 -23.25 6.85 -38.19
C LYS F 151 -21.84 6.30 -38.05
N LEU F 152 -21.45 5.33 -38.88
CA LEU F 152 -20.05 4.89 -38.80
C LEU F 152 -19.13 6.09 -38.94
N LEU F 153 -19.36 6.91 -39.95
CA LEU F 153 -18.44 8.01 -40.22
C LEU F 153 -18.40 8.90 -38.97
N ILE F 154 -19.57 9.30 -38.41
CA ILE F 154 -19.56 10.07 -37.17
C ILE F 154 -18.81 9.29 -36.10
N GLY F 155 -19.15 8.00 -35.95
CA GLY F 155 -18.50 7.17 -34.96
C GLY F 155 -16.99 7.14 -35.13
N ASP F 156 -16.53 6.82 -36.34
CA ASP F 156 -15.08 6.70 -36.58
C ASP F 156 -14.37 8.01 -36.29
N LEU F 157 -14.84 9.10 -36.89
CA LEU F 157 -14.25 10.42 -36.68
C LEU F 157 -14.12 10.73 -35.19
N LEU F 158 -15.24 10.68 -34.48
CA LEU F 158 -15.36 11.08 -33.08
C LEU F 158 -14.74 10.11 -32.08
N LYS F 159 -14.34 8.92 -32.51
CA LYS F 159 -13.50 7.99 -31.75
C LYS F 159 -12.00 8.25 -31.93
N ASN F 160 -11.61 9.40 -32.48
CA ASN F 160 -10.19 9.77 -32.64
C ASN F 160 -9.45 8.79 -33.55
N GLN F 161 -10.15 8.26 -34.56
CA GLN F 161 -9.53 7.31 -35.47
C GLN F 161 -8.81 7.95 -36.66
N MET F 162 -8.96 9.26 -36.90
CA MET F 162 -8.26 9.93 -38.00
C MET F 162 -7.55 11.21 -37.61
N GLY F 163 -7.32 11.48 -36.32
CA GLY F 163 -6.60 12.70 -36.02
C GLY F 163 -7.52 13.87 -35.75
N GLU F 164 -6.88 15.04 -35.54
CA GLU F 164 -7.60 16.28 -35.34
C GLU F 164 -7.87 17.04 -36.63
N GLU F 165 -8.06 16.35 -37.76
CA GLU F 165 -8.24 17.03 -39.04
C GLU F 165 -9.55 16.63 -39.70
N LEU F 166 -9.81 15.33 -39.90
CA LEU F 166 -11.09 14.96 -40.49
C LEU F 166 -12.20 15.24 -39.49
N LYS F 167 -11.96 14.95 -38.21
CA LYS F 167 -12.92 15.25 -37.18
C LYS F 167 -13.25 16.74 -37.18
N GLU F 168 -12.20 17.58 -37.29
CA GLU F 168 -12.41 19.03 -37.26
C GLU F 168 -13.04 19.54 -38.55
N LYS F 169 -12.62 19.02 -39.71
CA LYS F 169 -13.22 19.42 -40.97
C LYS F 169 -14.72 19.10 -41.02
N PHE F 170 -15.10 17.96 -40.46
CA PHE F 170 -16.49 17.55 -40.39
C PHE F 170 -17.29 18.47 -39.49
N LEU F 171 -16.76 18.75 -38.31
CA LEU F 171 -17.51 19.45 -37.30
C LEU F 171 -17.80 20.92 -37.62
N ARG F 172 -16.96 21.65 -38.37
CA ARG F 172 -17.34 23.05 -38.69
C ARG F 172 -18.18 23.14 -39.99
N GLN F 173 -18.05 22.18 -40.93
CA GLN F 173 -18.71 22.23 -42.24
C GLN F 173 -20.23 22.11 -42.17
N TYR F 174 -20.75 21.41 -41.18
CA TYR F 174 -22.19 21.26 -40.96
C TYR F 174 -22.66 22.10 -39.79
N GLU F 175 -21.79 22.96 -39.26
CA GLU F 175 -22.06 23.86 -38.15
C GLU F 175 -22.68 23.11 -36.97
N LEU F 176 -21.87 22.18 -36.48
CA LEU F 176 -22.19 21.27 -35.41
C LEU F 176 -21.11 21.33 -34.33
N THR F 177 -21.50 21.30 -33.07
CA THR F 177 -20.61 21.04 -31.94
C THR F 177 -20.91 19.64 -31.41
N PRO F 178 -19.98 19.00 -30.63
CA PRO F 178 -20.31 17.70 -30.02
C PRO F 178 -21.70 17.59 -29.40
N ALA F 179 -22.15 18.63 -28.72
CA ALA F 179 -23.46 18.59 -28.10
C ALA F 179 -24.59 18.52 -29.13
N ASN F 180 -24.47 19.24 -30.24
CA ASN F 180 -25.49 19.20 -31.30
C ASN F 180 -25.81 17.80 -31.83
N ILE F 181 -24.81 16.97 -32.10
CA ILE F 181 -25.07 15.63 -32.66
C ILE F 181 -25.98 14.78 -31.78
N ILE F 182 -25.60 14.57 -30.52
CA ILE F 182 -26.33 13.60 -29.70
C ILE F 182 -27.75 14.06 -29.35
N GLU F 183 -27.97 15.36 -29.15
CA GLU F 183 -29.33 15.84 -28.88
C GLU F 183 -30.27 15.58 -30.06
N ARG F 184 -29.80 15.80 -31.29
CA ARG F 184 -30.64 15.62 -32.47
C ARG F 184 -31.02 14.17 -32.71
N VAL F 185 -30.13 13.25 -32.34
CA VAL F 185 -30.35 11.83 -32.62
C VAL F 185 -31.18 11.15 -31.53
N TYR F 186 -31.08 11.58 -30.27
CA TYR F 186 -31.72 10.84 -29.19
C TYR F 186 -33.02 11.46 -28.68
N ARG F 187 -33.25 12.76 -28.89
CA ARG F 187 -34.43 13.40 -28.35
C ARG F 187 -35.25 14.18 -29.38
N GLN F 188 -34.82 14.23 -30.63
CA GLN F 188 -35.49 15.04 -31.65
C GLN F 188 -36.04 14.19 -32.78
N PRO F 189 -37.19 14.58 -33.34
CA PRO F 189 -37.85 13.77 -34.37
C PRO F 189 -36.97 13.52 -35.58
N PHE F 190 -37.17 12.35 -36.19
CA PHE F 190 -36.42 11.90 -37.35
C PHE F 190 -34.91 12.03 -37.14
N PRO F 191 -34.33 11.30 -36.19
CA PRO F 191 -32.87 11.32 -36.02
C PRO F 191 -32.10 10.71 -37.17
N ASN F 192 -32.71 9.78 -37.93
CA ASN F 192 -32.06 9.21 -39.10
C ASN F 192 -31.71 10.26 -40.16
N ARG F 193 -32.59 11.25 -40.38
CA ARG F 193 -32.24 12.35 -41.28
C ARG F 193 -31.00 13.11 -40.86
N PHE F 194 -30.86 13.43 -39.56
CA PHE F 194 -29.67 14.18 -39.15
C PHE F 194 -28.39 13.47 -39.54
N LEU F 195 -28.28 12.18 -39.25
CA LEU F 195 -27.05 11.50 -39.60
C LEU F 195 -26.96 11.45 -41.13
N ALA F 196 -28.05 11.04 -41.77
CA ALA F 196 -28.12 10.98 -43.23
C ALA F 196 -27.97 12.36 -43.86
N GLY F 197 -28.31 13.43 -43.13
CA GLY F 197 -28.19 14.78 -43.67
C GLY F 197 -26.78 15.33 -43.58
N ILE F 198 -26.03 14.90 -42.56
CA ILE F 198 -24.61 15.23 -42.43
C ILE F 198 -23.77 14.27 -43.26
N SER F 199 -24.40 13.25 -43.82
CA SER F 199 -23.75 12.20 -44.59
C SER F 199 -23.12 12.59 -45.91
N PRO F 200 -23.54 13.64 -46.65
CA PRO F 200 -22.83 13.95 -47.89
C PRO F 200 -21.36 14.32 -47.68
N PHE F 201 -20.92 14.59 -46.44
CA PHE F 201 -19.49 14.70 -46.15
C PHE F 201 -18.70 13.48 -46.56
N LEU F 202 -19.30 12.30 -46.43
CA LEU F 202 -18.67 11.08 -46.88
C LEU F 202 -18.38 11.08 -48.38
N ALA F 203 -19.40 11.33 -49.20
CA ALA F 203 -19.24 11.45 -50.64
C ALA F 203 -18.25 12.54 -51.02
N GLU F 204 -18.24 13.63 -50.24
CA GLU F 204 -17.37 14.78 -50.54
C GLU F 204 -15.91 14.39 -50.47
N ASN F 205 -15.51 13.61 -49.46
CA ASN F 205 -14.12 13.17 -49.29
C ASN F 205 -13.93 11.67 -49.45
N ILE F 206 -14.48 11.09 -50.52
CA ILE F 206 -14.46 9.64 -50.75
C ILE F 206 -13.15 9.03 -51.26
N GLU F 207 -12.28 9.81 -51.91
CA GLU F 207 -11.01 9.32 -52.43
C GLU F 207 -9.98 8.88 -51.39
N HIS F 208 -10.07 9.32 -50.16
CA HIS F 208 -9.11 8.88 -49.15
C HIS F 208 -9.24 7.39 -48.85
N PRO F 209 -8.14 6.61 -48.85
CA PRO F 209 -8.25 5.15 -48.63
C PRO F 209 -8.84 4.70 -47.31
N ALA F 210 -8.50 5.36 -46.20
CA ALA F 210 -9.01 4.91 -44.90
C ALA F 210 -10.50 5.15 -44.85
N ILE F 211 -10.88 6.27 -45.43
CA ILE F 211 -12.24 6.78 -45.49
C ILE F 211 -13.05 5.99 -46.53
N HIS F 212 -12.45 5.78 -47.70
CA HIS F 212 -13.03 4.94 -48.76
C HIS F 212 -13.35 3.54 -48.27
N SER F 213 -12.50 2.97 -47.41
CA SER F 213 -12.74 1.60 -46.94
C SER F 213 -13.91 1.55 -45.96
N LEU F 214 -14.05 2.56 -45.11
CA LEU F 214 -15.21 2.65 -44.23
C LEU F 214 -16.52 2.65 -45.01
N VAL F 215 -16.60 3.49 -46.05
CA VAL F 215 -17.82 3.60 -46.86
C VAL F 215 -18.14 2.28 -47.55
N LEU F 216 -17.13 1.64 -48.14
CA LEU F 216 -17.32 0.39 -48.87
C LEU F 216 -17.77 -0.73 -47.95
N ASN F 217 -17.25 -0.76 -46.71
CA ASN F 217 -17.62 -1.82 -45.77
C ASN F 217 -19.08 -1.67 -45.37
N ALA F 218 -19.61 -0.45 -45.36
CA ALA F 218 -21.05 -0.33 -45.19
C ALA F 218 -21.74 -1.01 -46.37
N PHE F 219 -21.22 -0.75 -47.58
CA PHE F 219 -21.68 -1.43 -48.78
C PHE F 219 -21.52 -2.94 -48.64
N LYS F 220 -20.40 -3.37 -48.05
CA LYS F 220 -20.15 -4.79 -47.79
C LYS F 220 -21.30 -5.42 -47.01
N SER F 221 -21.63 -4.85 -45.85
CA SER F 221 -22.65 -5.41 -44.98
C SER F 221 -24.05 -5.52 -45.62
N PHE F 222 -24.45 -4.56 -46.46
CA PHE F 222 -25.79 -4.68 -47.06
C PHE F 222 -26.03 -5.90 -47.95
N LEU F 223 -25.27 -6.06 -49.05
CA LEU F 223 -25.52 -7.21 -49.92
C LEU F 223 -25.41 -8.56 -49.19
N THR F 224 -24.45 -8.73 -48.29
CA THR F 224 -24.27 -10.05 -47.67
C THR F 224 -25.54 -10.42 -46.90
N ARG F 225 -26.03 -9.53 -46.06
CA ARG F 225 -27.17 -9.79 -45.20
C ARG F 225 -28.51 -9.66 -45.94
N ASN F 226 -28.48 -9.19 -47.19
CA ASN F 226 -29.68 -8.91 -47.97
C ASN F 226 -29.70 -9.68 -49.30
N VAL F 227 -28.76 -9.43 -50.21
CA VAL F 227 -28.89 -9.99 -51.56
C VAL F 227 -28.70 -11.50 -51.65
N MET F 228 -27.94 -12.13 -50.74
CA MET F 228 -27.71 -13.55 -50.96
C MET F 228 -28.95 -14.45 -50.83
N GLN F 229 -30.03 -14.00 -50.22
CA GLN F 229 -31.20 -14.88 -50.08
C GLN F 229 -32.04 -15.01 -51.35
N PHE F 230 -31.63 -14.34 -52.42
CA PHE F 230 -32.18 -14.27 -53.79
C PHE F 230 -31.20 -14.73 -54.86
N ASP F 231 -31.70 -14.64 -56.09
CA ASP F 231 -31.00 -15.04 -57.30
C ASP F 231 -29.91 -14.09 -57.75
N TYR F 232 -28.73 -14.32 -57.18
CA TYR F 232 -27.61 -13.50 -57.53
C TYR F 232 -26.84 -14.15 -58.66
N THR F 233 -27.40 -15.21 -59.27
CA THR F 233 -26.72 -15.91 -60.34
C THR F 233 -27.30 -15.67 -61.72
N ARG F 234 -28.55 -15.18 -61.82
CA ARG F 234 -29.10 -14.80 -63.11
C ARG F 234 -29.87 -13.49 -63.09
N TYR F 235 -29.76 -12.67 -62.05
CA TYR F 235 -30.49 -11.42 -62.01
C TYR F 235 -29.59 -10.23 -61.77
N LYS F 236 -29.74 -9.23 -62.64
CA LYS F 236 -28.95 -8.01 -62.64
C LYS F 236 -29.73 -7.07 -61.73
N ALA F 237 -29.29 -6.96 -60.47
CA ALA F 237 -30.06 -6.20 -59.52
C ALA F 237 -30.29 -4.79 -60.03
N HIS F 238 -31.55 -4.53 -60.39
CA HIS F 238 -31.94 -3.18 -60.76
C HIS F 238 -31.96 -2.48 -59.43
N PHE F 239 -31.03 -1.56 -59.18
CA PHE F 239 -31.05 -0.98 -57.86
C PHE F 239 -31.79 0.32 -58.02
N ILE F 240 -32.80 0.54 -57.19
CA ILE F 240 -33.55 1.79 -57.35
C ILE F 240 -33.85 2.29 -55.94
N GLY F 241 -33.62 3.53 -55.71
CA GLY F 241 -33.93 3.98 -54.38
C GLY F 241 -32.70 4.84 -54.40
N SER F 242 -32.49 5.72 -53.42
CA SER F 242 -31.32 6.54 -53.66
C SER F 242 -30.00 5.82 -53.38
N VAL F 243 -29.19 6.03 -52.35
CA VAL F 243 -27.83 6.50 -52.66
C VAL F 243 -27.03 5.75 -53.73
N ALA F 244 -27.69 4.90 -54.53
CA ALA F 244 -27.10 4.09 -55.60
C ALA F 244 -26.63 4.89 -56.84
N TYR F 245 -27.17 6.09 -57.11
CA TYR F 245 -26.81 6.84 -58.34
C TYR F 245 -25.54 7.65 -58.15
N TYR F 246 -25.37 8.31 -57.01
CA TYR F 246 -24.22 9.17 -56.86
C TYR F 246 -23.05 8.27 -56.53
N TYR F 247 -23.37 7.05 -56.18
CA TYR F 247 -22.41 5.97 -56.02
C TYR F 247 -22.52 4.99 -57.19
N LYS F 248 -22.84 5.48 -58.40
CA LYS F 248 -22.99 4.56 -59.53
C LYS F 248 -21.75 3.68 -59.64
N ASP F 249 -20.59 4.30 -59.53
CA ASP F 249 -19.32 3.61 -59.72
C ASP F 249 -18.97 2.73 -58.53
N ILE F 250 -19.21 3.24 -57.32
CA ILE F 250 -18.93 2.57 -56.05
C ILE F 250 -19.80 1.33 -55.78
N LEU F 251 -21.03 1.29 -56.26
CA LEU F 251 -21.85 0.09 -56.09
C LEU F 251 -21.31 -1.10 -56.87
N GLU F 252 -20.83 -0.85 -58.10
CA GLU F 252 -20.25 -1.90 -58.93
C GLU F 252 -18.99 -2.52 -58.33
N GLU F 253 -18.17 -1.77 -57.60
CA GLU F 253 -17.05 -2.39 -56.90
C GLU F 253 -17.55 -3.51 -56.01
N ALA F 254 -18.44 -3.17 -55.06
CA ALA F 254 -18.92 -4.19 -54.13
C ALA F 254 -19.69 -5.26 -54.90
N ALA F 255 -20.24 -4.90 -56.06
CA ALA F 255 -20.96 -5.87 -56.89
C ALA F 255 -19.95 -6.77 -57.59
N ALA F 256 -18.90 -6.17 -58.17
CA ALA F 256 -17.81 -6.94 -58.77
C ALA F 256 -17.10 -7.72 -57.68
N ALA F 257 -17.11 -7.18 -56.45
CA ALA F 257 -16.55 -7.85 -55.30
C ALA F 257 -17.32 -9.13 -55.03
N THR F 258 -18.65 -9.04 -55.09
CA THR F 258 -19.52 -10.12 -54.69
C THR F 258 -20.00 -10.88 -55.93
N GLY F 259 -19.45 -10.54 -57.10
CA GLY F 259 -19.78 -11.26 -58.32
C GLY F 259 -21.16 -10.86 -58.76
N ILE F 260 -21.75 -9.95 -57.99
CA ILE F 260 -23.07 -9.41 -58.20
C ILE F 260 -23.12 -8.50 -59.42
N ARG F 261 -24.14 -8.70 -60.22
CA ARG F 261 -24.48 -7.93 -61.40
C ARG F 261 -25.41 -6.80 -60.97
N THR F 262 -25.53 -5.82 -61.83
CA THR F 262 -26.32 -4.65 -61.54
C THR F 262 -27.16 -4.42 -62.78
N GLY F 263 -28.30 -3.81 -62.54
CA GLY F 263 -29.28 -3.47 -63.55
C GLY F 263 -29.65 -2.05 -63.78
N THR F 264 -30.84 -1.68 -63.31
CA THR F 264 -31.23 -0.30 -63.48
C THR F 264 -30.85 0.57 -62.31
N ILE F 265 -30.30 1.76 -62.61
CA ILE F 265 -29.95 2.68 -61.55
C ILE F 265 -30.47 4.06 -61.88
N VAL F 266 -31.61 4.43 -61.34
CA VAL F 266 -32.13 5.80 -61.43
C VAL F 266 -32.31 6.11 -59.96
N ARG F 267 -32.35 7.37 -59.63
CA ARG F 267 -32.47 7.56 -58.18
C ARG F 267 -33.92 7.54 -57.72
N ASN F 268 -34.78 8.10 -58.55
CA ASN F 268 -36.15 8.16 -58.16
C ASN F 268 -36.94 7.51 -59.28
N PRO F 269 -37.91 6.68 -58.89
CA PRO F 269 -38.72 5.91 -59.83
C PRO F 269 -39.91 6.60 -60.48
N MET F 270 -40.22 7.87 -60.24
CA MET F 270 -41.52 8.39 -60.63
C MET F 270 -41.74 8.33 -62.13
N GLU F 271 -40.73 8.70 -62.93
CA GLU F 271 -40.93 8.67 -64.38
C GLU F 271 -41.03 7.24 -64.91
N GLY F 272 -40.39 6.27 -64.25
CA GLY F 272 -40.55 4.87 -64.61
C GLY F 272 -41.89 4.33 -64.15
N LEU F 273 -42.42 4.89 -63.06
CA LEU F 273 -43.73 4.54 -62.52
C LEU F 273 -44.84 4.99 -63.46
N ARG F 274 -44.73 6.20 -64.00
CA ARG F 274 -45.72 6.72 -64.93
C ARG F 274 -45.93 5.83 -66.14
N THR F 275 -44.91 5.10 -66.57
CA THR F 275 -45.09 4.18 -67.68
C THR F 275 -46.02 3.05 -67.27
N TYR F 276 -45.89 2.60 -66.02
CA TYR F 276 -46.73 1.53 -65.51
C TYR F 276 -48.19 1.97 -65.45
N TYR F 277 -48.44 3.21 -65.02
CA TYR F 277 -49.76 3.83 -64.86
C TYR F 277 -50.21 4.60 -66.11
N SER F 278 -50.03 3.98 -67.28
CA SER F 278 -50.55 4.50 -68.55
C SER F 278 -50.53 3.42 -69.62
C1 AMU G . 21.58 -9.12 -0.20
C2 AMU G . 20.75 -10.21 0.45
C3 AMU G . 20.83 -10.12 1.93
C4 AMU G . 22.25 -10.20 2.40
C5 AMU G . 23.10 -9.13 1.74
C6 AMU G . 24.54 -9.33 2.15
C7 AMU G . 18.88 -10.70 -1.24
C8 AMU G . 17.39 -10.58 -1.69
C9 AMU G . 19.13 -10.75 3.52
C10 AMU G . 18.15 -9.73 2.98
C11 AMU G . 18.34 -11.96 4.03
O1 AMU G . 21.56 -9.28 -1.55
O3 AMU G . 20.03 -11.19 2.52
O4 AMU G . 22.27 -10.04 3.82
O5 AMU G . 23.01 -9.15 0.28
O6 AMU G . 24.92 -10.66 1.87
O7 AMU G . 19.65 -11.29 -1.91
O10 AMU G . 17.66 -9.85 1.82
O11 AMU G . 17.82 -8.74 3.70
N2 AMU G . 19.31 -10.09 0.02
C1 AMU H . 16.27 -4.02 -23.90
C2 AMU H . 16.66 -5.12 -24.87
C3 AMU H . 16.80 -4.60 -26.26
C4 AMU H . 15.60 -3.85 -26.71
C5 AMU H . 15.22 -2.75 -25.71
C6 AMU H . 13.95 -2.07 -26.16
C7 AMU H . 17.98 -6.96 -23.63
C8 AMU H . 19.33 -7.59 -23.18
C9 AMU H . 18.13 -5.54 -28.06
C10 AMU H . 19.45 -5.60 -27.33
C11 AMU H . 18.09 -6.63 -29.14
O1 AMU H . 16.03 -4.57 -22.67
O3 AMU H . 17.05 -5.73 -27.16
O4 AMU H . 15.85 -3.25 -27.98
O5 AMU H . 15.05 -3.28 -24.36
O6 AMU H . 12.92 -3.04 -26.29
O7 AMU H . 16.97 -7.48 -23.35
O10 AMU H . 20.45 -4.97 -27.79
O11 AMU H . 19.57 -6.27 -26.27
N2 AMU H . 17.98 -5.72 -24.43
C1 AMU I . 5.69 1.50 33.99
C2 AMU I . 5.68 0.00 33.68
C3 AMU I . 5.83 -0.27 32.24
C4 AMU I . 4.81 0.48 31.44
C5 AMU I . 4.95 1.98 31.70
C6 AMU I . 3.93 2.74 30.87
C7 AMU I . 6.55 -1.57 35.54
C8 AMU I . 7.72 -2.25 36.32
C9 AMU I . 6.64 -2.25 31.10
C10 AMU I . 8.01 -2.35 31.74
C11 AMU I . 6.18 -3.64 30.66
O1 AMU I . 5.36 1.68 35.30
O3 AMU I . 5.69 -1.71 32.00
O4 AMU I . 4.99 0.22 30.04
O5 AMU I . 4.74 2.27 33.12
O6 AMU I . 2.64 2.44 31.32
O7 AMU I . 5.44 -1.80 35.85
O10 AMU I . 9.04 -2.35 31.02
O11 AMU I . 8.12 -2.44 33.00
N2 AMU I . 6.83 -0.66 34.43
C1 AMU J . 15.36 4.21 56.97
C2 AMU J . 14.38 3.91 58.09
C3 AMU J . 14.80 4.55 59.35
C4 AMU J . 16.19 4.17 59.74
C5 AMU J . 17.20 4.33 58.61
C6 AMU J . 18.48 3.63 59.02
C7 AMU J . 11.97 3.45 57.27
C8 AMU J . 10.56 3.96 56.86
C9 AMU J . 13.43 5.17 61.26
C10 AMU J . 12.36 6.00 60.57
C11 AMU J . 12.87 4.59 62.54
O1 AMU J . 14.97 3.55 55.84
O3 AMU J . 13.86 4.13 60.40
O4 AMU J . 16.61 4.98 60.85
O5 AMU J . 16.74 3.76 57.34
O6 AMU J . 18.29 2.23 58.96
O7 AMU J . 12.22 2.30 57.24
O10 AMU J . 11.64 5.48 59.66
O11 AMU J . 12.17 7.20 60.92
N2 AMU J . 13.01 4.41 57.69
#